data_7L90
#
_entry.id   7L90
#
loop_
_entity.id
_entity.type
_entity.pdbx_description
1 polymer 'BG505 SOSIP.v5.2 N241/N289 - gp120'
2 polymer 'BG505 SOSIP.v5.2 N241/N289 - gp41'
3 polymer 'Rh.33311 pAbC-8 - Heavy Chain'
4 polymer 'Rh.33311 pAbC-8 - Light Chain'
5 branched 2-acetamido-2-deoxy-beta-D-glucopyranose-(1-4)-2-acetamido-2-deoxy-beta-D-glucopyranose
6 branched alpha-D-mannopyranose-(1-3)-beta-D-mannopyranose-(1-4)-2-acetamido-2-deoxy-beta-D-glucopyranose-(1-4)-2-acetamido-2-deoxy-beta-D-glucopyranose
7 non-polymer 2-acetamido-2-deoxy-beta-D-glucopyranose
#
loop_
_entity_poly.entity_id
_entity_poly.type
_entity_poly.pdbx_seq_one_letter_code
_entity_poly.pdbx_strand_id
1 'polypeptide(L)'
;MKRGLCCVLLLCGAVFVSPSQEIHARFRRGARAENLWVTVYYGVPVWKDAETTLFCASDAKAYETKKHNVWATHCCVPTD
PNPQEIHLENVTEEFNMWKNNMVEQMHTDIISLWDQSLKPCVKLTPLCVTLQCTNVTNNITDDMRGELKNCSFNMTTELR
DKKQKVYSLFYRLDVVQINENQGNRSNNSNKEYRLINCNTSAITQACPKVSFEPIPIHYCAPAGFAILKCKDKKFNGTGP
CTNVSTVQCTHGIKPVVSTQLLLNGSLAEEEVIIRSENITNNAKNILVQLNESVQINCTRPNNNTRKSIRIGPGQWFYAT
GDIIGDIRQAHCNVSKATWNETLGKVVKQLRKHFGNNTIIRFANSSGGDLEVTTHSFNCGGEFFYCNTSGLFNSTWISNT
SVQGSNSTGSNDSITLPCRIKQIINMWQRIGQAMYAPPIQGVIRCVSNITGLILTRDGGSTNSTTETFRPGGGDMRDNWR
SELYKYKVVKIEPLGVAPTRCKR
;
A,C,E
2 'polypeptide(L)'
;LGFLGAAGSTMGAASMTLTVQARNLLSGIVQQQSNLLRAPECQQHLLKLTVWGIKQLQARVLAVERYLRDQQLLGIWGCS
GKLICCTNVPWNSTWSNRNLSEIWDNMTWLQWDKEISNYTQIIYGLLEESQNQQEKNEQDLLALD
;
B,D,F
3 'polypeptide(L)'
;(UNK)(UNK)(UNK)(UNK)(UNK)(UNK)(UNK)(UNK)(UNK)(UNK)(UNK)(UNK)(UNK)(UNK)(UNK)(UNK)
(UNK)(UNK)(UNK)(UNK)(UNK)(UNK)(UNK)(UNK)(UNK)(UNK)(UNK)(UNK)(UNK)(UNK)(UNK)(UNK)
(UNK)(UNK)(UNK)(UNK)(UNK)(UNK)(UNK)(UNK)(UNK)(UNK)(UNK)(UNK)(UNK)(UNK)(UNK)(UNK)
(UNK)(UNK)(UNK)(UNK)(UNK)(UNK)(UNK)(UNK)(UNK)(UNK)(UNK)(UNK)(UNK)(UNK)(UNK)(UNK)
(UNK)(UNK)(UNK)(UNK)(UNK)(UNK)(UNK)(UNK)(UNK)(UNK)(UNK)(UNK)(UNK)(UNK)(UNK)(UNK)
(UNK)(UNK)(UNK)(UNK)(UNK)(UNK)(UNK)(UNK)(UNK)(UNK)(UNK)(UNK)(UNK)(UNK)(UNK)(UNK)
(UNK)(UNK)(UNK)(UNK)(UNK)(UNK)(UNK)(UNK)(UNK)(UNK)(UNK)(UNK)
;
H
4 'polypeptide(L)'
;(UNK)(UNK)(UNK)(UNK)(UNK)(UNK)(UNK)(UNK)(UNK)(UNK)(UNK)(UNK)(UNK)(UNK)(UNK)(UNK)
(UNK)(UNK)(UNK)(UNK)(UNK)(UNK)(UNK)(UNK)(UNK)(UNK)(UNK)(UNK)(UNK)(UNK)(UNK)(UNK)
(UNK)(UNK)(UNK)(UNK)(UNK)(UNK)(UNK)(UNK)(UNK)(UNK)(UNK)(UNK)(UNK)(UNK)(UNK)(UNK)
(UNK)(UNK)(UNK)(UNK)(UNK)(UNK)(UNK)(UNK)(UNK)(UNK)(UNK)(UNK)(UNK)(UNK)(UNK)(UNK)
(UNK)(UNK)(UNK)(UNK)(UNK)(UNK)(UNK)(UNK)(UNK)(UNK)(UNK)(UNK)(UNK)(UNK)(UNK)(UNK)
(UNK)(UNK)(UNK)(UNK)(UNK)(UNK)(UNK)(UNK)(UNK)(UNK)(UNK)(UNK)(UNK)
;
L
#
loop_
_chem_comp.id
_chem_comp.type
_chem_comp.name
_chem_comp.formula
BMA D-saccharide, beta linking beta-D-mannopyranose 'C6 H12 O6'
MAN D-saccharide, alpha linking alpha-D-mannopyranose 'C6 H12 O6'
NAG D-saccharide, beta linking 2-acetamido-2-deoxy-beta-D-glucopyranose 'C8 H15 N O6'
#
# COMPACT_ATOMS: atom_id res chain seq x y z
N ALA A 33 2.94 33.81 -37.42
CA ALA A 33 4.01 33.04 -36.77
C ALA A 33 4.73 33.86 -35.67
N GLU A 34 5.06 35.14 -35.97
CA GLU A 34 5.79 36.09 -35.13
C GLU A 34 5.03 36.46 -33.87
N ASN A 35 3.73 36.24 -33.91
CA ASN A 35 2.85 36.53 -32.80
C ASN A 35 2.39 35.28 -32.07
N LEU A 36 3.08 34.15 -32.24
CA LEU A 36 2.63 32.98 -31.50
C LEU A 36 3.34 32.81 -30.19
N TRP A 37 2.55 32.44 -29.21
CA TRP A 37 2.92 32.24 -27.83
C TRP A 37 2.56 30.86 -27.34
N VAL A 38 3.26 30.41 -26.33
CA VAL A 38 2.92 29.15 -25.71
C VAL A 38 1.66 29.27 -24.85
N THR A 39 0.76 28.30 -25.01
CA THR A 39 -0.39 28.19 -24.13
C THR A 39 -0.44 26.76 -23.62
N VAL A 40 -0.83 26.62 -22.37
CA VAL A 40 -0.92 25.30 -21.75
C VAL A 40 -2.31 25.04 -21.22
N TYR A 41 -2.74 23.79 -21.39
CA TYR A 41 -4.10 23.35 -21.02
C TYR A 41 -4.03 22.25 -19.98
N TYR A 42 -5.03 22.26 -19.10
CA TYR A 42 -5.17 21.19 -18.11
C TYR A 42 -6.53 20.53 -18.03
N GLY A 43 -6.53 19.20 -18.11
CA GLY A 43 -7.74 18.38 -18.06
C GLY A 43 -8.11 17.94 -19.47
N VAL A 44 -7.15 17.96 -20.38
CA VAL A 44 -7.37 17.61 -21.76
C VAL A 44 -7.68 16.11 -21.90
N PRO A 45 -8.78 15.71 -22.56
CA PRO A 45 -9.26 14.34 -22.69
C PRO A 45 -8.51 13.48 -23.68
N VAL A 46 -7.24 13.25 -23.40
CA VAL A 46 -6.38 12.42 -24.23
C VAL A 46 -5.63 11.37 -23.44
N TRP A 47 -5.11 10.36 -24.11
CA TRP A 47 -4.43 9.27 -23.45
C TRP A 47 -3.37 8.51 -24.21
N LYS A 48 -2.60 7.76 -23.44
CA LYS A 48 -1.58 6.87 -23.92
C LYS A 48 -1.77 5.48 -23.33
N ASP A 49 -1.33 4.46 -24.03
CA ASP A 49 -1.44 3.10 -23.54
C ASP A 49 -0.69 2.96 -22.24
N ALA A 50 -1.28 2.27 -21.26
CA ALA A 50 -0.58 2.14 -19.99
C ALA A 50 -1.01 0.93 -19.19
N GLU A 51 -0.16 0.50 -18.27
CA GLU A 51 -0.53 -0.60 -17.40
C GLU A 51 -0.75 -0.12 -15.97
N THR A 52 -1.76 -0.68 -15.35
CA THR A 52 -2.13 -0.44 -13.96
C THR A 52 -2.98 -1.58 -13.50
N THR A 53 -3.07 -1.80 -12.20
CA THR A 53 -3.94 -2.85 -11.73
C THR A 53 -5.39 -2.44 -11.75
N LEU A 54 -6.28 -3.41 -11.85
CA LEU A 54 -7.72 -3.15 -11.80
C LEU A 54 -8.38 -3.68 -10.53
N PHE A 55 -9.48 -3.05 -10.16
CA PHE A 55 -10.25 -3.45 -8.99
C PHE A 55 -11.30 -4.49 -9.38
N CYS A 56 -11.57 -5.48 -8.49
CA CYS A 56 -12.56 -6.53 -8.72
C CYS A 56 -13.93 -6.16 -8.11
N ALA A 57 -14.96 -6.09 -8.94
CA ALA A 57 -16.29 -5.78 -8.45
C ALA A 57 -17.30 -6.91 -8.73
N SER A 58 -18.27 -7.08 -7.81
CA SER A 58 -19.30 -8.14 -7.93
C SER A 58 -20.72 -7.73 -7.52
N ASP A 59 -21.60 -8.72 -7.38
CA ASP A 59 -22.98 -8.46 -6.89
C ASP A 59 -23.39 -9.52 -5.86
N ALA A 60 -24.70 -9.68 -5.64
CA ALA A 60 -25.20 -10.66 -4.64
C ALA A 60 -24.62 -10.36 -3.26
N HIS A 68 -18.35 -17.60 2.59
CA HIS A 68 -18.66 -18.93 2.06
C HIS A 68 -18.32 -19.14 0.55
N ASN A 69 -17.99 -18.06 -0.18
CA ASN A 69 -17.61 -18.02 -1.60
C ASN A 69 -16.37 -17.15 -1.72
N VAL A 70 -15.33 -17.73 -2.29
CA VAL A 70 -14.02 -17.08 -2.33
C VAL A 70 -14.02 -15.80 -3.10
N TRP A 71 -14.63 -15.83 -4.26
CA TRP A 71 -14.65 -14.69 -5.12
C TRP A 71 -15.59 -13.65 -4.56
N ALA A 72 -16.65 -14.09 -3.91
CA ALA A 72 -17.56 -13.13 -3.33
C ALA A 72 -16.91 -12.38 -2.18
N THR A 73 -16.07 -13.08 -1.42
CA THR A 73 -15.40 -12.44 -0.30
C THR A 73 -14.35 -11.50 -0.81
N HIS A 74 -13.61 -11.93 -1.84
CA HIS A 74 -12.51 -11.12 -2.42
C HIS A 74 -13.05 -9.81 -3.02
N CYS A 75 -14.06 -9.93 -3.89
CA CYS A 75 -14.57 -8.87 -4.75
C CYS A 75 -15.69 -8.16 -4.02
N CYS A 76 -15.26 -7.52 -2.93
CA CYS A 76 -16.09 -6.80 -1.97
C CYS A 76 -16.79 -5.64 -2.65
N VAL A 77 -16.07 -4.95 -3.50
CA VAL A 77 -16.63 -3.77 -4.12
C VAL A 77 -17.81 -4.17 -4.99
N PRO A 78 -18.97 -3.56 -4.82
CA PRO A 78 -20.15 -3.82 -5.61
C PRO A 78 -19.96 -3.21 -6.97
N THR A 79 -20.63 -3.75 -7.96
CA THR A 79 -20.63 -3.16 -9.27
C THR A 79 -21.53 -1.95 -9.33
N ASP A 80 -21.32 -1.17 -10.37
CA ASP A 80 -22.14 -0.02 -10.71
C ASP A 80 -23.37 -0.52 -11.47
N PRO A 81 -24.61 -0.37 -10.97
CA PRO A 81 -25.82 -0.78 -11.65
C PRO A 81 -26.02 -0.06 -12.98
N ASN A 82 -25.37 1.10 -13.16
CA ASN A 82 -25.51 1.87 -14.39
C ASN A 82 -24.19 2.41 -14.92
N PRO A 83 -23.33 1.58 -15.54
CA PRO A 83 -22.05 1.97 -16.11
C PRO A 83 -22.36 2.96 -17.19
N GLN A 84 -21.49 3.92 -17.44
CA GLN A 84 -21.76 4.90 -18.46
C GLN A 84 -20.88 4.77 -19.67
N GLU A 85 -21.43 4.26 -20.74
CA GLU A 85 -20.63 4.05 -21.92
C GLU A 85 -20.61 5.30 -22.77
N ILE A 86 -19.43 5.77 -23.08
CA ILE A 86 -19.30 6.97 -23.88
C ILE A 86 -18.87 6.65 -25.28
N HIS A 87 -19.71 6.94 -26.25
CA HIS A 87 -19.26 6.67 -27.60
C HIS A 87 -18.33 7.78 -28.01
N LEU A 88 -17.22 7.45 -28.64
CA LEU A 88 -16.35 8.49 -29.13
C LEU A 88 -16.38 8.50 -30.64
N GLU A 89 -17.01 9.50 -31.23
CA GLU A 89 -17.18 9.48 -32.69
C GLU A 89 -15.91 9.64 -33.52
N ASN A 90 -14.97 10.50 -33.15
CA ASN A 90 -13.90 10.75 -34.16
C ASN A 90 -12.66 9.86 -33.95
N VAL A 91 -12.83 8.73 -33.29
CA VAL A 91 -11.83 7.77 -32.82
C VAL A 91 -11.70 6.54 -33.64
N THR A 92 -10.46 6.24 -33.97
CA THR A 92 -10.10 4.99 -34.58
C THR A 92 -9.00 4.57 -33.67
N GLU A 93 -9.03 3.35 -33.18
CA GLU A 93 -7.98 2.98 -32.25
C GLU A 93 -7.57 1.56 -32.37
N GLU A 94 -6.27 1.34 -32.26
CA GLU A 94 -5.78 0.00 -32.37
C GLU A 94 -5.77 -0.76 -31.07
N PHE A 95 -6.43 -1.89 -31.14
CA PHE A 95 -6.57 -2.85 -30.06
C PHE A 95 -5.68 -4.03 -30.39
N ASN A 96 -5.10 -4.60 -29.33
CA ASN A 96 -4.28 -5.83 -29.43
C ASN A 96 -4.63 -6.73 -28.24
N MET A 97 -5.60 -7.62 -28.41
CA MET A 97 -6.05 -8.51 -27.31
C MET A 97 -4.87 -9.40 -26.90
N TRP A 98 -3.99 -9.71 -27.86
CA TRP A 98 -2.84 -10.62 -27.63
C TRP A 98 -1.78 -9.93 -26.75
N LYS A 99 -1.73 -8.59 -26.80
CA LYS A 99 -0.86 -7.82 -25.87
C LYS A 99 -1.71 -7.10 -24.81
N ASN A 100 -2.86 -7.67 -24.43
CA ASN A 100 -3.73 -7.13 -23.44
C ASN A 100 -3.35 -7.53 -22.02
N ASN A 101 -2.86 -6.57 -21.26
CA ASN A 101 -2.35 -6.72 -19.90
C ASN A 101 -3.41 -7.17 -18.93
N MET A 102 -4.65 -6.96 -19.29
CA MET A 102 -5.76 -7.30 -18.43
C MET A 102 -5.80 -8.80 -18.21
N VAL A 103 -5.28 -9.55 -19.19
CA VAL A 103 -5.29 -10.98 -19.15
C VAL A 103 -4.30 -11.44 -18.12
N GLU A 104 -3.16 -10.77 -18.09
CA GLU A 104 -2.09 -11.16 -17.20
C GLU A 104 -2.54 -10.95 -15.79
N GLN A 105 -3.28 -9.87 -15.56
CA GLN A 105 -3.74 -9.66 -14.22
C GLN A 105 -4.80 -10.64 -13.85
N MET A 106 -5.76 -10.90 -14.74
CA MET A 106 -6.81 -11.80 -14.35
C MET A 106 -6.23 -13.13 -14.01
N HIS A 107 -5.30 -13.62 -14.83
CA HIS A 107 -4.68 -14.92 -14.53
C HIS A 107 -3.99 -14.85 -13.17
N THR A 108 -3.09 -13.88 -12.98
CA THR A 108 -2.32 -13.90 -11.76
C THR A 108 -3.22 -13.88 -10.55
N ASP A 109 -4.23 -13.05 -10.59
CA ASP A 109 -5.12 -12.92 -9.46
C ASP A 109 -5.91 -14.17 -9.19
N ILE A 110 -6.35 -14.87 -10.22
CA ILE A 110 -7.08 -16.10 -9.98
C ILE A 110 -6.20 -17.14 -9.33
N ILE A 111 -4.96 -17.30 -9.81
CA ILE A 111 -4.10 -18.35 -9.17
C ILE A 111 -3.82 -17.94 -7.73
N SER A 112 -3.68 -16.64 -7.46
CA SER A 112 -3.44 -16.22 -6.10
C SER A 112 -4.64 -16.51 -5.21
N LEU A 113 -5.85 -16.23 -5.68
CA LEU A 113 -7.01 -16.50 -4.84
C LEU A 113 -7.18 -17.98 -4.59
N TRP A 114 -6.86 -18.78 -5.60
CA TRP A 114 -6.92 -20.25 -5.44
C TRP A 114 -6.05 -20.65 -4.25
N ASP A 115 -4.83 -20.12 -4.18
CA ASP A 115 -3.96 -20.50 -3.09
C ASP A 115 -4.45 -19.94 -1.79
N GLN A 116 -4.96 -18.72 -1.81
CA GLN A 116 -5.40 -18.10 -0.58
C GLN A 116 -6.50 -18.88 0.07
N SER A 117 -7.37 -19.48 -0.73
CA SER A 117 -8.46 -20.23 -0.17
C SER A 117 -8.01 -21.58 0.36
N LEU A 118 -6.90 -22.11 -0.14
CA LEU A 118 -6.44 -23.41 0.32
C LEU A 118 -5.50 -23.30 1.51
N LYS A 119 -4.83 -22.15 1.65
CA LYS A 119 -3.88 -21.94 2.74
C LYS A 119 -4.33 -22.40 4.13
N PRO A 120 -5.54 -22.06 4.64
CA PRO A 120 -5.99 -22.41 5.97
C PRO A 120 -6.62 -23.79 6.19
N CYS A 121 -6.62 -24.68 5.16
CA CYS A 121 -7.31 -25.96 5.20
C CYS A 121 -6.39 -27.06 5.73
N VAL A 122 -7.00 -28.17 6.14
CA VAL A 122 -6.29 -29.30 6.70
C VAL A 122 -5.36 -29.95 5.68
N LYS A 123 -4.12 -30.17 6.10
CA LYS A 123 -3.07 -30.77 5.29
C LYS A 123 -3.28 -32.26 5.28
N LEU A 124 -2.97 -32.92 4.19
CA LEU A 124 -3.17 -34.35 4.15
C LEU A 124 -1.94 -35.22 4.15
N THR A 125 -0.81 -34.67 4.55
CA THR A 125 0.44 -35.44 4.60
C THR A 125 0.30 -36.84 5.24
N PRO A 126 -0.41 -37.04 6.37
CA PRO A 126 -0.56 -38.31 7.03
C PRO A 126 -1.12 -39.42 6.13
N LEU A 127 -1.73 -39.09 5.00
CA LEU A 127 -2.25 -40.11 4.10
C LEU A 127 -1.21 -40.73 3.14
N CYS A 128 0.08 -40.27 3.15
CA CYS A 128 1.16 -40.81 2.34
C CYS A 128 1.76 -42.02 3.02
N VAL A 129 0.94 -43.05 3.04
CA VAL A 129 1.17 -44.34 3.67
C VAL A 129 0.92 -45.44 2.70
N THR A 130 1.34 -46.65 3.02
CA THR A 130 1.01 -47.73 2.11
C THR A 130 -0.48 -47.92 2.19
N LEU A 131 -1.10 -47.97 1.04
CA LEU A 131 -2.51 -48.15 0.94
C LEU A 131 -2.77 -49.58 0.48
N GLN A 132 -3.69 -50.28 1.15
CA GLN A 132 -4.02 -51.66 0.77
C GLN A 132 -5.34 -51.69 0.00
N CYS A 133 -5.31 -52.04 -1.31
CA CYS A 133 -6.47 -51.95 -2.21
C CYS A 133 -6.90 -53.28 -2.82
N THR A 134 -8.21 -53.36 -3.02
CA THR A 134 -8.87 -54.42 -3.75
C THR A 134 -9.85 -53.73 -4.74
N ASN A 135 -10.37 -54.49 -5.73
CA ASN A 135 -11.36 -54.02 -6.71
C ASN A 135 -12.74 -53.89 -6.09
N VAL A 136 -13.55 -52.88 -6.53
CA VAL A 136 -14.96 -52.80 -6.16
C VAL A 136 -15.75 -53.52 -7.22
N THR A 137 -16.29 -54.66 -6.82
CA THR A 137 -17.06 -55.50 -7.71
C THR A 137 -18.49 -55.53 -7.17
N ASN A 138 -18.65 -54.83 -6.07
CA ASN A 138 -19.90 -54.75 -5.35
C ASN A 138 -20.79 -53.85 -6.18
N ASN A 139 -21.85 -54.46 -6.76
CA ASN A 139 -22.79 -53.85 -7.71
C ASN A 139 -22.07 -53.29 -8.96
N ILE A 140 -21.12 -54.10 -9.50
CA ILE A 140 -20.29 -53.82 -10.68
C ILE A 140 -21.11 -53.55 -11.93
N THR A 141 -20.69 -52.49 -12.61
CA THR A 141 -21.32 -51.95 -13.80
C THR A 141 -20.87 -52.57 -15.10
N ASP A 142 -19.60 -52.93 -15.14
CA ASP A 142 -18.89 -53.37 -16.33
C ASP A 142 -18.81 -52.28 -17.45
N ASP A 143 -18.57 -50.99 -17.07
CA ASP A 143 -18.39 -49.82 -17.94
C ASP A 143 -16.91 -49.46 -17.97
N GLY A 146 -12.28 -51.66 -13.65
CA GLY A 146 -11.11 -51.28 -12.87
C GLY A 146 -11.05 -49.81 -12.40
N GLU A 147 -12.04 -48.97 -12.73
CA GLU A 147 -11.97 -47.56 -12.31
C GLU A 147 -12.07 -47.30 -10.82
N LEU A 148 -12.85 -48.09 -10.10
CA LEU A 148 -13.06 -47.83 -8.68
C LEU A 148 -12.45 -48.91 -7.77
N LYS A 149 -11.71 -48.45 -6.76
CA LYS A 149 -11.06 -49.30 -5.77
C LYS A 149 -11.56 -49.07 -4.34
N ASN A 150 -11.47 -50.13 -3.52
CA ASN A 150 -11.77 -50.15 -2.09
C ASN A 150 -10.44 -50.32 -1.35
N CYS A 151 -9.97 -49.24 -0.66
CA CYS A 151 -8.65 -49.21 -0.06
C CYS A 151 -8.68 -48.92 1.43
N SER A 152 -7.66 -49.40 2.13
CA SER A 152 -7.53 -49.17 3.56
C SER A 152 -6.15 -48.75 4.00
N PHE A 153 -6.11 -48.07 5.13
CA PHE A 153 -4.88 -47.56 5.73
C PHE A 153 -5.00 -47.40 7.24
N ASN A 154 -3.84 -47.30 7.95
CA ASN A 154 -3.76 -47.10 9.41
C ASN A 154 -3.51 -45.62 9.75
N MET A 155 -4.53 -44.89 10.25
CA MET A 155 -4.48 -43.45 10.57
C MET A 155 -4.40 -43.16 12.06
N THR A 156 -3.51 -42.25 12.43
CA THR A 156 -3.29 -41.87 13.81
C THR A 156 -4.60 -41.33 14.39
N THR A 157 -4.94 -41.77 15.59
CA THR A 157 -6.16 -41.35 16.26
C THR A 157 -5.82 -40.07 17.00
N GLU A 158 -6.73 -39.59 17.84
CA GLU A 158 -6.41 -38.33 18.49
C GLU A 158 -5.14 -38.46 19.35
N LEU A 159 -4.81 -39.67 19.83
CA LEU A 159 -3.58 -39.79 20.59
C LEU A 159 -2.50 -40.29 19.67
N ARG A 160 -1.28 -39.89 19.97
CA ARG A 160 -0.13 -40.26 19.16
C ARG A 160 0.26 -41.71 19.32
N ASP A 161 -0.31 -42.36 20.32
CA ASP A 161 -0.03 -43.74 20.64
C ASP A 161 -0.85 -44.76 19.87
N LYS A 162 -1.85 -44.34 19.11
CA LYS A 162 -2.66 -45.33 18.43
C LYS A 162 -2.99 -44.96 17.01
N LYS A 163 -3.13 -45.96 16.16
CA LYS A 163 -3.62 -45.73 14.82
C LYS A 163 -4.71 -46.74 14.51
N GLN A 164 -5.71 -46.28 13.80
CA GLN A 164 -6.88 -47.04 13.44
C GLN A 164 -6.97 -47.40 11.97
N LYS A 165 -7.21 -48.67 11.69
CA LYS A 165 -7.39 -49.05 10.32
C LYS A 165 -8.77 -48.59 9.84
N VAL A 166 -8.77 -47.85 8.76
CA VAL A 166 -9.97 -47.30 8.16
C VAL A 166 -9.99 -47.57 6.67
N TYR A 167 -11.15 -47.43 6.04
CA TYR A 167 -11.20 -47.59 4.59
C TYR A 167 -12.12 -46.59 3.91
N SER A 168 -11.83 -46.36 2.63
CA SER A 168 -12.57 -45.45 1.75
C SER A 168 -12.44 -45.85 0.29
N LEU A 169 -13.22 -45.23 -0.58
CA LEU A 169 -13.11 -45.58 -1.98
C LEU A 169 -12.32 -44.56 -2.76
N PHE A 170 -11.61 -45.08 -3.76
CA PHE A 170 -10.74 -44.30 -4.62
C PHE A 170 -10.88 -44.53 -6.11
N TYR A 171 -10.58 -43.50 -6.88
CA TYR A 171 -10.54 -43.67 -8.31
C TYR A 171 -9.13 -43.99 -8.74
N ARG A 172 -9.01 -44.80 -9.78
CA ARG A 172 -7.67 -45.21 -10.22
C ARG A 172 -6.81 -44.07 -10.67
N LEU A 173 -7.39 -42.96 -11.08
CA LEU A 173 -6.61 -41.86 -11.57
C LEU A 173 -5.84 -41.14 -10.47
N ASP A 174 -6.17 -41.44 -9.21
CA ASP A 174 -5.52 -40.86 -8.07
C ASP A 174 -4.58 -41.84 -7.35
N VAL A 175 -4.56 -43.11 -7.79
CA VAL A 175 -3.82 -44.14 -7.07
C VAL A 175 -2.83 -44.92 -7.95
N VAL A 176 -1.60 -45.06 -7.48
CA VAL A 176 -0.58 -45.76 -8.24
C VAL A 176 0.00 -46.97 -7.53
N GLN A 177 0.16 -48.04 -8.27
CA GLN A 177 0.70 -49.28 -7.74
C GLN A 177 2.14 -49.21 -7.32
N ILE A 178 2.41 -49.84 -6.20
CA ILE A 178 3.76 -50.00 -5.71
C ILE A 178 4.12 -51.38 -6.22
N ASN A 179 5.20 -51.53 -7.04
CA ASN A 179 5.64 -52.77 -7.72
C ASN A 179 5.13 -54.10 -7.08
N LYS A 191 -1.67 -55.77 -4.00
CA LYS A 191 -2.60 -54.91 -3.23
C LYS A 191 -1.95 -53.64 -2.70
N GLU A 192 -0.65 -53.47 -2.91
CA GLU A 192 0.05 -52.30 -2.37
C GLU A 192 0.07 -51.13 -3.35
N TYR A 193 -0.51 -50.02 -2.90
CA TYR A 193 -0.68 -48.78 -3.65
C TYR A 193 -0.31 -47.56 -2.83
N ARG A 194 -0.05 -46.47 -3.51
CA ARG A 194 0.18 -45.19 -2.87
C ARG A 194 -0.59 -44.13 -3.60
N LEU A 195 -0.81 -43.00 -2.95
CA LEU A 195 -1.50 -41.94 -3.64
C LEU A 195 -0.52 -41.37 -4.62
N ILE A 196 -1.02 -40.94 -5.75
CA ILE A 196 -0.12 -40.40 -6.74
C ILE A 196 0.59 -39.16 -6.33
N ASN A 197 -0.07 -38.20 -5.71
CA ASN A 197 0.71 -37.00 -5.43
C ASN A 197 1.91 -37.23 -4.51
N CYS A 198 1.87 -38.23 -3.61
CA CYS A 198 2.88 -38.52 -2.61
C CYS A 198 4.19 -38.93 -3.24
N ASN A 199 4.14 -39.17 -4.55
CA ASN A 199 5.32 -39.60 -5.35
C ASN A 199 6.24 -38.40 -5.62
N THR A 200 5.68 -37.20 -5.66
CA THR A 200 6.39 -35.96 -6.05
C THR A 200 6.14 -34.72 -5.18
N SER A 201 4.98 -34.62 -4.54
CA SER A 201 4.62 -33.38 -3.86
C SER A 201 3.56 -33.50 -2.75
N ALA A 202 3.45 -32.43 -1.96
CA ALA A 202 2.47 -32.29 -0.89
C ALA A 202 1.08 -31.96 -1.42
N ILE A 203 0.08 -32.39 -0.65
CA ILE A 203 -1.33 -32.15 -0.93
C ILE A 203 -2.10 -31.60 0.28
N THR A 204 -3.01 -30.67 0.02
CA THR A 204 -3.87 -30.08 1.04
C THR A 204 -5.33 -30.32 0.67
N GLN A 205 -6.16 -30.59 1.67
CA GLN A 205 -7.58 -30.82 1.42
C GLN A 205 -8.29 -29.52 1.19
N ALA A 206 -9.14 -29.46 0.19
CA ALA A 206 -9.94 -28.26 0.05
C ALA A 206 -10.95 -28.22 1.18
N CYS A 207 -11.25 -27.04 1.74
CA CYS A 207 -12.24 -26.84 2.78
C CYS A 207 -13.66 -27.11 2.21
N PRO A 208 -14.46 -27.97 2.85
CA PRO A 208 -15.78 -28.42 2.42
C PRO A 208 -16.82 -27.32 2.43
N LYS A 209 -16.52 -26.23 3.11
CA LYS A 209 -17.44 -25.12 3.20
C LYS A 209 -17.07 -23.96 2.31
N VAL A 210 -16.09 -24.14 1.44
CA VAL A 210 -15.68 -23.04 0.59
C VAL A 210 -16.06 -23.22 -0.86
N SER A 211 -16.90 -22.31 -1.35
CA SER A 211 -17.39 -22.34 -2.71
C SER A 211 -16.56 -21.57 -3.73
N PHE A 212 -16.44 -22.20 -4.89
CA PHE A 212 -15.76 -21.69 -6.05
C PHE A 212 -16.72 -21.55 -7.20
N GLU A 213 -17.98 -21.37 -6.92
CA GLU A 213 -18.94 -21.18 -7.98
C GLU A 213 -18.66 -19.81 -8.63
N PRO A 214 -18.47 -19.73 -9.97
CA PRO A 214 -18.19 -18.51 -10.71
C PRO A 214 -19.27 -17.44 -10.60
N ILE A 215 -18.80 -16.23 -10.36
CA ILE A 215 -19.58 -15.01 -10.24
C ILE A 215 -19.03 -14.07 -11.28
N PRO A 216 -19.80 -13.44 -12.17
CA PRO A 216 -19.26 -12.57 -13.17
C PRO A 216 -18.49 -11.47 -12.49
N ILE A 217 -17.27 -11.25 -12.92
CA ILE A 217 -16.46 -10.20 -12.36
C ILE A 217 -16.22 -9.07 -13.28
N HIS A 218 -16.44 -7.89 -12.77
CA HIS A 218 -16.24 -6.69 -13.54
C HIS A 218 -14.94 -6.05 -13.08
N TYR A 219 -14.03 -5.75 -13.98
CA TYR A 219 -12.81 -5.09 -13.54
C TYR A 219 -12.95 -3.61 -13.77
N CYS A 220 -12.59 -2.79 -12.75
CA CYS A 220 -12.76 -1.33 -12.77
C CYS A 220 -11.42 -0.60 -12.71
N ALA A 221 -11.34 0.49 -13.48
CA ALA A 221 -10.14 1.30 -13.55
C ALA A 221 -9.95 2.17 -12.31
N PRO A 222 -8.69 2.45 -11.90
CA PRO A 222 -8.32 3.42 -10.90
C PRO A 222 -8.48 4.80 -11.48
N ALA A 223 -8.64 5.79 -10.64
CA ALA A 223 -8.74 7.13 -11.17
C ALA A 223 -7.48 7.47 -11.94
N GLY A 224 -7.68 8.14 -13.07
CA GLY A 224 -6.59 8.54 -13.95
C GLY A 224 -6.49 7.59 -15.13
N PHE A 225 -7.21 6.49 -15.06
CA PHE A 225 -7.26 5.48 -16.09
C PHE A 225 -8.65 5.24 -16.65
N ALA A 226 -8.69 4.71 -17.86
CA ALA A 226 -9.95 4.40 -18.51
C ALA A 226 -9.89 3.09 -19.25
N ILE A 227 -11.04 2.43 -19.36
CA ILE A 227 -11.10 1.21 -20.10
C ILE A 227 -11.78 1.49 -21.41
N LEU A 228 -11.11 1.17 -22.49
CA LEU A 228 -11.67 1.42 -23.78
C LEU A 228 -12.15 0.12 -24.32
N LYS A 229 -13.19 0.16 -25.12
CA LYS A 229 -13.72 -1.06 -25.71
C LYS A 229 -13.92 -0.93 -27.21
N CYS A 230 -13.65 -2.03 -27.97
CA CYS A 230 -13.93 -2.12 -29.39
C CYS A 230 -15.29 -2.81 -29.58
N LYS A 231 -16.18 -2.12 -30.23
CA LYS A 231 -17.55 -2.54 -30.45
C LYS A 231 -17.77 -3.16 -31.81
N ASP A 232 -16.71 -3.31 -32.58
CA ASP A 232 -16.82 -3.84 -33.91
C ASP A 232 -17.07 -5.33 -33.87
N LYS A 233 -18.25 -5.71 -34.33
CA LYS A 233 -18.74 -7.10 -34.30
C LYS A 233 -17.87 -8.05 -35.11
N LYS A 234 -17.07 -7.54 -36.02
CA LYS A 234 -16.18 -8.36 -36.82
C LYS A 234 -14.74 -8.15 -36.45
N PHE A 235 -14.48 -7.51 -35.32
CA PHE A 235 -13.09 -7.22 -34.99
C PHE A 235 -12.19 -8.47 -34.94
N ASN A 236 -11.06 -8.40 -35.66
CA ASN A 236 -10.07 -9.50 -35.65
C ASN A 236 -8.98 -9.18 -34.63
N GLY A 237 -8.08 -10.15 -34.39
CA GLY A 237 -7.21 -10.20 -33.20
C GLY A 237 -6.48 -8.87 -32.94
N THR A 238 -6.11 -8.19 -34.00
CA THR A 238 -5.47 -6.90 -33.83
C THR A 238 -5.98 -5.88 -34.84
N GLY A 239 -5.85 -4.60 -34.51
CA GLY A 239 -6.09 -3.58 -35.52
C GLY A 239 -6.85 -2.32 -35.07
N PRO A 240 -6.77 -1.26 -35.89
CA PRO A 240 -7.36 0.07 -35.74
C PRO A 240 -8.85 0.13 -36.05
N CYS A 241 -9.72 -0.42 -35.16
CA CYS A 241 -11.16 -0.45 -35.39
C CYS A 241 -11.75 0.96 -35.20
N THR A 242 -12.88 1.19 -35.85
CA THR A 242 -13.56 2.49 -35.78
C THR A 242 -14.73 2.60 -34.80
N ASN A 243 -15.18 1.48 -34.18
CA ASN A 243 -16.29 1.46 -33.23
C ASN A 243 -15.70 1.44 -31.80
N VAL A 244 -15.40 2.64 -31.24
CA VAL A 244 -14.69 2.75 -29.95
C VAL A 244 -15.46 3.56 -28.92
N SER A 245 -15.53 3.01 -27.71
CA SER A 245 -16.20 3.68 -26.62
C SER A 245 -15.45 3.53 -25.31
N THR A 246 -15.78 4.37 -24.34
CA THR A 246 -15.14 4.36 -23.02
C THR A 246 -16.06 3.95 -21.89
N VAL A 247 -15.56 3.03 -21.07
CA VAL A 247 -16.29 2.54 -19.92
C VAL A 247 -15.45 2.64 -18.65
N GLN A 248 -16.11 2.54 -17.51
CA GLN A 248 -15.40 2.57 -16.23
C GLN A 248 -14.99 1.19 -15.71
N CYS A 249 -15.81 0.14 -16.05
CA CYS A 249 -15.67 -1.23 -15.64
C CYS A 249 -15.99 -2.09 -16.86
N THR A 250 -15.42 -3.28 -16.89
CA THR A 250 -15.70 -4.24 -17.95
C THR A 250 -17.01 -4.94 -17.73
N HIS A 251 -17.48 -5.63 -18.75
CA HIS A 251 -18.65 -6.49 -18.64
C HIS A 251 -18.22 -7.59 -17.75
N GLY A 252 -19.09 -8.10 -16.91
CA GLY A 252 -18.63 -9.15 -16.04
C GLY A 252 -18.28 -10.41 -16.79
N ILE A 253 -17.22 -11.05 -16.33
CA ILE A 253 -16.75 -12.31 -16.87
C ILE A 253 -16.70 -13.35 -15.79
N LYS A 254 -17.36 -14.47 -15.95
CA LYS A 254 -17.23 -15.50 -14.94
C LYS A 254 -15.89 -16.19 -15.10
N PRO A 255 -15.15 -16.46 -14.01
CA PRO A 255 -13.86 -17.12 -14.00
C PRO A 255 -14.00 -18.62 -14.20
N VAL A 256 -14.48 -18.98 -15.37
CA VAL A 256 -14.71 -20.36 -15.72
C VAL A 256 -13.43 -20.94 -16.29
N VAL A 257 -13.09 -22.13 -15.82
CA VAL A 257 -11.89 -22.79 -16.27
C VAL A 257 -12.21 -24.10 -16.94
N SER A 258 -11.69 -24.23 -18.13
CA SER A 258 -11.85 -25.42 -18.93
C SER A 258 -10.69 -25.53 -19.89
N THR A 259 -10.60 -26.69 -20.53
CA THR A 259 -9.59 -26.94 -21.54
C THR A 259 -10.37 -27.48 -22.72
N GLN A 260 -9.90 -27.21 -23.94
CA GLN A 260 -10.49 -27.63 -25.22
C GLN A 260 -11.79 -26.90 -25.59
N LEU A 261 -12.80 -27.04 -24.76
CA LEU A 261 -14.08 -26.40 -25.04
C LEU A 261 -14.42 -25.35 -23.99
N LEU A 262 -14.69 -24.15 -24.49
CA LEU A 262 -14.95 -22.97 -23.69
C LEU A 262 -16.41 -22.85 -23.36
N LEU A 263 -16.69 -22.84 -22.07
CA LEU A 263 -18.07 -22.78 -21.60
C LEU A 263 -18.43 -21.46 -20.94
N ASN A 264 -19.72 -21.09 -21.05
CA ASN A 264 -20.42 -19.97 -20.40
C ASN A 264 -19.72 -18.60 -20.62
N GLY A 265 -19.19 -18.34 -21.84
CA GLY A 265 -18.55 -17.10 -22.24
C GLY A 265 -19.47 -16.27 -23.09
N SER A 266 -18.88 -15.45 -23.93
CA SER A 266 -19.63 -14.58 -24.78
C SER A 266 -19.82 -15.19 -26.16
N LEU A 267 -20.93 -14.88 -26.78
CA LEU A 267 -21.20 -15.29 -28.14
C LEU A 267 -20.94 -14.14 -29.06
N ALA A 268 -20.62 -14.47 -30.31
CA ALA A 268 -20.46 -13.47 -31.40
C ALA A 268 -21.85 -12.94 -31.78
N GLU A 269 -22.01 -11.62 -31.82
CA GLU A 269 -23.34 -11.03 -32.10
C GLU A 269 -23.84 -11.38 -33.50
N GLU A 270 -22.97 -11.30 -34.50
CA GLU A 270 -23.39 -11.50 -35.92
C GLU A 270 -23.17 -12.96 -36.32
N GLU A 271 -21.91 -13.39 -36.36
CA GLU A 271 -21.53 -14.69 -36.97
C GLU A 271 -20.36 -15.31 -36.22
N VAL A 272 -20.12 -16.61 -36.42
CA VAL A 272 -18.95 -17.28 -35.77
C VAL A 272 -17.67 -16.61 -36.28
N ILE A 273 -16.74 -16.31 -35.38
CA ILE A 273 -15.49 -15.60 -35.77
C ILE A 273 -14.28 -16.45 -35.36
N ILE A 274 -13.32 -16.62 -36.27
CA ILE A 274 -12.08 -17.39 -35.94
C ILE A 274 -10.94 -16.39 -35.71
N ARG A 275 -10.35 -16.39 -34.51
CA ARG A 275 -9.32 -15.44 -34.20
C ARG A 275 -7.99 -16.05 -33.78
N SER A 276 -6.93 -15.38 -34.18
CA SER A 276 -5.56 -15.76 -33.80
C SER A 276 -4.66 -14.58 -33.93
N GLU A 277 -3.59 -14.60 -33.19
CA GLU A 277 -2.56 -13.60 -33.37
C GLU A 277 -1.85 -13.75 -34.74
N ASN A 278 -1.62 -15.01 -35.19
CA ASN A 278 -0.95 -15.41 -36.43
C ASN A 278 -1.55 -16.75 -36.89
N ILE A 279 -2.65 -16.72 -37.70
CA ILE A 279 -3.41 -17.93 -38.11
C ILE A 279 -2.60 -18.85 -39.03
N THR A 280 -1.66 -18.25 -39.74
CA THR A 280 -0.83 -19.00 -40.64
C THR A 280 0.32 -19.70 -39.93
N ASN A 281 0.52 -19.43 -38.66
CA ASN A 281 1.57 -20.03 -37.88
C ASN A 281 1.03 -21.21 -37.07
N ASN A 282 1.43 -22.43 -37.41
CA ASN A 282 0.88 -23.63 -36.77
C ASN A 282 1.31 -23.78 -35.31
N ALA A 283 2.21 -22.92 -34.86
CA ALA A 283 2.67 -22.94 -33.49
C ALA A 283 1.71 -22.17 -32.58
N LYS A 284 0.71 -21.51 -33.16
CA LYS A 284 -0.21 -20.71 -32.39
C LYS A 284 -1.55 -21.41 -32.31
N ASN A 285 -2.31 -21.15 -31.26
CA ASN A 285 -3.65 -21.76 -31.18
C ASN A 285 -4.70 -20.87 -31.78
N ILE A 286 -5.78 -21.47 -32.20
CA ILE A 286 -6.90 -20.79 -32.81
C ILE A 286 -8.10 -20.73 -31.89
N LEU A 287 -8.64 -19.55 -31.67
CA LEU A 287 -9.80 -19.45 -30.82
C LEU A 287 -11.04 -19.21 -31.65
N VAL A 288 -12.08 -19.98 -31.38
CA VAL A 288 -13.29 -19.84 -32.17
C VAL A 288 -14.47 -19.42 -31.35
N GLN A 289 -15.09 -18.32 -31.75
CA GLN A 289 -16.27 -17.83 -31.07
C GLN A 289 -17.52 -18.16 -31.86
N LEU A 290 -18.48 -18.74 -31.19
CA LEU A 290 -19.71 -19.13 -31.84
C LEU A 290 -20.72 -18.01 -31.70
N ASN A 291 -21.70 -17.89 -32.64
CA ASN A 291 -22.82 -16.93 -32.53
C ASN A 291 -24.01 -17.47 -31.72
N GLU A 292 -24.12 -18.81 -31.57
CA GLU A 292 -25.17 -19.55 -30.87
C GLU A 292 -24.48 -20.53 -29.96
N SER A 293 -24.98 -20.71 -28.75
CA SER A 293 -24.38 -21.70 -27.88
C SER A 293 -24.98 -23.06 -28.10
N VAL A 294 -24.28 -24.07 -27.63
CA VAL A 294 -24.82 -25.43 -27.69
C VAL A 294 -24.95 -25.96 -26.28
N GLN A 295 -26.15 -26.43 -25.95
CA GLN A 295 -26.36 -26.94 -24.60
C GLN A 295 -25.77 -28.32 -24.41
N ILE A 296 -25.07 -28.49 -23.30
CA ILE A 296 -24.51 -29.77 -22.93
C ILE A 296 -25.02 -30.21 -21.54
N ASN A 297 -25.60 -31.44 -21.44
CA ASN A 297 -26.14 -32.04 -20.21
C ASN A 297 -25.18 -33.11 -19.64
N CYS A 298 -24.51 -32.83 -18.50
CA CYS A 298 -23.52 -33.70 -17.88
C CYS A 298 -24.00 -34.26 -16.55
N THR A 299 -23.55 -35.46 -16.24
CA THR A 299 -23.88 -36.10 -14.98
C THR A 299 -22.81 -36.97 -14.35
N ARG A 300 -22.90 -37.02 -13.03
CA ARG A 300 -22.16 -37.91 -12.16
C ARG A 300 -23.27 -38.61 -11.38
N PRO A 301 -23.82 -39.69 -11.95
CA PRO A 301 -25.06 -40.34 -11.59
C PRO A 301 -25.05 -41.29 -10.40
N ASN A 302 -23.90 -41.53 -9.81
CA ASN A 302 -23.80 -42.50 -8.74
C ASN A 302 -24.10 -41.89 -7.37
N ASN A 303 -25.19 -42.37 -6.69
CA ASN A 303 -25.63 -41.86 -5.39
C ASN A 303 -24.77 -42.50 -4.29
N ASN A 304 -23.95 -41.67 -3.60
CA ASN A 304 -23.06 -42.16 -2.53
C ASN A 304 -23.09 -41.25 -1.32
N THR A 305 -22.29 -41.65 -0.34
CA THR A 305 -22.13 -40.86 0.86
C THR A 305 -20.65 -40.63 1.16
N ARG A 306 -20.39 -39.67 2.04
CA ARG A 306 -19.04 -39.33 2.51
C ARG A 306 -18.84 -39.62 3.98
N LYS A 307 -17.62 -40.03 4.30
CA LYS A 307 -17.18 -40.28 5.65
C LYS A 307 -16.34 -39.14 6.14
N SER A 308 -16.24 -39.02 7.45
CA SER A 308 -15.38 -38.03 8.06
C SER A 308 -14.59 -38.66 9.17
N ILE A 309 -13.27 -38.61 9.06
CA ILE A 309 -12.45 -39.24 10.07
C ILE A 309 -11.53 -38.25 10.70
N ARG A 310 -11.12 -38.57 11.91
CA ARG A 310 -10.23 -37.73 12.64
C ARG A 310 -8.79 -38.11 12.41
N ILE A 311 -8.01 -37.14 11.99
CA ILE A 311 -6.58 -37.27 11.79
C ILE A 311 -5.86 -36.77 13.01
N GLY A 312 -6.39 -35.71 13.58
CA GLY A 312 -5.73 -35.09 14.69
C GLY A 312 -6.65 -34.15 15.44
N PRO A 313 -6.10 -33.31 16.31
CA PRO A 313 -6.82 -32.41 17.20
C PRO A 313 -7.44 -31.31 16.38
N GLY A 314 -8.72 -31.49 16.08
CA GLY A 314 -9.47 -30.59 15.21
C GLY A 314 -9.16 -30.80 13.73
N GLN A 315 -8.50 -31.89 13.38
CA GLN A 315 -8.09 -32.12 12.00
C GLN A 315 -8.92 -33.20 11.35
N TRP A 316 -9.75 -32.79 10.38
CA TRP A 316 -10.65 -33.73 9.75
C TRP A 316 -10.42 -33.96 8.28
N PHE A 317 -10.61 -35.21 7.88
CA PHE A 317 -10.54 -35.64 6.49
C PHE A 317 -11.81 -36.23 5.99
N TYR A 318 -12.22 -35.75 4.85
CA TYR A 318 -13.47 -36.17 4.26
C TYR A 318 -13.20 -37.05 3.06
N ALA A 319 -13.93 -38.16 2.94
CA ALA A 319 -13.68 -39.05 1.82
C ALA A 319 -14.87 -39.87 1.39
N THR A 320 -14.81 -40.34 0.16
CA THR A 320 -15.87 -41.17 -0.40
C THR A 320 -16.06 -42.46 0.37
N GLY A 321 -17.31 -42.73 0.74
CA GLY A 321 -17.71 -43.94 1.43
C GLY A 321 -18.37 -44.84 0.42
N ASP A 322 -19.22 -45.74 0.85
CA ASP A 322 -19.86 -46.63 -0.12
C ASP A 322 -20.86 -45.90 -0.99
N ILE A 323 -21.07 -46.47 -2.17
CA ILE A 323 -22.11 -46.06 -3.09
C ILE A 323 -23.36 -46.73 -2.57
N ILE A 324 -24.45 -45.98 -2.48
CA ILE A 324 -25.70 -46.47 -1.90
C ILE A 324 -26.77 -46.67 -2.95
N GLY A 325 -26.35 -47.27 -4.03
CA GLY A 325 -27.17 -47.59 -5.18
C GLY A 325 -26.31 -48.42 -6.11
N ASP A 326 -26.77 -48.64 -7.32
CA ASP A 326 -25.95 -49.44 -8.21
C ASP A 326 -24.96 -48.52 -8.86
N ILE A 327 -24.14 -49.02 -9.74
CA ILE A 327 -23.11 -48.18 -10.28
C ILE A 327 -23.24 -48.04 -11.80
N ARG A 328 -23.09 -46.82 -12.30
CA ARG A 328 -23.12 -46.56 -13.73
C ARG A 328 -22.10 -45.47 -14.12
N GLN A 329 -21.59 -45.48 -15.35
CA GLN A 329 -20.61 -44.46 -15.74
C GLN A 329 -21.13 -43.03 -15.99
N ALA A 330 -20.29 -42.05 -15.63
CA ALA A 330 -20.50 -40.61 -15.82
C ALA A 330 -20.39 -40.22 -17.28
N HIS A 331 -21.13 -39.20 -17.68
CA HIS A 331 -21.15 -38.81 -19.09
C HIS A 331 -21.76 -37.42 -19.37
N CYS A 332 -21.58 -36.91 -20.63
CA CYS A 332 -22.20 -35.68 -21.17
C CYS A 332 -22.94 -35.94 -22.49
N ASN A 333 -24.15 -35.37 -22.60
CA ASN A 333 -25.02 -35.48 -23.77
C ASN A 333 -25.06 -34.16 -24.56
N VAL A 334 -24.61 -34.21 -25.83
CA VAL A 334 -24.51 -33.09 -26.79
C VAL A 334 -25.51 -33.33 -27.93
N SER A 335 -26.36 -32.37 -28.26
CA SER A 335 -27.29 -32.65 -29.36
C SER A 335 -26.51 -32.89 -30.65
N LYS A 336 -26.80 -34.01 -31.32
CA LYS A 336 -26.05 -34.38 -32.51
C LYS A 336 -26.21 -33.44 -33.67
N ALA A 337 -27.43 -33.06 -33.99
CA ALA A 337 -27.61 -32.21 -35.14
C ALA A 337 -27.03 -30.85 -34.90
N THR A 338 -27.19 -30.36 -33.68
CA THR A 338 -26.73 -29.04 -33.38
C THR A 338 -25.24 -29.00 -33.51
N TRP A 339 -24.57 -30.00 -32.95
CA TRP A 339 -23.13 -30.01 -33.03
C TRP A 339 -22.62 -30.02 -34.47
N ASN A 340 -23.22 -30.88 -35.35
CA ASN A 340 -22.78 -31.00 -36.74
C ASN A 340 -22.99 -29.69 -37.52
N GLU A 341 -24.12 -28.97 -37.26
CA GLU A 341 -24.42 -27.68 -37.88
C GLU A 341 -23.43 -26.62 -37.42
N THR A 342 -23.10 -26.67 -36.13
CA THR A 342 -22.17 -25.73 -35.53
C THR A 342 -20.81 -25.91 -36.15
N LEU A 343 -20.40 -27.15 -36.31
CA LEU A 343 -19.10 -27.37 -36.86
C LEU A 343 -19.07 -26.92 -38.30
N GLY A 344 -20.13 -27.17 -39.07
CA GLY A 344 -20.14 -26.74 -40.45
C GLY A 344 -19.94 -25.22 -40.56
N LYS A 345 -20.51 -24.47 -39.62
CA LYS A 345 -20.33 -23.02 -39.64
C LYS A 345 -18.87 -22.66 -39.45
N VAL A 346 -18.18 -23.43 -38.59
CA VAL A 346 -16.78 -23.17 -38.34
C VAL A 346 -16.01 -23.41 -39.61
N VAL A 347 -16.37 -24.46 -40.31
CA VAL A 347 -15.69 -24.83 -41.53
C VAL A 347 -15.84 -23.74 -42.58
N LYS A 348 -17.04 -23.19 -42.70
CA LYS A 348 -17.23 -22.11 -43.67
C LYS A 348 -16.27 -20.96 -43.42
N GLN A 349 -16.02 -20.68 -42.15
CA GLN A 349 -15.13 -19.59 -41.79
C GLN A 349 -13.67 -19.98 -41.97
N LEU A 350 -13.33 -21.23 -41.73
CA LEU A 350 -11.95 -21.65 -41.92
C LEU A 350 -11.53 -21.48 -43.36
N ARG A 351 -12.44 -21.72 -44.29
CA ARG A 351 -12.13 -21.63 -45.70
C ARG A 351 -11.58 -20.25 -46.09
N LYS A 352 -11.89 -19.23 -45.32
CA LYS A 352 -11.42 -17.89 -45.62
C LYS A 352 -9.91 -17.81 -45.59
N HIS A 353 -9.27 -18.59 -44.73
CA HIS A 353 -7.83 -18.53 -44.60
C HIS A 353 -7.15 -19.76 -45.14
N PHE A 354 -7.90 -20.85 -45.26
CA PHE A 354 -7.27 -22.08 -45.67
C PHE A 354 -7.56 -22.52 -47.11
N GLY A 355 -8.37 -21.76 -47.85
CA GLY A 355 -8.69 -22.06 -49.24
C GLY A 355 -10.19 -22.27 -49.42
N ASN A 356 -10.75 -21.65 -50.48
CA ASN A 356 -12.19 -21.61 -50.79
C ASN A 356 -12.84 -23.00 -50.87
N ASN A 357 -12.12 -23.99 -51.44
CA ASN A 357 -12.58 -25.37 -51.60
C ASN A 357 -11.51 -26.31 -51.12
N THR A 358 -10.88 -26.00 -50.00
CA THR A 358 -9.88 -26.92 -49.50
C THR A 358 -10.57 -27.99 -48.70
N ILE A 359 -9.80 -28.97 -48.26
CA ILE A 359 -10.35 -30.07 -47.48
C ILE A 359 -10.07 -29.83 -46.02
N ILE A 360 -11.12 -29.78 -45.23
CA ILE A 360 -10.96 -29.50 -43.82
C ILE A 360 -11.27 -30.69 -42.96
N ARG A 361 -10.32 -31.07 -42.15
CA ARG A 361 -10.51 -32.24 -41.34
C ARG A 361 -10.42 -32.00 -39.87
N PHE A 362 -11.30 -32.67 -39.15
CA PHE A 362 -11.29 -32.63 -37.71
C PHE A 362 -10.95 -33.98 -37.17
N ALA A 363 -10.03 -33.97 -36.25
CA ALA A 363 -9.50 -35.19 -35.66
C ALA A 363 -9.22 -35.04 -34.20
N ASN A 364 -9.07 -36.18 -33.54
CA ASN A 364 -8.73 -36.22 -32.13
C ASN A 364 -7.34 -35.67 -31.91
N SER A 365 -7.11 -35.16 -30.72
CA SER A 365 -5.85 -34.58 -30.34
C SER A 365 -4.82 -35.63 -30.10
N SER A 366 -3.60 -35.18 -29.98
CA SER A 366 -2.50 -36.03 -29.63
C SER A 366 -2.67 -36.38 -28.17
N GLY A 367 -1.89 -37.34 -27.69
CA GLY A 367 -2.02 -37.75 -26.31
C GLY A 367 -1.28 -36.81 -25.37
N GLY A 368 -1.35 -37.11 -24.09
CA GLY A 368 -0.74 -36.29 -23.07
C GLY A 368 -1.59 -36.37 -21.83
N ASP A 369 -1.35 -35.48 -20.88
CA ASP A 369 -2.09 -35.49 -19.64
C ASP A 369 -3.53 -35.16 -19.93
N LEU A 370 -4.43 -35.57 -19.06
CA LEU A 370 -5.85 -35.34 -19.28
C LEU A 370 -6.14 -33.86 -19.42
N GLU A 371 -5.35 -33.01 -18.78
CA GLU A 371 -5.59 -31.57 -18.83
C GLU A 371 -5.54 -31.00 -20.25
N VAL A 372 -4.90 -31.72 -21.18
CA VAL A 372 -4.81 -31.28 -22.56
C VAL A 372 -5.42 -32.27 -23.55
N THR A 373 -6.04 -33.36 -23.08
CA THR A 373 -6.60 -34.33 -24.04
C THR A 373 -8.10 -34.48 -23.90
N THR A 374 -8.64 -34.10 -22.75
CA THR A 374 -10.07 -34.25 -22.52
C THR A 374 -10.67 -32.92 -22.21
N HIS A 375 -11.99 -32.89 -22.14
CA HIS A 375 -12.67 -31.66 -21.80
C HIS A 375 -12.76 -31.56 -20.31
N SER A 376 -12.20 -30.47 -19.79
CA SER A 376 -12.17 -30.28 -18.34
C SER A 376 -13.34 -29.50 -17.77
N PHE A 377 -13.96 -30.10 -16.78
CA PHE A 377 -15.09 -29.55 -16.05
C PHE A 377 -14.83 -29.44 -14.58
N ASN A 378 -15.50 -28.49 -13.95
CA ASN A 378 -15.55 -28.35 -12.51
C ASN A 378 -17.01 -28.08 -12.14
N CYS A 379 -17.74 -29.15 -11.77
CA CYS A 379 -19.18 -29.14 -11.53
C CYS A 379 -19.47 -29.47 -10.08
N GLY A 380 -19.72 -28.45 -9.28
CA GLY A 380 -20.00 -28.64 -7.87
C GLY A 380 -18.74 -28.94 -7.07
N GLY A 381 -17.60 -28.78 -7.71
CA GLY A 381 -16.33 -29.09 -7.11
C GLY A 381 -15.76 -30.42 -7.60
N GLU A 382 -16.53 -31.18 -8.38
CA GLU A 382 -15.97 -32.42 -8.89
C GLU A 382 -15.41 -32.18 -10.27
N PHE A 383 -14.31 -32.85 -10.54
CA PHE A 383 -13.64 -32.64 -11.79
C PHE A 383 -13.79 -33.77 -12.76
N PHE A 384 -14.12 -33.38 -13.98
CA PHE A 384 -14.35 -34.37 -15.00
C PHE A 384 -13.48 -34.14 -16.18
N TYR A 385 -13.11 -35.26 -16.77
CA TYR A 385 -12.27 -35.37 -17.93
C TYR A 385 -12.98 -36.20 -19.00
N CYS A 386 -13.78 -35.50 -19.82
CA CYS A 386 -14.71 -36.09 -20.79
C CYS A 386 -14.05 -36.31 -22.14
N ASN A 387 -14.35 -37.47 -22.72
CA ASN A 387 -13.79 -37.88 -24.00
C ASN A 387 -14.61 -37.26 -25.14
N THR A 388 -14.01 -36.26 -25.81
CA THR A 388 -14.52 -35.42 -26.88
C THR A 388 -14.01 -35.82 -28.24
N SER A 389 -13.37 -36.96 -28.36
CA SER A 389 -12.84 -37.35 -29.66
C SER A 389 -13.93 -37.53 -30.72
N GLY A 390 -15.13 -37.87 -30.30
CA GLY A 390 -16.22 -38.09 -31.23
C GLY A 390 -16.80 -36.80 -31.77
N LEU A 391 -16.38 -35.68 -31.21
CA LEU A 391 -16.88 -34.41 -31.67
C LEU A 391 -16.03 -33.91 -32.83
N PHE A 392 -14.87 -34.57 -33.02
CA PHE A 392 -13.91 -34.20 -34.05
C PHE A 392 -13.53 -35.45 -34.82
N ASN A 393 -14.48 -35.94 -35.64
CA ASN A 393 -14.40 -37.21 -36.36
C ASN A 393 -15.03 -37.06 -37.76
N SER A 394 -14.53 -36.08 -38.59
CA SER A 394 -15.09 -35.82 -39.93
C SER A 394 -14.19 -35.03 -40.86
N THR A 395 -14.49 -35.14 -42.14
CA THR A 395 -13.83 -34.35 -43.15
C THR A 395 -14.90 -33.62 -43.93
N TRP A 396 -14.70 -32.34 -44.11
CA TRP A 396 -15.63 -31.51 -44.79
C TRP A 396 -15.10 -31.06 -46.16
N ILE A 397 -16.00 -31.11 -47.18
CA ILE A 397 -15.84 -30.70 -48.58
C ILE A 397 -16.93 -31.39 -49.37
N SER A 413 -28.17 -36.74 -30.27
CA SER A 413 -27.83 -37.16 -28.93
C SER A 413 -26.49 -37.95 -28.90
N ILE A 414 -25.37 -37.23 -28.81
CA ILE A 414 -23.99 -37.73 -28.74
C ILE A 414 -23.62 -37.94 -27.28
N THR A 415 -23.17 -39.14 -26.93
CA THR A 415 -22.80 -39.33 -25.53
C THR A 415 -21.30 -39.45 -25.40
N LEU A 416 -20.75 -38.59 -24.55
CA LEU A 416 -19.34 -38.54 -24.26
C LEU A 416 -19.13 -39.17 -22.89
N PRO A 417 -18.36 -40.23 -22.73
CA PRO A 417 -18.12 -40.85 -21.44
C PRO A 417 -17.22 -39.86 -20.72
N CYS A 418 -17.28 -39.81 -19.36
CA CYS A 418 -16.44 -38.92 -18.54
C CYS A 418 -15.74 -39.60 -17.39
N ARG A 419 -14.46 -39.28 -17.24
CA ARG A 419 -13.66 -39.77 -16.13
C ARG A 419 -13.70 -38.79 -14.99
N ILE A 420 -13.56 -39.28 -13.77
CA ILE A 420 -13.54 -38.42 -12.59
C ILE A 420 -12.33 -38.64 -11.71
N LYS A 421 -11.77 -37.56 -11.19
CA LYS A 421 -10.64 -37.67 -10.26
C LYS A 421 -10.70 -36.63 -9.13
N GLN A 422 -10.13 -36.99 -7.98
CA GLN A 422 -10.10 -36.11 -6.82
C GLN A 422 -8.77 -35.42 -6.52
N ILE A 423 -7.66 -35.80 -7.16
CA ILE A 423 -6.42 -35.08 -6.88
C ILE A 423 -6.17 -34.14 -8.01
N ILE A 424 -6.28 -32.88 -7.68
CA ILE A 424 -6.26 -31.82 -8.65
C ILE A 424 -5.01 -31.01 -8.56
N ASN A 425 -4.38 -30.81 -9.73
CA ASN A 425 -3.26 -29.85 -9.86
C ASN A 425 -3.83 -28.59 -10.55
N MET A 426 -3.30 -27.41 -10.22
CA MET A 426 -3.90 -26.17 -10.76
C MET A 426 -2.91 -25.43 -11.66
N TRP A 427 -3.33 -25.02 -12.86
CA TRP A 427 -2.48 -24.21 -13.76
C TRP A 427 -1.12 -24.91 -14.00
N GLN A 428 -1.10 -26.25 -14.10
CA GLN A 428 0.17 -26.97 -14.43
C GLN A 428 1.31 -26.49 -13.51
N ARG A 429 1.02 -26.30 -12.21
CA ARG A 429 2.09 -25.92 -11.24
C ARG A 429 2.37 -27.14 -10.35
N ILE A 430 3.61 -27.59 -10.31
CA ILE A 430 3.90 -29.00 -10.06
C ILE A 430 3.39 -29.47 -8.71
N GLY A 431 3.61 -28.67 -7.68
CA GLY A 431 3.21 -29.07 -6.34
C GLY A 431 1.91 -28.41 -5.96
N GLN A 432 1.72 -28.18 -4.68
CA GLN A 432 0.47 -27.57 -4.22
C GLN A 432 -0.74 -28.33 -4.72
N ALA A 433 -0.74 -29.65 -4.54
CA ALA A 433 -1.85 -30.47 -4.98
C ALA A 433 -3.02 -30.23 -4.07
N MET A 434 -4.22 -30.44 -4.61
CA MET A 434 -5.42 -30.28 -3.83
C MET A 434 -6.32 -31.51 -3.84
N TYR A 435 -6.92 -31.81 -2.70
CA TYR A 435 -7.86 -32.91 -2.66
C TYR A 435 -9.27 -32.39 -2.62
N ALA A 436 -10.12 -32.94 -3.48
CA ALA A 436 -11.50 -32.54 -3.55
C ALA A 436 -12.46 -33.58 -2.95
N PRO A 437 -13.00 -33.39 -1.72
CA PRO A 437 -13.94 -34.29 -1.08
C PRO A 437 -15.16 -34.35 -1.99
N PRO A 438 -15.89 -35.46 -1.98
CA PRO A 438 -17.06 -35.73 -2.81
C PRO A 438 -18.36 -35.02 -2.47
N ILE A 439 -19.22 -34.96 -3.50
CA ILE A 439 -20.60 -34.51 -3.46
C ILE A 439 -21.52 -35.62 -2.97
N GLN A 440 -22.46 -35.31 -2.09
CA GLN A 440 -23.38 -36.33 -1.58
C GLN A 440 -24.50 -36.49 -2.58
N GLY A 441 -25.07 -37.68 -2.67
CA GLY A 441 -26.14 -37.83 -3.64
C GLY A 441 -25.48 -37.87 -5.00
N VAL A 442 -26.10 -37.22 -5.98
CA VAL A 442 -25.60 -37.24 -7.36
C VAL A 442 -25.55 -35.81 -7.85
N ILE A 443 -24.85 -35.58 -8.94
CA ILE A 443 -24.86 -34.24 -9.51
C ILE A 443 -25.16 -34.15 -11.01
N ARG A 444 -25.98 -33.15 -11.35
CA ARG A 444 -26.28 -32.81 -12.72
C ARG A 444 -25.67 -31.43 -12.96
N CYS A 445 -25.15 -31.19 -14.17
CA CYS A 445 -24.47 -29.97 -14.57
C CYS A 445 -24.88 -29.66 -16.01
N VAL A 446 -25.29 -28.43 -16.24
CA VAL A 446 -25.74 -28.01 -17.56
C VAL A 446 -25.00 -26.78 -17.98
N SER A 447 -24.46 -26.78 -19.18
CA SER A 447 -23.70 -25.63 -19.61
C SER A 447 -23.91 -25.26 -21.08
N ASN A 448 -23.56 -23.98 -21.41
CA ASN A 448 -23.62 -23.39 -22.75
C ASN A 448 -22.22 -23.29 -23.35
N ILE A 449 -21.89 -24.08 -24.42
CA ILE A 449 -20.57 -23.93 -25.07
C ILE A 449 -20.63 -22.67 -25.89
N THR A 450 -19.62 -21.84 -25.73
CA THR A 450 -19.55 -20.57 -26.42
C THR A 450 -18.37 -20.49 -27.38
N GLY A 451 -17.43 -21.41 -27.24
CA GLY A 451 -16.28 -21.38 -28.13
C GLY A 451 -15.36 -22.57 -27.98
N LEU A 452 -14.40 -22.65 -28.87
CA LEU A 452 -13.45 -23.74 -28.94
C LEU A 452 -11.99 -23.31 -29.01
N ILE A 453 -11.10 -24.16 -28.52
CA ILE A 453 -9.67 -23.95 -28.74
C ILE A 453 -9.23 -25.00 -29.72
N LEU A 454 -8.74 -24.58 -30.88
CA LEU A 454 -8.30 -25.52 -31.88
C LEU A 454 -6.83 -25.39 -32.21
N THR A 455 -6.23 -26.50 -32.54
CA THR A 455 -4.83 -26.51 -32.93
C THR A 455 -4.68 -26.98 -34.35
N ARG A 456 -3.90 -26.24 -35.10
CA ARG A 456 -3.61 -26.52 -36.50
C ARG A 456 -2.37 -27.40 -36.67
N ASP A 457 -2.51 -28.50 -37.42
CA ASP A 457 -1.34 -29.35 -37.61
C ASP A 457 -0.24 -28.69 -38.40
N GLY A 458 0.99 -28.90 -37.97
CA GLY A 458 2.11 -28.43 -38.76
C GLY A 458 2.58 -29.61 -39.60
N GLY A 459 3.56 -29.40 -40.46
CA GLY A 459 4.10 -30.51 -41.25
C GLY A 459 3.28 -30.89 -42.48
N SER A 460 2.27 -30.11 -42.82
CA SER A 460 1.44 -30.46 -43.96
C SER A 460 2.03 -29.95 -45.26
N THR A 461 2.37 -30.90 -46.13
CA THR A 461 2.98 -30.58 -47.40
C THR A 461 1.96 -30.64 -48.53
N ASN A 462 0.84 -31.31 -48.27
CA ASN A 462 -0.22 -31.42 -49.24
C ASN A 462 -1.19 -30.29 -48.96
N SER A 463 -1.13 -29.28 -49.80
CA SER A 463 -1.87 -28.04 -49.63
C SER A 463 -3.37 -28.18 -49.71
N THR A 464 -3.86 -29.32 -50.18
CA THR A 464 -5.29 -29.45 -50.30
C THR A 464 -5.92 -29.87 -49.00
N THR A 465 -5.14 -30.36 -48.03
CA THR A 465 -5.79 -30.81 -46.80
C THR A 465 -5.21 -30.17 -45.57
N GLU A 466 -6.10 -29.64 -44.76
CA GLU A 466 -5.72 -29.00 -43.50
C GLU A 466 -6.47 -29.65 -42.35
N THR A 467 -5.73 -30.08 -41.32
CA THR A 467 -6.34 -30.77 -40.20
C THR A 467 -6.23 -29.98 -38.90
N PHE A 468 -7.34 -29.95 -38.19
CA PHE A 468 -7.44 -29.30 -36.90
C PHE A 468 -7.84 -30.32 -35.84
N ARG A 469 -7.32 -30.11 -34.65
CA ARG A 469 -7.61 -31.00 -33.54
C ARG A 469 -7.98 -30.14 -32.36
N PRO A 470 -8.63 -30.64 -31.32
CA PRO A 470 -8.85 -29.90 -30.12
C PRO A 470 -7.51 -29.49 -29.58
N GLY A 471 -7.43 -28.25 -29.14
CA GLY A 471 -6.20 -27.74 -28.56
C GLY A 471 -6.42 -27.54 -27.08
N GLY A 472 -5.47 -26.92 -26.42
CA GLY A 472 -5.57 -26.68 -25.00
C GLY A 472 -4.29 -26.02 -24.54
N GLY A 473 -4.23 -25.68 -23.27
CA GLY A 473 -3.06 -25.00 -22.74
C GLY A 473 -3.44 -24.11 -21.58
N ASP A 474 -2.60 -23.10 -21.36
CA ASP A 474 -2.69 -22.19 -20.19
C ASP A 474 -4.01 -21.41 -20.21
N MET A 475 -4.61 -21.25 -19.03
CA MET A 475 -5.96 -20.65 -18.88
C MET A 475 -6.04 -19.14 -19.09
N ARG A 476 -4.89 -18.50 -19.24
CA ARG A 476 -5.01 -17.06 -19.57
C ARG A 476 -5.78 -17.02 -20.87
N ASP A 477 -5.74 -18.10 -21.66
CA ASP A 477 -6.23 -17.82 -22.99
C ASP A 477 -7.74 -17.90 -23.06
N ASN A 478 -8.37 -18.45 -22.03
CA ASN A 478 -9.81 -18.51 -22.04
C ASN A 478 -10.23 -17.11 -21.74
N TRP A 479 -9.46 -16.51 -20.86
CA TRP A 479 -9.69 -15.17 -20.42
C TRP A 479 -9.25 -14.19 -21.48
N ARG A 480 -8.26 -14.56 -22.27
CA ARG A 480 -7.85 -13.70 -23.36
C ARG A 480 -9.03 -13.46 -24.25
N SER A 481 -9.79 -14.52 -24.52
CA SER A 481 -10.96 -14.36 -25.33
C SER A 481 -12.01 -13.47 -24.67
N GLU A 482 -12.31 -13.70 -23.40
CA GLU A 482 -13.37 -12.88 -22.80
C GLU A 482 -12.99 -11.40 -22.65
N LEU A 483 -11.73 -11.13 -22.42
CA LEU A 483 -11.18 -9.79 -22.26
C LEU A 483 -10.77 -9.16 -23.57
N TYR A 484 -11.01 -9.88 -24.67
CA TYR A 484 -10.52 -9.48 -26.02
C TYR A 484 -10.87 -8.02 -26.31
N LYS A 485 -12.12 -7.61 -26.11
CA LYS A 485 -12.55 -6.32 -26.61
C LYS A 485 -12.07 -5.14 -25.79
N TYR A 486 -11.28 -5.40 -24.74
CA TYR A 486 -10.93 -4.35 -23.75
C TYR A 486 -9.49 -3.88 -23.92
N LYS A 487 -9.24 -2.59 -23.64
CA LYS A 487 -7.89 -2.04 -23.54
C LYS A 487 -7.79 -1.01 -22.40
N VAL A 488 -6.65 -0.91 -21.73
CA VAL A 488 -6.51 0.10 -20.68
C VAL A 488 -5.50 1.18 -21.00
N VAL A 489 -5.94 2.42 -20.82
CA VAL A 489 -5.08 3.57 -21.08
C VAL A 489 -5.04 4.52 -19.91
N LYS A 490 -4.01 5.35 -19.90
CA LYS A 490 -3.82 6.38 -18.89
C LYS A 490 -4.17 7.72 -19.48
N ILE A 491 -4.89 8.51 -18.71
CA ILE A 491 -5.28 9.82 -19.17
C ILE A 491 -4.18 10.78 -18.80
N GLU A 492 -3.78 11.61 -19.75
CA GLU A 492 -2.72 12.58 -19.55
C GLU A 492 -3.23 14.03 -19.73
N PRO A 493 -3.68 14.70 -18.65
CA PRO A 493 -4.32 16.00 -18.61
C PRO A 493 -3.58 17.22 -19.14
N LEU A 494 -2.25 17.20 -19.24
CA LEU A 494 -1.60 18.41 -19.73
C LEU A 494 -1.18 18.36 -21.17
N GLY A 495 -1.21 19.53 -21.80
CA GLY A 495 -0.73 19.67 -23.16
C GLY A 495 -0.55 21.13 -23.56
N VAL A 496 0.05 21.35 -24.73
CA VAL A 496 0.34 22.70 -25.21
C VAL A 496 -0.09 22.95 -26.63
N ALA A 497 -0.14 24.23 -26.97
CA ALA A 497 -0.44 24.70 -28.32
C ALA A 497 0.12 26.11 -28.49
N PRO A 498 0.35 26.56 -29.73
CA PRO A 498 0.62 27.94 -30.02
C PRO A 498 -0.69 28.71 -29.86
N THR A 499 -0.61 29.95 -29.40
CA THR A 499 -1.75 30.86 -29.32
C THR A 499 -1.46 32.27 -29.74
N ARG A 500 -2.53 33.02 -29.92
CA ARG A 500 -2.44 34.45 -30.20
C ARG A 500 -2.35 35.35 -28.92
N CYS A 501 -2.70 34.82 -27.72
CA CYS A 501 -2.72 35.55 -26.45
C CYS A 501 -1.39 35.42 -25.72
N LYS A 502 -1.10 36.37 -24.86
CA LYS A 502 0.06 36.31 -24.00
C LYS A 502 -0.29 37.01 -22.70
N ARG A 503 0.49 36.77 -21.62
CA ARG A 503 0.37 37.47 -20.34
C ARG A 503 0.62 38.99 -20.54
N GLY B 2 -20.45 13.28 -22.37
CA GLY B 2 -19.55 12.25 -21.91
C GLY B 2 -18.41 12.87 -21.11
N PHE B 3 -17.73 12.05 -20.28
CA PHE B 3 -16.59 12.41 -19.43
C PHE B 3 -15.40 12.89 -20.28
N LEU B 4 -15.08 12.12 -21.30
CA LEU B 4 -14.05 12.51 -22.25
C LEU B 4 -14.76 12.68 -23.58
N GLY B 5 -14.30 13.61 -24.40
CA GLY B 5 -14.87 13.74 -25.73
C GLY B 5 -14.02 12.92 -26.67
N ALA B 6 -14.32 12.97 -27.97
CA ALA B 6 -13.51 12.20 -28.92
C ALA B 6 -12.20 12.93 -29.18
N ALA B 7 -12.18 14.20 -28.83
CA ALA B 7 -11.04 15.09 -28.99
C ALA B 7 -10.53 15.16 -30.42
N GLY B 8 -11.45 15.14 -31.40
CA GLY B 8 -11.06 15.19 -32.80
C GLY B 8 -10.83 16.58 -33.37
N SER B 9 -11.52 17.57 -32.80
CA SER B 9 -11.46 18.94 -33.26
C SER B 9 -12.16 19.79 -32.22
N THR B 10 -12.18 21.10 -32.40
CA THR B 10 -12.93 22.00 -31.53
C THR B 10 -12.68 21.70 -30.06
N MET B 11 -11.41 21.62 -29.71
CA MET B 11 -11.01 21.37 -28.35
C MET B 11 -11.42 22.56 -27.49
N GLY B 12 -11.58 23.71 -28.13
CA GLY B 12 -12.01 24.90 -27.44
C GLY B 12 -13.38 24.66 -26.81
N ALA B 13 -14.23 23.83 -27.42
CA ALA B 13 -15.52 23.55 -26.83
C ALA B 13 -15.34 22.45 -25.80
N ALA B 14 -14.41 21.54 -26.11
CA ALA B 14 -14.13 20.40 -25.23
C ALA B 14 -13.69 20.90 -23.88
N SER B 15 -13.07 22.07 -23.87
CA SER B 15 -12.52 22.69 -22.68
C SER B 15 -13.57 22.91 -21.60
N MET B 16 -14.84 22.88 -21.97
CA MET B 16 -15.91 23.09 -21.02
C MET B 16 -16.01 21.96 -20.00
N THR B 17 -15.36 20.83 -20.29
CA THR B 17 -15.40 19.66 -19.42
C THR B 17 -14.11 19.48 -18.64
N LEU B 18 -13.17 20.42 -18.74
CA LEU B 18 -11.89 20.18 -18.09
C LEU B 18 -12.07 20.01 -16.58
N THR B 19 -13.08 20.70 -16.02
CA THR B 19 -13.40 20.63 -14.61
C THR B 19 -13.78 19.23 -14.16
N VAL B 20 -14.57 18.49 -14.97
CA VAL B 20 -14.99 17.18 -14.51
C VAL B 20 -13.83 16.23 -14.59
N GLN B 21 -13.01 16.41 -15.60
CA GLN B 21 -11.92 15.50 -15.75
C GLN B 21 -11.00 15.61 -14.55
N ALA B 22 -10.79 16.83 -14.06
CA ALA B 22 -9.98 17.01 -12.88
C ALA B 22 -10.71 16.50 -11.63
N ARG B 23 -12.01 16.75 -11.54
CA ARG B 23 -12.76 16.32 -10.36
C ARG B 23 -12.69 14.84 -10.11
N ASN B 24 -12.76 14.05 -11.16
CA ASN B 24 -12.82 12.61 -10.96
C ASN B 24 -11.49 11.96 -10.68
N LEU B 25 -10.46 12.77 -10.52
CA LEU B 25 -9.18 12.22 -10.16
C LEU B 25 -9.18 11.82 -8.68
N LEU B 26 -10.07 12.41 -7.87
CA LEU B 26 -10.12 12.12 -6.44
C LEU B 26 -11.49 11.50 -6.06
N SER B 27 -11.56 10.63 -5.01
CA SER B 27 -12.82 10.02 -4.53
C SER B 27 -12.82 9.99 -3.01
N CYS B 42 -15.62 -2.72 3.81
CA CYS B 42 -15.07 -4.03 3.45
C CYS B 42 -14.26 -4.58 4.59
N GLN B 43 -13.51 -3.70 5.24
CA GLN B 43 -12.72 -4.12 6.38
C GLN B 43 -11.94 -5.41 6.11
N GLN B 44 -12.25 -6.48 6.87
CA GLN B 44 -11.53 -7.75 6.83
C GLN B 44 -11.53 -8.43 5.49
N HIS B 45 -12.44 -8.05 4.61
CA HIS B 45 -12.51 -8.65 3.29
C HIS B 45 -11.17 -8.45 2.60
N LEU B 46 -10.56 -7.28 2.80
CA LEU B 46 -9.28 -6.98 2.20
C LEU B 46 -8.17 -6.93 3.25
N LEU B 47 -8.47 -6.52 4.47
CA LEU B 47 -7.40 -6.33 5.46
C LEU B 47 -6.64 -7.59 5.79
N LYS B 48 -7.31 -8.73 5.74
CA LYS B 48 -6.62 -9.98 6.05
C LYS B 48 -5.65 -10.40 4.95
N LEU B 49 -5.76 -9.79 3.77
CA LEU B 49 -4.99 -10.16 2.61
C LEU B 49 -3.81 -9.25 2.33
N THR B 50 -2.59 -9.71 2.62
CA THR B 50 -1.43 -8.83 2.52
C THR B 50 -1.12 -8.31 1.11
N VAL B 51 -1.08 -9.19 0.13
CA VAL B 51 -0.72 -8.74 -1.21
C VAL B 51 -1.80 -7.90 -1.85
N TRP B 52 -3.01 -8.32 -1.69
CA TRP B 52 -4.10 -7.63 -2.28
C TRP B 52 -4.21 -6.22 -1.72
N GLY B 53 -4.04 -6.10 -0.40
CA GLY B 53 -4.10 -4.82 0.26
C GLY B 53 -2.98 -3.91 -0.16
N ILE B 54 -1.77 -4.45 -0.34
CA ILE B 54 -0.68 -3.57 -0.69
C ILE B 54 -0.87 -3.09 -2.12
N LYS B 55 -1.37 -3.95 -3.02
CA LYS B 55 -1.54 -3.48 -4.39
C LYS B 55 -2.53 -2.32 -4.44
N GLN B 56 -3.61 -2.40 -3.67
CA GLN B 56 -4.58 -1.33 -3.73
C GLN B 56 -4.01 -0.05 -3.12
N LEU B 57 -3.23 -0.16 -2.05
CA LEU B 57 -2.65 1.05 -1.51
C LEU B 57 -1.68 1.66 -2.46
N GLN B 58 -0.93 0.84 -3.18
CA GLN B 58 0.02 1.38 -4.11
C GLN B 58 -0.70 2.16 -5.18
N ALA B 59 -1.83 1.65 -5.63
CA ALA B 59 -2.59 2.36 -6.64
C ALA B 59 -3.05 3.71 -6.13
N ARG B 60 -3.49 3.77 -4.87
CA ARG B 60 -3.98 5.03 -4.34
C ARG B 60 -2.87 6.05 -4.22
N VAL B 61 -1.72 5.58 -3.78
CA VAL B 61 -0.62 6.48 -3.59
C VAL B 61 -0.14 7.04 -4.89
N LEU B 62 -0.02 6.20 -5.90
CA LEU B 62 0.46 6.69 -7.16
C LEU B 62 -0.53 7.67 -7.76
N ALA B 63 -1.84 7.43 -7.58
CA ALA B 63 -2.80 8.37 -8.11
C ALA B 63 -2.60 9.73 -7.47
N VAL B 64 -2.30 9.75 -6.17
CA VAL B 64 -2.05 10.99 -5.49
C VAL B 64 -0.81 11.64 -6.03
N GLU B 65 0.25 10.87 -6.24
CA GLU B 65 1.45 11.49 -6.73
C GLU B 65 1.21 12.12 -8.10
N ARG B 66 0.44 11.45 -8.97
CA ARG B 66 0.23 12.01 -10.29
C ARG B 66 -0.50 13.33 -10.18
N TYR B 67 -1.49 13.37 -9.30
CA TYR B 67 -2.26 14.57 -9.09
C TYR B 67 -1.37 15.70 -8.67
N LEU B 68 -0.51 15.44 -7.68
CA LEU B 68 0.33 16.49 -7.18
C LEU B 68 1.37 16.93 -8.19
N ARG B 69 1.93 16.04 -9.01
CA ARG B 69 2.91 16.54 -9.95
C ARG B 69 2.26 17.50 -10.93
N ASP B 70 1.04 17.20 -11.38
CA ASP B 70 0.42 18.12 -12.32
C ASP B 70 0.14 19.45 -11.67
N GLN B 71 -0.30 19.44 -10.43
CA GLN B 71 -0.61 20.70 -9.82
C GLN B 71 0.63 21.49 -9.51
N GLN B 72 1.70 20.82 -9.14
CA GLN B 72 2.90 21.55 -8.83
C GLN B 72 3.42 22.24 -10.06
N LEU B 73 3.34 21.56 -11.22
CA LEU B 73 3.84 22.18 -12.42
C LEU B 73 3.03 23.40 -12.79
N LEU B 74 1.72 23.34 -12.65
CA LEU B 74 0.95 24.50 -13.01
C LEU B 74 1.30 25.64 -12.08
N GLY B 75 1.54 25.33 -10.81
CA GLY B 75 1.92 26.36 -9.86
C GLY B 75 3.24 27.02 -10.22
N ILE B 76 4.28 26.22 -10.42
CA ILE B 76 5.60 26.77 -10.71
C ILE B 76 5.67 27.53 -12.02
N TRP B 77 4.82 27.19 -12.97
CA TRP B 77 4.76 27.89 -14.24
C TRP B 77 3.91 29.15 -14.19
N GLY B 78 3.18 29.38 -13.08
CA GLY B 78 2.24 30.50 -12.97
C GLY B 78 0.84 30.29 -13.60
N CYS B 79 0.43 29.03 -13.82
CA CYS B 79 -0.82 28.63 -14.45
C CYS B 79 -1.81 28.01 -13.47
N SER B 80 -1.47 28.01 -12.20
CA SER B 80 -2.37 27.38 -11.26
C SER B 80 -3.67 28.14 -11.16
N GLY B 81 -4.76 27.40 -11.06
CA GLY B 81 -6.08 27.97 -10.91
C GLY B 81 -6.77 28.20 -12.23
N LYS B 82 -6.05 28.02 -13.33
CA LYS B 82 -6.64 28.24 -14.64
C LYS B 82 -6.75 26.92 -15.35
N LEU B 83 -7.72 26.80 -16.24
CA LEU B 83 -7.80 25.60 -17.04
C LEU B 83 -7.05 25.81 -18.36
N ILE B 84 -7.04 27.06 -18.82
CA ILE B 84 -6.29 27.43 -20.01
C ILE B 84 -5.41 28.62 -19.61
N CYS B 85 -4.09 28.50 -19.77
CA CYS B 85 -3.10 29.51 -19.39
C CYS B 85 -2.33 30.10 -20.56
N CYS B 86 -2.37 31.43 -20.65
CA CYS B 86 -1.61 32.16 -21.65
C CYS B 86 -0.29 32.39 -20.91
N THR B 87 0.82 32.14 -21.57
CA THR B 87 2.10 32.31 -20.90
C THR B 87 2.83 33.50 -21.48
N ASN B 88 4.04 33.72 -20.98
CA ASN B 88 4.89 34.77 -21.48
C ASN B 88 6.12 34.20 -22.19
N VAL B 89 5.99 32.99 -22.67
CA VAL B 89 7.04 32.31 -23.42
C VAL B 89 6.57 32.21 -24.86
N PRO B 90 7.34 32.72 -25.85
CA PRO B 90 7.00 32.73 -27.25
C PRO B 90 7.10 31.35 -27.81
N TRP B 91 6.41 31.11 -28.91
CA TRP B 91 6.46 29.84 -29.59
C TRP B 91 7.74 29.85 -30.45
N ASN B 92 8.53 28.77 -30.34
CA ASN B 92 9.75 28.59 -31.19
C ASN B 92 9.32 27.85 -32.47
N SER B 93 9.97 28.17 -33.60
CA SER B 93 9.60 27.56 -34.91
C SER B 93 9.81 26.05 -34.88
N THR B 94 10.87 25.60 -34.21
CA THR B 94 11.21 24.15 -34.22
C THR B 94 10.04 23.34 -33.63
N TRP B 95 9.42 23.83 -32.55
CA TRP B 95 8.27 23.11 -31.94
C TRP B 95 7.34 22.63 -33.05
N SER B 96 6.62 23.54 -33.71
CA SER B 96 5.81 23.14 -34.89
C SER B 96 6.16 24.08 -36.05
N ASN B 97 6.67 23.53 -37.16
CA ASN B 97 6.99 24.38 -38.34
C ASN B 97 5.68 24.68 -39.07
N ARG B 98 4.64 23.93 -38.72
CA ARG B 98 3.25 24.14 -39.22
C ARG B 98 2.73 25.49 -38.74
N ASN B 99 2.06 26.27 -39.62
CA ASN B 99 1.52 27.59 -39.23
C ASN B 99 0.29 27.39 -38.31
N LEU B 100 -0.24 28.47 -37.72
CA LEU B 100 -1.37 28.39 -36.75
C LEU B 100 -2.60 27.78 -37.44
N SER B 101 -2.89 28.18 -38.68
CA SER B 101 -4.18 27.75 -39.27
C SER B 101 -4.38 26.25 -39.03
N GLU B 102 -3.36 25.41 -39.22
CA GLU B 102 -3.64 23.96 -39.10
C GLU B 102 -3.84 23.47 -37.65
N ILE B 103 -3.22 24.08 -36.64
CA ILE B 103 -3.27 23.49 -35.25
C ILE B 103 -4.63 23.41 -34.53
N TRP B 104 -5.45 24.47 -34.47
CA TRP B 104 -6.71 24.41 -33.67
C TRP B 104 -7.71 23.43 -34.29
N ASP B 105 -7.86 23.44 -35.63
CA ASP B 105 -8.90 22.59 -36.26
C ASP B 105 -8.28 21.39 -37.00
N ASN B 106 -7.29 21.63 -37.87
CA ASN B 106 -6.75 20.51 -38.70
C ASN B 106 -6.08 19.45 -37.82
N MET B 107 -5.34 19.87 -36.80
CA MET B 107 -4.60 18.90 -35.95
C MET B 107 -5.56 18.24 -34.96
N THR B 108 -5.17 17.08 -34.43
CA THR B 108 -5.93 16.45 -33.32
C THR B 108 -4.98 16.33 -32.12
N TRP B 109 -5.48 16.62 -30.91
CA TRP B 109 -4.58 16.86 -29.75
C TRP B 109 -3.68 15.65 -29.53
N LEU B 110 -4.24 14.44 -29.64
CA LEU B 110 -3.44 13.20 -29.46
C LEU B 110 -2.39 13.15 -30.57
N GLN B 111 -2.78 13.52 -31.80
CA GLN B 111 -1.81 13.54 -32.92
C GLN B 111 -0.72 14.57 -32.60
N TRP B 112 -1.15 15.76 -32.18
CA TRP B 112 -0.23 16.83 -31.74
C TRP B 112 0.85 16.21 -30.84
N ASP B 113 0.41 15.59 -29.75
CA ASP B 113 1.31 15.16 -28.64
C ASP B 113 2.43 14.30 -29.22
N LYS B 114 2.12 13.44 -30.18
CA LYS B 114 3.18 12.56 -30.76
C LYS B 114 4.29 13.44 -31.36
N GLU B 115 3.92 14.43 -32.18
CA GLU B 115 4.94 15.26 -32.89
C GLU B 115 5.81 16.06 -31.93
N ILE B 116 5.23 16.59 -30.85
CA ILE B 116 5.99 17.52 -29.95
C ILE B 116 6.62 16.76 -28.77
N SER B 117 6.62 15.43 -28.83
CA SER B 117 7.23 14.62 -27.75
C SER B 117 8.64 15.15 -27.45
N ASN B 118 9.44 15.39 -28.49
CA ASN B 118 10.85 15.81 -28.28
C ASN B 118 10.94 17.16 -27.57
N TYR B 119 10.15 18.16 -27.99
CA TYR B 119 10.16 19.46 -27.27
C TYR B 119 9.09 19.47 -26.17
N THR B 120 9.22 18.60 -25.17
CA THR B 120 8.25 18.63 -24.04
C THR B 120 8.92 19.25 -22.81
N GLN B 121 10.11 18.76 -22.44
CA GLN B 121 10.83 19.27 -21.25
C GLN B 121 11.23 20.72 -21.46
N ILE B 122 11.68 21.08 -22.67
CA ILE B 122 12.18 22.46 -22.92
C ILE B 122 11.03 23.44 -22.69
N ILE B 123 9.82 23.11 -23.15
CA ILE B 123 8.64 23.99 -22.93
C ILE B 123 8.57 24.29 -21.43
N TYR B 124 8.76 23.27 -20.60
CA TYR B 124 8.55 23.35 -19.19
C TYR B 124 9.65 24.13 -18.51
N GLY B 125 10.91 23.95 -18.94
CA GLY B 125 11.98 24.68 -18.29
C GLY B 125 11.82 26.18 -18.50
N LEU B 126 11.39 26.57 -19.70
CA LEU B 126 11.19 27.97 -20.00
C LEU B 126 10.08 28.55 -19.17
N LEU B 127 9.02 27.77 -18.96
CA LEU B 127 7.92 28.27 -18.16
C LEU B 127 8.34 28.47 -16.71
N GLU B 128 9.16 27.57 -16.18
CA GLU B 128 9.61 27.73 -14.81
C GLU B 128 10.48 28.96 -14.68
N GLU B 129 11.32 29.17 -15.69
CA GLU B 129 12.21 30.30 -15.61
C GLU B 129 11.48 31.60 -15.75
N SER B 130 10.49 31.67 -16.65
CA SER B 130 9.87 32.95 -16.80
C SER B 130 9.07 33.31 -15.56
N GLN B 131 8.52 32.30 -14.87
CA GLN B 131 7.78 32.61 -13.66
C GLN B 131 8.73 33.10 -12.61
N ASN B 132 9.91 32.49 -12.55
CA ASN B 132 10.90 32.90 -11.58
C ASN B 132 11.28 34.35 -11.80
N GLN B 133 11.45 34.75 -13.06
CA GLN B 133 11.83 36.11 -13.34
C GLN B 133 10.71 37.07 -12.96
N GLN B 134 9.47 36.68 -13.18
CA GLN B 134 8.40 37.57 -12.84
C GLN B 134 8.33 37.82 -11.35
N GLU B 135 8.49 36.77 -10.54
CA GLU B 135 8.40 36.97 -9.10
C GLU B 135 9.58 37.78 -8.62
N LYS B 136 10.73 37.56 -9.23
CA LYS B 136 11.92 38.27 -8.87
C LYS B 136 11.64 39.75 -9.02
N ASN B 137 11.03 40.13 -10.14
CA ASN B 137 10.73 41.51 -10.42
C ASN B 137 9.66 42.09 -9.50
N GLU B 138 8.70 41.27 -9.07
CA GLU B 138 7.64 41.75 -8.17
C GLU B 138 8.21 42.31 -6.88
N GLN B 139 9.31 41.72 -6.42
CA GLN B 139 9.90 42.16 -5.17
C GLN B 139 10.26 43.65 -5.22
N ASP B 140 10.68 44.13 -6.38
CA ASP B 140 11.12 45.50 -6.47
C ASP B 140 10.02 46.45 -6.90
N LEU B 141 8.80 45.94 -7.04
CA LEU B 141 7.72 46.83 -7.37
C LEU B 141 7.17 47.25 -6.03
N LEU B 142 7.27 46.33 -5.08
CA LEU B 142 6.87 46.63 -3.72
C LEU B 142 7.96 47.49 -3.07
N ALA B 143 9.24 47.24 -3.40
CA ALA B 143 10.33 48.01 -2.79
C ALA B 143 10.55 49.34 -3.50
N LEU B 144 9.56 50.25 -3.37
CA LEU B 144 9.48 51.60 -3.94
C LEU B 144 9.72 51.60 -5.45
N ASN C 35 -30.36 40.06 0.19
CA ASN C 35 -29.05 40.45 -0.27
C ASN C 35 -27.95 39.66 0.42
N LEU C 36 -28.18 38.36 0.52
CA LEU C 36 -27.23 37.45 1.12
C LEU C 36 -26.75 36.46 0.10
N TRP C 37 -25.49 36.08 0.23
CA TRP C 37 -24.82 35.13 -0.63
C TRP C 37 -24.09 34.12 0.22
N VAL C 38 -23.81 32.99 -0.38
CA VAL C 38 -23.15 31.88 0.28
C VAL C 38 -21.67 32.10 0.62
N THR C 39 -21.31 31.87 1.88
CA THR C 39 -19.92 31.97 2.30
C THR C 39 -19.42 30.61 2.70
N VAL C 40 -18.28 30.27 2.15
CA VAL C 40 -17.65 29.02 2.42
C VAL C 40 -16.50 29.27 3.40
N TYR C 41 -16.46 28.49 4.47
CA TYR C 41 -15.46 28.64 5.52
C TYR C 41 -14.67 27.36 5.69
N TYR C 42 -13.37 27.47 5.93
CA TYR C 42 -12.59 26.26 6.19
C TYR C 42 -11.83 26.29 7.51
N GLY C 43 -11.91 25.20 8.27
CA GLY C 43 -11.27 25.05 9.57
C GLY C 43 -12.29 25.29 10.67
N VAL C 44 -13.56 25.03 10.36
CA VAL C 44 -14.64 25.27 11.31
C VAL C 44 -14.74 24.14 12.37
N PRO C 45 -14.99 24.45 13.64
CA PRO C 45 -15.04 23.53 14.77
C PRO C 45 -16.29 22.68 14.92
N VAL C 46 -16.54 21.81 13.96
CA VAL C 46 -17.69 20.92 14.08
C VAL C 46 -17.25 19.50 13.85
N TRP C 47 -18.07 18.56 14.23
CA TRP C 47 -17.77 17.16 14.07
C TRP C 47 -18.99 16.30 13.95
N LYS C 48 -18.76 15.08 13.50
CA LYS C 48 -19.77 14.06 13.39
C LYS C 48 -19.26 12.79 14.02
N ASP C 49 -20.14 12.00 14.60
CA ASP C 49 -19.67 10.75 15.16
C ASP C 49 -19.08 9.91 14.07
N ALA C 50 -17.97 9.22 14.37
CA ALA C 50 -17.42 8.37 13.33
C ALA C 50 -16.66 7.21 13.92
N GLU C 51 -16.61 6.12 13.19
CA GLU C 51 -15.83 4.99 13.64
C GLU C 51 -14.49 4.96 12.96
N THR C 52 -13.43 5.01 13.74
CA THR C 52 -12.11 4.98 13.17
C THR C 52 -11.21 4.05 13.94
N THR C 53 -9.99 3.92 13.46
CA THR C 53 -9.00 3.08 14.09
C THR C 53 -8.11 3.90 15.00
N LEU C 54 -7.99 3.47 16.24
CA LEU C 54 -7.16 4.18 17.20
C LEU C 54 -5.83 3.50 17.35
N PHE C 55 -4.81 4.25 17.73
CA PHE C 55 -3.52 3.61 17.95
C PHE C 55 -3.21 3.77 19.41
N CYS C 56 -2.33 2.92 19.97
CA CYS C 56 -2.01 2.95 21.39
C CYS C 56 -0.66 3.60 21.68
N ALA C 57 -0.51 3.99 22.94
CA ALA C 57 0.69 4.56 23.50
C ALA C 57 0.89 4.08 24.95
N SER C 58 2.15 4.14 25.40
CA SER C 58 2.50 3.73 26.76
C SER C 58 3.57 4.61 27.38
N ASP C 59 3.82 4.45 28.68
CA ASP C 59 4.79 5.31 29.37
C ASP C 59 6.27 4.84 29.35
N ALA C 60 6.53 3.51 29.27
CA ALA C 60 7.86 2.87 29.31
C ALA C 60 8.54 3.16 30.65
N HIS C 68 9.86 -7.68 28.63
CA HIS C 68 9.37 -8.28 27.38
C HIS C 68 7.84 -8.54 27.43
N ASN C 69 7.11 -7.55 27.99
CA ASN C 69 5.66 -7.50 28.13
C ASN C 69 4.97 -7.32 26.79
N VAL C 70 3.92 -8.12 26.56
CA VAL C 70 3.24 -8.11 25.27
C VAL C 70 2.52 -6.81 24.99
N TRP C 71 2.04 -6.15 26.03
CA TRP C 71 1.33 -4.92 25.83
C TRP C 71 2.35 -3.87 25.53
N ALA C 72 3.47 -3.95 26.24
CA ALA C 72 4.48 -2.93 26.09
C ALA C 72 5.07 -2.90 24.69
N THR C 73 5.29 -4.07 24.09
CA THR C 73 5.94 -4.11 22.79
C THR C 73 5.00 -3.73 21.68
N HIS C 74 3.74 -3.61 21.98
CA HIS C 74 2.78 -3.25 20.97
C HIS C 74 2.55 -1.74 20.81
N CYS C 75 2.98 -0.92 21.82
CA CYS C 75 2.69 0.50 21.90
C CYS C 75 4.03 1.20 21.94
N CYS C 76 4.60 1.37 20.75
CA CYS C 76 5.95 1.91 20.61
C CYS C 76 5.90 3.43 20.69
N VAL C 77 4.69 3.93 20.68
CA VAL C 77 4.41 5.32 20.77
C VAL C 77 4.41 5.69 22.24
N PRO C 78 5.20 6.65 22.68
CA PRO C 78 5.22 7.11 24.03
C PRO C 78 4.01 7.95 24.26
N THR C 79 3.56 8.02 25.48
CA THR C 79 2.50 8.92 25.85
C THR C 79 2.99 10.34 25.98
N ASP C 80 2.03 11.25 25.98
CA ASP C 80 2.27 12.67 26.20
C ASP C 80 2.29 12.92 27.69
N PRO C 81 3.40 13.34 28.31
CA PRO C 81 3.52 13.58 29.73
C PRO C 81 2.51 14.62 30.23
N ASN C 82 2.00 15.46 29.32
CA ASN C 82 1.05 16.49 29.68
C ASN C 82 -0.13 16.55 28.72
N PRO C 83 -1.11 15.64 28.81
CA PRO C 83 -2.27 15.58 27.95
C PRO C 83 -2.99 16.90 28.11
N GLN C 84 -3.59 17.41 27.05
CA GLN C 84 -4.27 18.68 27.19
C GLN C 84 -5.75 18.57 27.11
N GLU C 85 -6.39 18.67 28.25
CA GLU C 85 -7.83 18.53 28.25
C GLU C 85 -8.44 19.87 27.96
N ILE C 86 -9.19 19.93 26.89
CA ILE C 86 -9.77 21.20 26.48
C ILE C 86 -11.22 21.23 26.83
N HIS C 87 -11.59 22.12 27.73
CA HIS C 87 -12.98 22.20 28.13
C HIS C 87 -13.76 22.80 27.00
N LEU C 88 -14.93 22.26 26.68
CA LEU C 88 -15.70 22.90 25.64
C LEU C 88 -16.82 23.73 26.23
N GLU C 89 -16.64 25.03 26.21
CA GLU C 89 -17.65 25.87 26.78
C GLU C 89 -18.91 25.71 25.97
N ASN C 90 -19.99 25.47 26.70
CA ASN C 90 -21.38 25.37 26.16
C ASN C 90 -21.45 24.28 25.09
N VAL C 91 -20.84 23.12 25.35
CA VAL C 91 -21.12 21.99 24.48
C VAL C 91 -21.82 20.89 25.22
N THR C 92 -22.99 20.53 24.70
CA THR C 92 -23.79 19.45 25.26
C THR C 92 -23.61 18.32 24.30
N GLU C 93 -23.34 17.14 24.80
CA GLU C 93 -23.11 16.04 23.87
C GLU C 93 -23.66 14.73 24.40
N GLU C 94 -24.08 13.88 23.46
CA GLU C 94 -24.64 12.56 23.77
C GLU C 94 -23.64 11.45 23.64
N PHE C 95 -23.58 10.66 24.69
CA PHE C 95 -22.67 9.54 24.75
C PHE C 95 -23.48 8.28 24.87
N ASN C 96 -22.98 7.17 24.37
CA ASN C 96 -23.68 5.91 24.50
C ASN C 96 -22.68 4.78 24.62
N MET C 97 -22.49 4.31 25.83
CA MET C 97 -21.47 3.31 26.08
C MET C 97 -21.86 1.98 25.47
N TRP C 98 -23.14 1.78 25.23
CA TRP C 98 -23.62 0.50 24.80
C TRP C 98 -23.44 0.33 23.32
N LYS C 99 -23.04 1.41 22.64
CA LYS C 99 -22.83 1.42 21.21
C LYS C 99 -21.46 1.97 20.90
N ASN C 100 -20.58 1.98 21.88
CA ASN C 100 -19.26 2.55 21.73
C ASN C 100 -18.31 1.63 20.96
N ASN C 101 -17.86 2.06 19.79
CA ASN C 101 -17.04 1.22 18.92
C ASN C 101 -15.67 0.98 19.49
N MET C 102 -15.29 1.74 20.50
CA MET C 102 -13.99 1.58 21.09
C MET C 102 -13.93 0.28 21.84
N VAL C 103 -15.09 -0.28 22.17
CA VAL C 103 -15.12 -1.52 22.89
C VAL C 103 -14.67 -2.59 21.93
N GLU C 104 -15.21 -2.54 20.73
CA GLU C 104 -14.84 -3.48 19.72
C GLU C 104 -13.41 -3.30 19.32
N GLN C 105 -12.94 -2.05 19.31
CA GLN C 105 -11.56 -1.82 18.96
C GLN C 105 -10.65 -2.43 20.00
N MET C 106 -11.00 -2.26 21.27
CA MET C 106 -10.18 -2.80 22.33
C MET C 106 -10.18 -4.30 22.26
N HIS C 107 -11.33 -4.88 21.96
CA HIS C 107 -11.46 -6.30 21.87
C HIS C 107 -10.63 -6.87 20.76
N THR C 108 -10.73 -6.29 19.59
CA THR C 108 -10.01 -6.85 18.49
C THR C 108 -8.54 -6.80 18.76
N ASP C 109 -8.05 -5.68 19.28
CA ASP C 109 -6.63 -5.57 19.50
C ASP C 109 -6.15 -6.52 20.57
N ILE C 110 -6.94 -6.70 21.61
CA ILE C 110 -6.53 -7.60 22.66
C ILE C 110 -6.49 -9.04 22.23
N ILE C 111 -7.52 -9.48 21.53
CA ILE C 111 -7.56 -10.86 21.14
C ILE C 111 -6.44 -11.12 20.16
N SER C 112 -6.27 -10.21 19.20
CA SER C 112 -5.24 -10.37 18.20
C SER C 112 -3.87 -10.37 18.83
N LEU C 113 -3.61 -9.46 19.76
CA LEU C 113 -2.30 -9.40 20.37
C LEU C 113 -2.03 -10.65 21.14
N TRP C 114 -3.02 -11.15 21.86
CA TRP C 114 -2.81 -12.33 22.63
C TRP C 114 -2.29 -13.44 21.71
N ASP C 115 -2.96 -13.63 20.57
CA ASP C 115 -2.51 -14.68 19.68
C ASP C 115 -1.16 -14.39 19.09
N GLN C 116 -0.88 -13.13 18.77
CA GLN C 116 0.39 -12.80 18.17
C GLN C 116 1.52 -13.15 19.10
N SER C 117 1.30 -12.96 20.38
CA SER C 117 2.28 -13.27 21.39
C SER C 117 2.59 -14.75 21.41
N LEU C 118 1.56 -15.58 21.25
CA LEU C 118 1.70 -17.02 21.31
C LEU C 118 2.18 -17.67 20.01
N LYS C 119 1.99 -17.01 18.88
CA LYS C 119 2.40 -17.58 17.61
C LYS C 119 3.79 -18.24 17.60
N PRO C 120 4.88 -17.60 18.07
CA PRO C 120 6.22 -18.16 18.04
C PRO C 120 6.62 -19.17 19.15
N CYS C 121 5.69 -19.54 20.06
CA CYS C 121 5.99 -20.39 21.22
C CYS C 121 5.87 -21.88 20.85
N VAL C 122 6.48 -22.72 21.67
CA VAL C 122 6.50 -24.17 21.46
C VAL C 122 5.13 -24.83 21.56
N LYS C 123 4.86 -25.67 20.56
CA LYS C 123 3.64 -26.44 20.41
C LYS C 123 3.71 -27.67 21.28
N LEU C 124 2.59 -28.11 21.87
CA LEU C 124 2.61 -29.27 22.73
C LEU C 124 2.06 -30.55 22.13
N THR C 125 1.86 -30.58 20.83
CA THR C 125 1.32 -31.77 20.18
C THR C 125 1.99 -33.08 20.63
N PRO C 126 3.34 -33.18 20.73
CA PRO C 126 4.06 -34.38 21.12
C PRO C 126 3.66 -34.94 22.48
N LEU C 127 3.00 -34.15 23.31
CA LEU C 127 2.60 -34.62 24.63
C LEU C 127 1.18 -35.24 24.69
N CYS C 128 0.43 -35.29 23.56
CA CYS C 128 -0.92 -35.86 23.53
C CYS C 128 -0.84 -37.39 23.38
N VAL C 129 -0.53 -37.99 24.51
CA VAL C 129 -0.30 -39.41 24.65
C VAL C 129 -1.10 -39.97 25.80
N THR C 130 -1.18 -41.30 25.89
CA THR C 130 -1.86 -41.86 27.04
C THR C 130 -1.00 -41.66 28.27
N LEU C 131 -1.61 -41.18 29.32
CA LEU C 131 -0.93 -40.93 30.56
C LEU C 131 -1.22 -42.06 31.52
N GLN C 132 -0.22 -42.45 32.29
CA GLN C 132 -0.38 -43.45 33.33
C GLN C 132 -0.46 -42.65 34.60
N CYS C 133 -1.64 -42.60 35.28
CA CYS C 133 -1.87 -41.69 36.41
C CYS C 133 -2.30 -42.41 37.67
N THR C 134 -1.86 -41.83 38.77
CA THR C 134 -2.24 -42.17 40.12
C THR C 134 -2.52 -40.86 40.86
N ASN C 135 -3.06 -40.92 42.09
CA ASN C 135 -3.29 -39.75 42.94
C ASN C 135 -1.99 -39.39 43.66
N VAL C 136 -1.80 -38.07 43.97
CA VAL C 136 -0.75 -37.67 44.90
C VAL C 136 -1.38 -37.89 46.26
N THR C 137 -0.72 -38.62 47.14
CA THR C 137 -1.33 -38.86 48.43
C THR C 137 -0.56 -38.30 49.62
N ASN C 138 0.75 -38.07 49.48
CA ASN C 138 1.48 -37.60 50.63
C ASN C 138 1.38 -36.10 50.78
N ASN C 139 1.51 -35.66 52.02
CA ASN C 139 1.54 -34.28 52.43
C ASN C 139 0.30 -33.50 51.99
N ILE C 140 -0.87 -34.12 52.01
CA ILE C 140 -2.09 -33.44 51.58
C ILE C 140 -3.04 -33.20 52.71
N THR C 141 -3.52 -31.97 52.80
CA THR C 141 -4.43 -31.59 53.84
C THR C 141 -5.83 -32.11 53.52
N ASP C 142 -6.73 -32.00 54.48
CA ASP C 142 -8.08 -32.55 54.35
C ASP C 142 -8.95 -31.99 53.23
N ASP C 143 -8.62 -30.81 52.71
CA ASP C 143 -9.48 -30.19 51.71
C ASP C 143 -9.19 -30.60 50.25
N MET C 144 -7.94 -30.87 49.92
CA MET C 144 -7.63 -31.16 48.53
C MET C 144 -7.85 -32.62 48.25
N ARG C 145 -9.10 -32.99 48.10
CA ARG C 145 -9.47 -34.39 48.02
C ARG C 145 -9.28 -35.04 46.66
N GLY C 146 -8.00 -35.24 46.31
CA GLY C 146 -7.57 -35.88 45.07
C GLY C 146 -7.54 -34.99 43.83
N GLU C 147 -7.46 -33.69 44.01
CA GLU C 147 -7.44 -32.79 42.86
C GLU C 147 -6.10 -32.79 42.17
N LEU C 148 -5.05 -33.15 42.89
CA LEU C 148 -3.73 -33.18 42.32
C LEU C 148 -3.36 -34.59 41.89
N LYS C 149 -3.04 -34.73 40.61
CA LYS C 149 -2.71 -36.01 40.00
C LYS C 149 -1.22 -36.12 39.66
N ASN C 150 -0.68 -37.35 39.71
CA ASN C 150 0.69 -37.73 39.37
C ASN C 150 0.69 -38.68 38.17
N CYS C 151 1.13 -38.18 36.99
CA CYS C 151 1.07 -38.93 35.72
C CYS C 151 2.45 -39.09 35.11
N SER C 152 2.63 -40.18 34.39
CA SER C 152 3.86 -40.41 33.66
C SER C 152 3.59 -40.93 32.28
N PHE C 153 4.53 -40.64 31.39
CA PHE C 153 4.37 -41.00 30.01
C PHE C 153 5.65 -41.10 29.19
N ASN C 154 5.55 -41.78 28.03
CA ASN C 154 6.56 -41.93 26.98
C ASN C 154 6.45 -40.76 25.98
N MET C 155 7.53 -39.95 25.86
CA MET C 155 7.60 -38.74 25.00
C MET C 155 8.91 -38.63 24.25
N THR C 156 8.96 -37.67 23.32
CA THR C 156 10.14 -37.47 22.47
C THR C 156 11.28 -36.81 23.18
N THR C 157 12.41 -36.92 22.50
CA THR C 157 13.71 -36.37 22.80
C THR C 157 14.22 -35.78 21.50
N GLU C 158 15.43 -35.21 21.50
CA GLU C 158 15.96 -34.61 20.27
C GLU C 158 16.19 -35.59 19.14
N LEU C 159 16.73 -36.76 19.42
CA LEU C 159 16.95 -37.65 18.30
C LEU C 159 15.67 -38.43 18.12
N ARG C 160 15.32 -38.70 16.86
CA ARG C 160 14.12 -39.51 16.58
C ARG C 160 14.18 -40.91 17.15
N ASP C 161 15.39 -41.39 17.30
CA ASP C 161 15.69 -42.74 17.75
C ASP C 161 15.68 -42.91 19.25
N LYS C 162 15.47 -41.83 19.99
CA LYS C 162 15.49 -41.93 21.43
C LYS C 162 14.15 -41.52 22.00
N LYS C 163 13.81 -42.07 23.16
CA LYS C 163 12.59 -41.72 23.86
C LYS C 163 12.89 -41.57 25.33
N GLN C 164 12.07 -40.82 26.02
CA GLN C 164 12.24 -40.66 27.46
C GLN C 164 10.93 -40.86 28.18
N LYS C 165 11.03 -41.27 29.43
CA LYS C 165 9.85 -41.41 30.25
C LYS C 165 9.95 -40.40 31.37
N VAL C 166 8.92 -39.62 31.52
CA VAL C 166 8.91 -38.57 32.52
C VAL C 166 7.66 -38.62 33.34
N TYR C 167 7.66 -37.92 34.46
CA TYR C 167 6.44 -37.79 35.20
C TYR C 167 6.27 -36.32 35.51
N SER C 168 5.05 -35.93 35.75
CA SER C 168 4.72 -34.56 36.13
C SER C 168 3.40 -34.49 36.85
N LEU C 169 3.13 -33.35 37.47
CA LEU C 169 1.87 -33.22 38.15
C LEU C 169 0.86 -32.42 37.36
N PHE C 170 -0.40 -32.79 37.56
CA PHE C 170 -1.55 -32.21 36.88
C PHE C 170 -2.71 -31.87 37.77
N TYR C 171 -3.53 -30.95 37.32
CA TYR C 171 -4.74 -30.69 38.06
C TYR C 171 -5.85 -31.52 37.44
N ARG C 172 -6.74 -32.04 38.27
CA ARG C 172 -7.88 -32.84 37.82
C ARG C 172 -8.66 -32.19 36.70
N LEU C 173 -8.82 -30.89 36.74
CA LEU C 173 -9.62 -30.19 35.76
C LEU C 173 -9.16 -30.34 34.31
N ASP C 174 -7.87 -30.62 34.10
CA ASP C 174 -7.34 -30.74 32.75
C ASP C 174 -7.13 -32.18 32.26
N VAL C 175 -7.48 -33.17 33.08
CA VAL C 175 -7.22 -34.56 32.70
C VAL C 175 -8.47 -35.43 32.70
N VAL C 176 -8.67 -36.18 31.63
CA VAL C 176 -9.84 -37.04 31.51
C VAL C 176 -9.52 -38.50 31.39
N GLN C 177 -10.25 -39.31 32.15
CA GLN C 177 -10.06 -40.75 32.13
C GLN C 177 -10.54 -41.39 30.86
N ILE C 178 -9.76 -42.34 30.39
CA ILE C 178 -10.08 -43.12 29.22
C ILE C 178 -10.91 -44.33 29.69
N ASN C 179 -12.10 -44.55 29.10
CA ASN C 179 -13.06 -45.63 29.40
C ASN C 179 -13.63 -45.44 30.82
N LYS C 191 -6.17 -46.22 35.30
CA LYS C 191 -4.77 -45.84 35.17
C LYS C 191 -4.54 -45.01 33.92
N GLU C 192 -5.37 -45.19 32.89
CA GLU C 192 -5.17 -44.51 31.62
C GLU C 192 -6.04 -43.27 31.45
N TYR C 193 -5.36 -42.16 31.25
CA TYR C 193 -5.92 -40.83 31.12
C TYR C 193 -5.34 -40.07 29.95
N ARG C 194 -6.01 -39.05 29.48
CA ARG C 194 -5.45 -38.20 28.45
C ARG C 194 -5.70 -36.73 28.76
N LEU C 195 -4.98 -35.86 28.09
CA LEU C 195 -5.24 -34.46 28.23
C LEU C 195 -6.59 -34.17 27.61
N ILE C 196 -7.36 -33.32 28.25
CA ILE C 196 -8.70 -33.03 27.75
C ILE C 196 -8.83 -32.48 26.36
N ASN C 197 -7.93 -31.63 25.95
CA ASN C 197 -8.14 -31.03 24.64
C ASN C 197 -7.55 -31.78 23.42
N CYS C 198 -7.12 -33.08 23.56
CA CYS C 198 -6.56 -33.90 22.47
C CYS C 198 -7.46 -34.13 21.26
N ASN C 199 -8.75 -34.15 21.43
CA ASN C 199 -9.61 -34.39 20.27
C ASN C 199 -9.96 -33.09 19.53
N THR C 200 -10.17 -32.00 20.29
CA THR C 200 -10.61 -30.68 19.84
C THR C 200 -9.58 -29.76 19.18
N SER C 201 -8.40 -29.56 19.76
CA SER C 201 -7.49 -28.59 19.10
C SER C 201 -6.03 -28.68 19.54
N ALA C 202 -5.17 -27.99 18.82
CA ALA C 202 -3.77 -27.94 19.20
C ALA C 202 -3.61 -27.14 20.46
N ILE C 203 -2.67 -27.53 21.30
CA ILE C 203 -2.40 -26.78 22.50
C ILE C 203 -0.98 -26.29 22.39
N THR C 204 -0.74 -25.02 22.65
CA THR C 204 0.63 -24.56 22.66
C THR C 204 0.95 -24.13 24.08
N GLN C 205 2.23 -24.00 24.42
CA GLN C 205 2.58 -23.52 25.75
C GLN C 205 3.01 -22.09 25.64
N ALA C 206 2.58 -21.27 26.56
CA ALA C 206 3.01 -19.89 26.49
C ALA C 206 4.49 -19.84 26.80
N CYS C 207 5.24 -18.91 26.18
CA CYS C 207 6.66 -18.67 26.41
C CYS C 207 6.87 -18.15 27.85
N PRO C 208 7.76 -18.76 28.63
CA PRO C 208 8.01 -18.44 30.04
C PRO C 208 8.62 -17.07 30.22
N LYS C 209 9.17 -16.53 29.14
CA LYS C 209 9.81 -15.25 29.15
C LYS C 209 8.86 -14.12 28.79
N VAL C 210 7.62 -14.46 28.47
CA VAL C 210 6.67 -13.45 28.04
C VAL C 210 5.64 -13.11 29.10
N SER C 211 5.60 -11.83 29.43
CA SER C 211 4.67 -11.33 30.40
C SER C 211 3.42 -10.73 29.82
N PHE C 212 2.30 -11.17 30.35
CA PHE C 212 1.00 -10.70 29.93
C PHE C 212 0.39 -9.75 30.95
N GLU C 213 1.20 -9.33 31.91
CA GLU C 213 0.72 -8.45 32.96
C GLU C 213 0.15 -7.15 32.39
N PRO C 214 -1.09 -6.76 32.71
CA PRO C 214 -1.71 -5.55 32.22
C PRO C 214 -0.92 -4.29 32.57
N ILE C 215 -0.83 -3.40 31.59
CA ILE C 215 -0.19 -2.10 31.64
C ILE C 215 -1.27 -1.15 31.26
N PRO C 216 -1.46 -0.01 31.91
CA PRO C 216 -2.47 0.90 31.47
C PRO C 216 -2.08 1.35 30.09
N ILE C 217 -2.96 1.19 29.13
CA ILE C 217 -2.69 1.58 27.75
C ILE C 217 -3.57 2.72 27.33
N HIS C 218 -2.96 3.70 26.69
CA HIS C 218 -3.68 4.89 26.27
C HIS C 218 -4.01 4.84 24.79
N TYR C 219 -5.26 5.07 24.42
CA TYR C 219 -5.57 5.11 22.99
C TYR C 219 -5.66 6.54 22.49
N CYS C 220 -5.04 6.79 21.34
CA CYS C 220 -4.87 8.09 20.71
C CYS C 220 -5.58 8.17 19.36
N ALA C 221 -6.21 9.32 19.14
CA ALA C 221 -6.93 9.56 17.89
C ALA C 221 -5.95 9.88 16.77
N PRO C 222 -6.24 9.48 15.53
CA PRO C 222 -5.53 9.86 14.33
C PRO C 222 -5.85 11.30 14.00
N ALA C 223 -5.00 11.94 13.23
CA ALA C 223 -5.29 13.32 12.86
C ALA C 223 -6.61 13.38 12.13
N GLY C 224 -7.39 14.42 12.45
CA GLY C 224 -8.70 14.61 11.85
C GLY C 224 -9.79 14.13 12.79
N PHE C 225 -9.38 13.49 13.88
CA PHE C 225 -10.28 12.97 14.89
C PHE C 225 -9.95 13.48 16.29
N ALA C 226 -10.95 13.46 17.15
CA ALA C 226 -10.75 13.86 18.54
C ALA C 226 -11.55 13.01 19.49
N ILE C 227 -11.07 12.90 20.73
CA ILE C 227 -11.78 12.11 21.70
C ILE C 227 -12.55 12.99 22.64
N LEU C 228 -13.85 12.81 22.66
CA LEU C 228 -14.72 13.61 23.48
C LEU C 228 -15.07 12.84 24.71
N LYS C 229 -14.86 13.47 25.84
CA LYS C 229 -15.13 12.85 27.11
C LYS C 229 -16.25 13.57 27.82
N CYS C 230 -17.05 12.80 28.59
CA CYS C 230 -18.05 13.35 29.50
C CYS C 230 -17.40 13.42 30.87
N LYS C 231 -17.23 14.64 31.33
CA LYS C 231 -16.55 14.93 32.60
C LYS C 231 -17.58 15.38 33.59
N ASP C 232 -18.82 15.07 33.29
CA ASP C 232 -19.93 15.43 34.12
C ASP C 232 -19.92 14.42 35.23
N LYS C 233 -20.84 14.52 36.15
CA LYS C 233 -20.76 13.59 37.26
C LYS C 233 -21.88 12.61 37.28
N LYS C 234 -21.50 11.39 37.57
CA LYS C 234 -22.44 10.31 37.71
C LYS C 234 -23.29 10.21 36.47
N PHE C 235 -22.62 10.35 35.33
CA PHE C 235 -23.26 10.25 34.05
C PHE C 235 -23.81 8.84 33.87
N ASN C 236 -25.04 8.75 33.33
CA ASN C 236 -25.86 7.55 33.10
C ASN C 236 -25.24 6.52 32.13
N GLY C 237 -24.36 6.96 31.18
CA GLY C 237 -23.72 6.10 30.16
C GLY C 237 -24.52 6.13 28.88
N THR C 238 -25.56 6.92 28.92
CA THR C 238 -26.46 7.13 27.81
C THR C 238 -27.08 8.50 27.88
N GLY C 239 -27.43 9.05 26.73
CA GLY C 239 -28.06 10.34 26.70
C GLY C 239 -27.02 11.45 26.80
N PRO C 240 -27.46 12.70 26.80
CA PRO C 240 -26.67 13.90 26.86
C PRO C 240 -26.08 14.15 28.24
N CYS C 241 -24.99 14.94 28.29
CA CYS C 241 -24.42 15.50 29.51
C CYS C 241 -23.91 16.87 29.12
N THR C 242 -23.68 17.72 30.12
CA THR C 242 -23.26 19.10 29.78
C THR C 242 -21.81 19.48 30.07
N ASN C 243 -21.12 18.63 30.82
CA ASN C 243 -19.65 18.76 31.09
C ASN C 243 -18.91 17.91 30.06
N VAL C 244 -18.40 18.57 29.03
CA VAL C 244 -17.74 17.91 27.90
C VAL C 244 -16.41 18.59 27.61
N SER C 245 -15.40 17.78 27.37
CA SER C 245 -14.05 18.23 27.06
C SER C 245 -13.40 17.30 26.06
N THR C 246 -12.31 17.71 25.45
CA THR C 246 -11.62 16.80 24.54
C THR C 246 -10.18 16.55 24.90
N VAL C 247 -9.73 15.38 24.49
CA VAL C 247 -8.35 14.98 24.66
C VAL C 247 -7.77 14.41 23.38
N GLN C 248 -6.45 14.32 23.38
CA GLN C 248 -5.74 13.72 22.28
C GLN C 248 -5.70 12.18 22.38
N CYS C 249 -5.57 11.67 23.65
CA CYS C 249 -5.45 10.29 24.03
C CYS C 249 -6.28 10.09 25.29
N THR C 250 -6.73 8.88 25.48
CA THR C 250 -7.48 8.50 26.66
C THR C 250 -6.46 8.30 27.74
N HIS C 251 -6.94 8.14 28.96
CA HIS C 251 -6.05 7.83 30.05
C HIS C 251 -5.69 6.39 29.88
N GLY C 252 -4.81 5.87 30.70
CA GLY C 252 -4.49 4.51 30.44
C GLY C 252 -5.45 3.58 31.14
N ILE C 253 -5.90 2.57 30.41
CA ILE C 253 -6.75 1.55 30.97
C ILE C 253 -6.05 0.23 30.92
N LYS C 254 -5.94 -0.44 32.05
CA LYS C 254 -5.33 -1.74 32.02
C LYS C 254 -6.26 -2.74 31.35
N PRO C 255 -5.75 -3.61 30.47
CA PRO C 255 -6.50 -4.65 29.81
C PRO C 255 -6.72 -5.80 30.74
N VAL C 256 -7.53 -5.54 31.75
CA VAL C 256 -7.84 -6.51 32.76
C VAL C 256 -8.79 -7.53 32.23
N VAL C 257 -8.47 -8.77 32.51
CA VAL C 257 -9.29 -9.87 32.10
C VAL C 257 -9.86 -10.52 33.35
N SER C 258 -11.16 -10.52 33.45
CA SER C 258 -11.85 -11.13 34.57
C SER C 258 -13.25 -11.46 34.15
N THR C 259 -13.94 -12.29 34.92
CA THR C 259 -15.30 -12.64 34.54
C THR C 259 -16.40 -12.12 35.45
N GLN C 260 -16.81 -12.86 36.48
CA GLN C 260 -17.93 -12.36 37.28
C GLN C 260 -17.63 -11.08 38.10
N LEU C 261 -16.40 -10.92 38.59
CA LEU C 261 -16.19 -9.68 39.37
C LEU C 261 -15.07 -8.83 38.75
N LEU C 262 -15.28 -7.52 38.79
CA LEU C 262 -14.49 -6.51 38.07
C LEU C 262 -13.45 -5.87 38.96
N LEU C 263 -12.20 -6.02 38.56
CA LEU C 263 -11.08 -5.53 39.33
C LEU C 263 -10.29 -4.36 38.70
N ASN C 264 -9.70 -3.50 39.58
CA ASN C 264 -8.77 -2.39 39.36
C ASN C 264 -9.29 -1.31 38.35
N GLY C 265 -10.60 -0.95 38.41
CA GLY C 265 -11.24 0.07 37.56
C GLY C 265 -11.68 1.33 38.34
N SER C 266 -12.76 1.93 37.84
CA SER C 266 -13.41 3.17 38.33
C SER C 266 -14.04 3.07 39.71
N LEU C 267 -14.00 4.17 40.47
CA LEU C 267 -14.63 4.24 41.79
C LEU C 267 -15.97 4.98 41.79
N ALA C 268 -16.54 5.16 40.60
CA ALA C 268 -17.89 5.70 40.42
C ALA C 268 -18.17 7.06 41.06
N GLU C 269 -17.22 7.97 41.08
CA GLU C 269 -17.46 9.29 41.67
C GLU C 269 -18.05 9.25 43.09
N GLU C 270 -17.65 8.28 43.91
CA GLU C 270 -18.12 8.14 45.29
C GLU C 270 -19.63 7.89 45.47
N GLU C 271 -20.25 7.16 44.55
CA GLU C 271 -21.64 6.73 44.71
C GLU C 271 -21.83 5.46 43.92
N VAL C 272 -22.69 4.55 44.34
CA VAL C 272 -22.85 3.39 43.49
C VAL C 272 -23.64 3.72 42.23
N ILE C 273 -23.10 3.32 41.09
CA ILE C 273 -23.80 3.58 39.86
C ILE C 273 -24.24 2.29 39.21
N ILE C 274 -25.53 2.21 38.93
CA ILE C 274 -26.10 1.04 38.31
C ILE C 274 -26.28 1.36 36.84
N ARG C 275 -25.67 0.56 35.97
CA ARG C 275 -25.74 0.83 34.55
C ARG C 275 -26.29 -0.34 33.76
N SER C 276 -27.15 -0.06 32.81
CA SER C 276 -27.65 -1.13 31.97
C SER C 276 -28.12 -0.58 30.66
N GLU C 277 -27.92 -1.31 29.59
CA GLU C 277 -28.45 -0.84 28.31
C GLU C 277 -29.99 -0.72 28.36
N ASN C 278 -30.64 -1.70 29.01
CA ASN C 278 -32.07 -1.86 29.24
C ASN C 278 -32.25 -2.43 30.65
N ILE C 279 -32.46 -1.55 31.67
CA ILE C 279 -32.53 -1.91 33.10
C ILE C 279 -33.70 -2.82 33.44
N THR C 280 -34.76 -2.74 32.63
CA THR C 280 -35.93 -3.56 32.84
C THR C 280 -35.85 -4.89 32.11
N ASN C 281 -34.78 -5.14 31.36
CA ASN C 281 -34.63 -6.41 30.66
C ASN C 281 -33.78 -7.31 31.54
N ASN C 282 -34.39 -8.35 32.06
CA ASN C 282 -33.74 -9.22 33.02
C ASN C 282 -32.55 -9.95 32.42
N ALA C 283 -32.59 -10.12 31.10
CA ALA C 283 -31.60 -10.85 30.34
C ALA C 283 -30.37 -10.02 30.05
N LYS C 284 -30.39 -8.74 30.38
CA LYS C 284 -29.24 -7.91 30.11
C LYS C 284 -28.35 -7.87 31.32
N ASN C 285 -27.09 -7.62 31.06
CA ASN C 285 -26.15 -7.50 32.16
C ASN C 285 -26.25 -6.14 32.79
N ILE C 286 -26.26 -6.13 34.10
CA ILE C 286 -26.26 -4.92 34.85
C ILE C 286 -24.88 -4.72 35.39
N LEU C 287 -24.31 -3.62 35.02
CA LEU C 287 -22.99 -3.27 35.40
C LEU C 287 -23.00 -2.42 36.62
N VAL C 288 -22.28 -2.86 37.62
CA VAL C 288 -22.26 -2.09 38.84
C VAL C 288 -20.89 -1.50 39.08
N GLN C 289 -20.87 -0.19 39.20
CA GLN C 289 -19.66 0.56 39.48
C GLN C 289 -19.73 1.02 40.92
N LEU C 290 -18.81 0.56 41.72
CA LEU C 290 -18.87 0.82 43.13
C LEU C 290 -18.32 2.19 43.54
N ASN C 291 -18.88 2.70 44.65
CA ASN C 291 -18.60 3.94 45.38
C ASN C 291 -17.15 4.02 45.89
N GLU C 292 -16.59 2.87 46.34
CA GLU C 292 -15.26 2.69 46.89
C GLU C 292 -14.87 1.28 46.57
N SER C 293 -13.58 0.98 46.53
CA SER C 293 -13.18 -0.40 46.28
C SER C 293 -13.22 -1.27 47.51
N VAL C 294 -13.25 -2.57 47.26
CA VAL C 294 -13.19 -3.57 48.32
C VAL C 294 -11.91 -4.37 48.12
N GLN C 295 -11.08 -4.45 49.15
CA GLN C 295 -9.83 -5.16 48.97
C GLN C 295 -9.99 -6.66 49.03
N ILE C 296 -9.37 -7.36 48.10
CA ILE C 296 -9.35 -8.81 48.08
C ILE C 296 -7.89 -9.35 48.01
N ASN C 297 -7.54 -10.30 48.92
CA ASN C 297 -6.22 -10.93 49.06
C ASN C 297 -6.26 -12.38 48.58
N CYS C 298 -5.60 -12.71 47.44
CA CYS C 298 -5.64 -14.03 46.82
C CYS C 298 -4.29 -14.74 46.90
N THR C 299 -4.34 -16.05 47.16
CA THR C 299 -3.13 -16.85 47.22
C THR C 299 -3.24 -18.27 46.71
N ARG C 300 -2.08 -18.77 46.32
CA ARG C 300 -1.85 -20.13 45.90
C ARG C 300 -0.72 -20.65 46.81
N PRO C 301 -1.07 -21.27 47.94
CA PRO C 301 -0.23 -21.63 49.08
C PRO C 301 0.86 -22.68 48.88
N ASN C 302 0.80 -23.44 47.80
CA ASN C 302 1.77 -24.52 47.61
C ASN C 302 3.08 -24.02 47.03
N ASN C 303 4.24 -24.51 47.56
CA ASN C 303 5.59 -24.19 47.10
C ASN C 303 5.97 -25.16 45.96
N ASN C 304 5.89 -24.66 44.71
CA ASN C 304 6.07 -25.41 43.47
C ASN C 304 7.47 -25.49 42.90
N THR C 305 7.65 -26.55 42.14
CA THR C 305 8.86 -26.86 41.39
C THR C 305 8.62 -26.75 39.89
N ARG C 306 9.54 -26.11 39.19
CA ARG C 306 9.44 -26.04 37.73
C ARG C 306 10.41 -27.01 37.11
N LYS C 307 9.88 -27.99 36.41
CA LYS C 307 10.69 -29.01 35.79
C LYS C 307 10.87 -28.76 34.29
N SER C 308 12.12 -28.64 33.86
CA SER C 308 12.40 -28.38 32.45
C SER C 308 12.60 -29.69 31.69
N ILE C 309 11.78 -29.91 30.67
CA ILE C 309 11.86 -31.14 29.89
C ILE C 309 12.19 -30.88 28.43
N ARG C 310 13.20 -31.59 27.96
CA ARG C 310 13.56 -31.48 26.55
C ARG C 310 12.55 -32.15 25.66
N ILE C 311 12.14 -31.45 24.62
CA ILE C 311 11.20 -32.00 23.64
C ILE C 311 11.91 -32.32 22.35
N GLY C 312 12.76 -31.39 21.95
CA GLY C 312 13.43 -31.44 20.67
C GLY C 312 14.45 -30.29 20.53
N PRO C 313 14.93 -30.00 19.31
CA PRO C 313 15.99 -29.04 19.01
C PRO C 313 15.52 -27.62 19.22
N GLY C 314 15.85 -27.08 20.38
CA GLY C 314 15.39 -25.76 20.78
C GLY C 314 13.94 -25.79 21.31
N GLN C 315 13.42 -26.99 21.53
CA GLN C 315 12.06 -27.17 21.97
C GLN C 315 12.00 -27.64 23.42
N TRP C 316 11.39 -26.80 24.27
CA TRP C 316 11.28 -27.10 25.69
C TRP C 316 9.89 -27.04 26.23
N PHE C 317 9.63 -27.91 27.18
CA PHE C 317 8.38 -27.94 27.91
C PHE C 317 8.57 -27.72 29.37
N TYR C 318 7.72 -26.91 29.95
CA TYR C 318 7.84 -26.68 31.38
C TYR C 318 6.70 -27.33 32.14
N ALA C 319 7.10 -28.31 32.96
CA ALA C 319 6.25 -29.18 33.75
C ALA C 319 6.17 -28.81 35.22
N THR C 320 5.10 -29.22 35.87
CA THR C 320 5.00 -29.05 37.32
C THR C 320 5.71 -30.23 37.99
N GLY C 321 6.65 -29.90 38.88
CA GLY C 321 7.40 -30.91 39.62
C GLY C 321 6.78 -31.09 41.00
N ASP C 322 7.49 -31.73 41.91
CA ASP C 322 6.93 -31.97 43.24
C ASP C 322 6.68 -30.71 44.05
N ILE C 323 5.64 -30.77 44.89
CA ILE C 323 5.34 -29.69 45.83
C ILE C 323 6.13 -29.93 47.08
N ILE C 324 6.73 -28.86 47.56
CA ILE C 324 7.53 -28.88 48.74
C ILE C 324 6.65 -28.55 49.93
N GLY C 325 6.58 -29.49 50.87
CA GLY C 325 5.76 -29.31 52.05
C GLY C 325 4.31 -29.63 51.78
N ASP C 326 3.45 -29.16 52.69
CA ASP C 326 2.03 -29.45 52.65
C ASP C 326 1.35 -28.89 51.43
N ILE C 327 0.38 -29.64 50.95
CA ILE C 327 -0.45 -29.29 49.82
C ILE C 327 -1.83 -28.82 50.25
N ARG C 328 -2.11 -27.57 49.90
CA ARG C 328 -3.29 -26.80 50.27
C ARG C 328 -3.99 -26.21 49.07
N GLN C 329 -5.26 -25.87 49.22
CA GLN C 329 -5.99 -25.25 48.12
C GLN C 329 -5.87 -23.72 48.08
N ALA C 330 -5.96 -23.20 46.86
CA ALA C 330 -5.98 -21.78 46.60
C ALA C 330 -7.26 -21.17 47.13
N HIS C 331 -7.16 -19.93 47.54
CA HIS C 331 -8.31 -19.22 48.09
C HIS C 331 -8.11 -17.69 48.07
N CYS C 332 -9.22 -16.91 48.23
CA CYS C 332 -9.22 -15.44 48.38
C CYS C 332 -9.98 -14.97 49.62
N ASN C 333 -9.41 -13.98 50.30
CA ASN C 333 -9.98 -13.36 51.49
C ASN C 333 -10.60 -11.99 51.17
N VAL C 334 -11.88 -11.81 51.59
CA VAL C 334 -12.70 -10.59 51.43
C VAL C 334 -13.13 -10.08 52.79
N SER C 335 -12.95 -8.79 53.08
CA SER C 335 -13.38 -8.29 54.38
C SER C 335 -14.90 -8.38 54.46
N LYS C 336 -15.41 -9.04 55.50
CA LYS C 336 -16.84 -9.28 55.57
C LYS C 336 -17.66 -8.04 55.77
N ALA C 337 -17.24 -7.19 56.69
CA ALA C 337 -18.07 -6.03 56.94
C ALA C 337 -18.08 -5.13 55.75
N THR C 338 -16.94 -4.99 55.09
CA THR C 338 -16.85 -4.10 53.97
C THR C 338 -17.76 -4.59 52.89
N TRP C 339 -17.70 -5.89 52.60
CA TRP C 339 -18.52 -6.43 51.57
C TRP C 339 -20.03 -6.32 51.85
N ASN C 340 -20.47 -6.60 53.12
CA ASN C 340 -21.88 -6.52 53.51
C ASN C 340 -22.41 -5.08 53.38
N GLU C 341 -21.56 -4.05 53.72
CA GLU C 341 -21.88 -2.63 53.57
C GLU C 341 -21.98 -2.29 52.09
N THR C 342 -21.08 -2.87 51.30
CA THR C 342 -21.07 -2.65 49.87
C THR C 342 -22.36 -3.12 49.25
N LEU C 343 -22.82 -4.32 49.64
CA LEU C 343 -24.06 -4.76 49.04
C LEU C 343 -25.19 -3.86 49.49
N GLY C 344 -25.19 -3.41 50.73
CA GLY C 344 -26.28 -2.53 51.14
C GLY C 344 -26.33 -1.26 50.28
N LYS C 345 -25.16 -0.73 49.91
CA LYS C 345 -25.11 0.47 49.06
C LYS C 345 -25.72 0.17 47.70
N VAL C 346 -25.41 -1.02 47.18
CA VAL C 346 -25.91 -1.44 45.90
C VAL C 346 -27.42 -1.58 45.95
N VAL C 347 -27.91 -2.16 47.02
CA VAL C 347 -29.33 -2.36 47.19
C VAL C 347 -30.07 -1.05 47.19
N LYS C 348 -29.54 -0.05 47.88
CA LYS C 348 -30.21 1.22 47.88
C LYS C 348 -30.44 1.71 46.45
N GLN C 349 -29.42 1.56 45.61
CA GLN C 349 -29.57 2.03 44.25
C GLN C 349 -30.45 1.09 43.41
N LEU C 350 -30.43 -0.20 43.71
CA LEU C 350 -31.26 -1.11 42.95
C LEU C 350 -32.71 -0.80 43.23
N ARG C 351 -33.03 -0.46 44.48
CA ARG C 351 -34.41 -0.14 44.81
C ARG C 351 -34.86 1.07 44.02
N LYS C 352 -34.00 2.04 43.83
CA LYS C 352 -34.40 3.19 43.04
C LYS C 352 -34.85 2.75 41.64
N HIS C 353 -34.20 1.75 41.08
CA HIS C 353 -34.58 1.25 39.76
C HIS C 353 -35.74 0.24 39.74
N PHE C 354 -35.87 -0.58 40.79
CA PHE C 354 -36.87 -1.64 40.75
C PHE C 354 -38.05 -1.58 41.72
N GLY C 355 -37.99 -0.71 42.72
CA GLY C 355 -39.04 -0.60 43.73
C GLY C 355 -38.42 -0.22 45.09
N ASN C 356 -39.03 0.78 45.77
CA ASN C 356 -38.56 1.38 47.03
C ASN C 356 -38.70 0.45 48.26
N ASN C 357 -39.71 -0.46 48.27
CA ASN C 357 -40.00 -1.38 49.38
C ASN C 357 -40.23 -2.76 48.83
N THR C 358 -39.17 -3.34 48.29
CA THR C 358 -39.19 -4.65 47.66
C THR C 358 -38.11 -5.45 48.31
N ILE C 359 -38.04 -6.72 48.00
CA ILE C 359 -37.01 -7.56 48.57
C ILE C 359 -35.94 -7.93 47.58
N ILE C 360 -34.70 -7.61 47.92
CA ILE C 360 -33.59 -7.93 47.03
C ILE C 360 -32.69 -9.02 47.54
N ARG C 361 -32.66 -10.10 46.78
CA ARG C 361 -31.85 -11.24 47.13
C ARG C 361 -30.59 -11.34 46.30
N PHE C 362 -29.48 -11.58 46.95
CA PHE C 362 -28.25 -11.85 46.26
C PHE C 362 -28.00 -13.33 46.38
N ALA C 363 -27.66 -13.96 45.26
CA ALA C 363 -27.47 -15.40 45.26
C ALA C 363 -26.40 -15.87 44.28
N ASN C 364 -25.96 -17.10 44.52
CA ASN C 364 -25.00 -17.86 43.72
C ASN C 364 -25.43 -18.00 42.28
N SER C 365 -24.51 -17.83 41.36
CA SER C 365 -24.85 -17.97 39.97
C SER C 365 -25.16 -19.41 39.63
N SER C 366 -25.79 -19.57 38.47
CA SER C 366 -26.12 -20.87 37.94
C SER C 366 -24.86 -21.55 37.47
N GLY C 367 -24.95 -22.86 37.20
CA GLY C 367 -23.79 -23.60 36.77
C GLY C 367 -23.51 -23.42 35.29
N GLY C 368 -22.45 -24.07 34.83
CA GLY C 368 -22.00 -23.96 33.46
C GLY C 368 -20.51 -24.16 33.48
N ASP C 369 -19.85 -23.80 32.40
CA ASP C 369 -18.41 -24.00 32.30
C ASP C 369 -17.75 -23.25 33.43
N LEU C 370 -16.70 -23.81 34.00
CA LEU C 370 -16.02 -23.18 35.14
C LEU C 370 -15.69 -21.73 34.88
N GLU C 371 -15.27 -21.41 33.68
CA GLU C 371 -14.85 -20.07 33.32
C GLU C 371 -15.92 -19.00 33.47
N VAL C 372 -17.19 -19.39 33.51
CA VAL C 372 -18.26 -18.43 33.63
C VAL C 372 -19.09 -18.59 34.92
N THR C 373 -18.63 -19.44 35.85
CA THR C 373 -19.39 -19.65 37.09
C THR C 373 -18.63 -19.10 38.28
N THR C 374 -17.47 -18.55 38.02
CA THR C 374 -16.59 -18.05 39.06
C THR C 374 -16.06 -16.66 38.78
N HIS C 375 -15.47 -16.06 39.82
CA HIS C 375 -14.80 -14.74 39.64
C HIS C 375 -13.41 -14.98 39.03
N SER C 376 -13.37 -15.44 37.77
CA SER C 376 -12.11 -15.81 37.18
C SER C 376 -11.13 -14.67 37.03
N PHE C 377 -9.87 -14.98 37.27
CA PHE C 377 -8.78 -14.03 37.07
C PHE C 377 -7.41 -14.67 36.88
N ASN C 378 -6.49 -13.86 36.34
CA ASN C 378 -5.10 -14.19 36.13
C ASN C 378 -4.23 -13.46 37.20
N CYS C 379 -3.64 -14.21 38.15
CA CYS C 379 -2.85 -13.71 39.28
C CYS C 379 -1.48 -14.36 39.29
N GLY C 380 -0.46 -13.58 38.96
CA GLY C 380 0.91 -14.08 38.92
C GLY C 380 1.19 -14.84 37.64
N GLY C 381 0.19 -14.90 36.79
CA GLY C 381 0.25 -15.66 35.56
C GLY C 381 -0.55 -16.95 35.72
N GLU C 382 -1.01 -17.24 36.95
CA GLU C 382 -1.79 -18.44 37.21
C GLU C 382 -3.28 -18.18 37.00
N PHE C 383 -4.03 -19.23 36.68
CA PHE C 383 -5.46 -19.09 36.44
C PHE C 383 -6.35 -19.64 37.54
N PHE C 384 -7.05 -18.71 38.17
CA PHE C 384 -7.91 -18.95 39.32
C PHE C 384 -9.37 -18.88 39.02
N TYR C 385 -10.09 -19.83 39.56
CA TYR C 385 -11.54 -19.92 39.42
C TYR C 385 -12.19 -20.00 40.80
N CYS C 386 -12.43 -18.83 41.41
CA CYS C 386 -12.86 -18.64 42.79
C CYS C 386 -14.38 -18.66 42.94
N ASN C 387 -14.81 -19.49 43.87
CA ASN C 387 -16.21 -19.73 44.19
C ASN C 387 -16.89 -18.42 44.61
N THR C 388 -18.07 -18.15 44.04
CA THR C 388 -18.85 -16.93 44.23
C THR C 388 -20.00 -17.05 45.22
N SER C 389 -20.40 -18.24 45.60
CA SER C 389 -21.61 -18.36 46.38
C SER C 389 -21.55 -17.70 47.74
N GLY C 390 -20.38 -17.66 48.35
CA GLY C 390 -20.26 -17.09 49.68
C GLY C 390 -20.24 -15.58 49.65
N LEU C 391 -20.15 -15.02 48.45
CA LEU C 391 -20.08 -13.60 48.33
C LEU C 391 -21.51 -13.06 48.12
N PHE C 392 -22.43 -13.93 47.71
CA PHE C 392 -23.79 -13.55 47.39
C PHE C 392 -24.77 -14.46 48.09
N ASN C 393 -24.97 -14.23 49.40
CA ASN C 393 -25.81 -15.06 50.27
C ASN C 393 -26.58 -14.19 51.27
N SER C 394 -27.44 -13.25 50.78
CA SER C 394 -28.22 -12.34 51.67
C SER C 394 -29.49 -11.77 51.05
N THR C 395 -30.42 -11.41 51.93
CA THR C 395 -31.66 -10.78 51.52
C THR C 395 -31.82 -9.44 52.18
N TRP C 396 -32.12 -8.43 51.39
CA TRP C 396 -32.28 -7.11 51.93
C TRP C 396 -33.72 -6.58 51.84
N ILE C 397 -34.16 -5.88 52.90
CA ILE C 397 -35.45 -5.17 53.07
C ILE C 397 -35.54 -4.72 54.53
N SER C 413 -14.26 -11.05 57.91
CA SER C 413 -13.48 -11.72 56.88
C SER C 413 -14.13 -13.07 56.50
N ILE C 414 -14.32 -13.30 55.18
CA ILE C 414 -14.83 -14.56 54.60
C ILE C 414 -13.82 -15.09 53.61
N THR C 415 -13.87 -16.40 53.38
CA THR C 415 -12.95 -16.99 52.42
C THR C 415 -13.68 -17.71 51.31
N LEU C 416 -13.27 -17.41 50.11
CA LEU C 416 -13.82 -18.04 48.93
C LEU C 416 -12.75 -18.99 48.38
N PRO C 417 -12.99 -20.31 48.32
CA PRO C 417 -12.04 -21.31 47.83
C PRO C 417 -11.88 -21.12 46.34
N CYS C 418 -10.70 -21.45 45.78
CA CYS C 418 -10.39 -21.30 44.36
C CYS C 418 -9.81 -22.55 43.73
N ARG C 419 -10.18 -22.78 42.48
CA ARG C 419 -9.63 -23.87 41.72
C ARG C 419 -8.53 -23.39 40.79
N ILE C 420 -7.57 -24.25 40.52
CA ILE C 420 -6.48 -23.94 39.60
C ILE C 420 -6.55 -24.80 38.36
N LYS C 421 -6.44 -24.15 37.20
CA LYS C 421 -6.49 -24.86 35.92
C LYS C 421 -5.37 -24.35 35.01
N GLN C 422 -4.77 -25.18 34.14
CA GLN C 422 -3.70 -24.68 33.28
C GLN C 422 -4.02 -24.60 31.80
N ILE C 423 -4.86 -25.49 31.28
CA ILE C 423 -5.16 -25.42 29.85
C ILE C 423 -6.42 -24.63 29.66
N ILE C 424 -6.34 -23.49 29.00
CA ILE C 424 -7.52 -22.67 28.89
C ILE C 424 -7.90 -22.27 27.48
N ASN C 425 -9.17 -21.90 27.35
CA ASN C 425 -9.75 -21.36 26.13
C ASN C 425 -9.74 -19.86 26.28
N MET C 426 -8.75 -19.21 25.71
CA MET C 426 -8.68 -17.80 25.98
C MET C 426 -9.82 -17.16 25.20
N TRP C 427 -10.45 -16.18 25.83
CA TRP C 427 -11.51 -15.37 25.27
C TRP C 427 -12.75 -16.19 24.93
N GLN C 428 -12.84 -17.38 25.49
CA GLN C 428 -13.93 -18.31 25.29
C GLN C 428 -14.05 -18.75 23.84
N ARG C 429 -12.95 -18.75 23.10
CA ARG C 429 -12.99 -19.22 21.75
C ARG C 429 -12.73 -20.69 21.73
N ILE C 430 -13.32 -21.40 20.80
CA ILE C 430 -13.06 -22.81 20.70
C ILE C 430 -12.29 -23.12 19.45
N GLY C 431 -11.25 -23.94 19.59
CA GLY C 431 -10.40 -24.30 18.47
C GLY C 431 -8.96 -23.87 18.70
N GLN C 432 -8.73 -23.16 19.79
CA GLN C 432 -7.35 -22.75 20.15
C GLN C 432 -7.17 -22.88 21.66
N ALA C 433 -6.03 -23.44 22.08
CA ALA C 433 -5.82 -23.72 23.48
C ALA C 433 -4.44 -23.32 23.90
N MET C 434 -4.32 -22.88 25.12
CA MET C 434 -3.02 -22.53 25.62
C MET C 434 -2.76 -23.12 26.98
N TYR C 435 -1.53 -23.57 27.17
CA TYR C 435 -1.11 -24.15 28.42
C TYR C 435 -0.23 -23.22 29.22
N ALA C 436 -0.70 -22.90 30.40
CA ALA C 436 0.04 -22.05 31.27
C ALA C 436 1.28 -22.79 31.75
N PRO C 437 2.41 -22.12 31.90
CA PRO C 437 3.63 -22.66 32.45
C PRO C 437 3.45 -22.79 33.94
N PRO C 438 4.25 -23.60 34.61
CA PRO C 438 4.35 -23.67 36.05
C PRO C 438 5.05 -22.42 36.55
N ILE C 439 4.75 -22.07 37.80
CA ILE C 439 5.39 -20.98 38.51
C ILE C 439 6.00 -21.58 39.75
N GLN C 440 7.23 -21.23 40.06
CA GLN C 440 7.95 -21.77 41.20
C GLN C 440 7.60 -21.03 42.48
N GLY C 441 7.76 -21.69 43.61
CA GLY C 441 7.46 -20.98 44.85
C GLY C 441 5.97 -20.88 45.03
N VAL C 442 5.53 -19.80 45.63
CA VAL C 442 4.12 -19.63 45.95
C VAL C 442 3.72 -18.33 45.35
N ILE C 443 2.45 -18.10 45.17
CA ILE C 443 2.07 -16.81 44.63
C ILE C 443 0.95 -16.16 45.41
N ARG C 444 0.87 -14.85 45.26
CA ARG C 444 -0.23 -14.08 45.81
C ARG C 444 -0.29 -12.73 45.12
N CYS C 445 -1.44 -12.06 45.23
CA CYS C 445 -1.70 -10.71 44.75
C CYS C 445 -2.82 -10.08 45.57
N VAL C 446 -2.91 -8.76 45.48
CA VAL C 446 -3.97 -8.02 46.12
C VAL C 446 -4.63 -7.14 45.11
N SER C 447 -5.94 -7.27 44.98
CA SER C 447 -6.68 -6.48 43.99
C SER C 447 -7.75 -5.62 44.64
N ASN C 448 -8.19 -4.58 43.90
CA ASN C 448 -9.28 -3.68 44.25
C ASN C 448 -10.55 -4.05 43.49
N ILE C 449 -11.62 -4.47 44.21
CA ILE C 449 -12.90 -4.80 43.58
C ILE C 449 -13.58 -3.49 43.36
N THR C 450 -13.81 -3.17 42.10
CA THR C 450 -14.37 -1.89 41.75
C THR C 450 -15.75 -2.06 41.17
N GLY C 451 -16.10 -3.28 40.82
CA GLY C 451 -17.41 -3.53 40.28
C GLY C 451 -17.72 -5.00 40.11
N LEU C 452 -18.85 -5.23 39.51
CA LEU C 452 -19.34 -6.56 39.27
C LEU C 452 -20.41 -6.59 38.21
N ILE C 453 -20.67 -7.77 37.66
CA ILE C 453 -21.79 -7.87 36.73
C ILE C 453 -22.85 -8.82 37.27
N LEU C 454 -24.08 -8.32 37.29
CA LEU C 454 -25.27 -9.04 37.75
C LEU C 454 -26.36 -9.18 36.71
N THR C 455 -27.16 -10.22 36.82
CA THR C 455 -28.35 -10.36 35.97
C THR C 455 -29.55 -10.59 36.88
N ARG C 456 -30.76 -10.43 36.34
CA ARG C 456 -31.96 -10.67 37.14
C ARG C 456 -32.55 -12.01 36.78
N ASP C 457 -33.08 -12.73 37.76
CA ASP C 457 -33.70 -14.01 37.40
C ASP C 457 -35.07 -13.83 36.77
N GLY C 458 -35.90 -12.99 37.35
CA GLY C 458 -37.22 -12.83 36.78
C GLY C 458 -37.95 -14.18 36.76
N GLY C 459 -38.51 -14.51 35.60
CA GLY C 459 -39.24 -15.76 35.34
C GLY C 459 -40.73 -15.60 35.54
N SER C 460 -41.10 -14.55 36.24
CA SER C 460 -42.45 -14.18 36.56
C SER C 460 -42.45 -12.72 36.96
N THR C 461 -43.63 -12.14 37.10
CA THR C 461 -43.68 -10.77 37.59
C THR C 461 -44.13 -10.78 39.03
N ASN C 462 -43.28 -10.23 39.88
CA ASN C 462 -43.56 -10.15 41.29
C ASN C 462 -42.88 -8.93 41.86
N SER C 463 -43.65 -7.88 42.11
CA SER C 463 -43.09 -6.62 42.59
C SER C 463 -42.50 -6.74 43.99
N THR C 464 -42.86 -7.82 44.67
CA THR C 464 -42.42 -8.10 46.00
C THR C 464 -40.95 -8.43 46.06
N THR C 465 -40.43 -9.14 45.06
CA THR C 465 -39.06 -9.60 45.18
C THR C 465 -38.35 -9.89 43.86
N GLU C 466 -37.03 -9.75 43.89
CA GLU C 466 -36.17 -10.09 42.76
C GLU C 466 -34.84 -10.66 43.23
N THR C 467 -34.22 -11.48 42.38
CA THR C 467 -32.93 -12.06 42.69
C THR C 467 -31.86 -11.70 41.68
N PHE C 468 -30.74 -11.28 42.23
CA PHE C 468 -29.59 -10.90 41.45
C PHE C 468 -28.51 -11.93 41.63
N ARG C 469 -27.96 -12.37 40.52
CA ARG C 469 -26.90 -13.36 40.55
C ARG C 469 -25.77 -12.87 39.67
N PRO C 470 -24.51 -13.26 39.93
CA PRO C 470 -23.37 -12.94 39.10
C PRO C 470 -23.55 -13.39 37.67
N GLY C 471 -23.15 -12.53 36.76
CA GLY C 471 -23.19 -12.74 35.31
C GLY C 471 -21.86 -12.30 34.72
N GLY C 472 -21.89 -11.75 33.51
CA GLY C 472 -20.67 -11.35 32.84
C GLY C 472 -19.98 -12.53 32.16
N GLY C 473 -18.67 -12.40 31.94
CA GLY C 473 -17.85 -13.38 31.25
C GLY C 473 -17.46 -12.93 29.84
N ASP C 474 -18.18 -11.96 29.31
CA ASP C 474 -17.88 -11.40 28.02
C ASP C 474 -16.99 -10.21 28.30
N MET C 475 -15.75 -10.33 27.92
CA MET C 475 -14.72 -9.37 28.27
C MET C 475 -15.01 -7.98 27.75
N ARG C 476 -15.83 -7.89 26.72
CA ARG C 476 -16.12 -6.60 26.15
C ARG C 476 -16.86 -5.73 27.12
N ASP C 477 -17.50 -6.32 28.11
CA ASP C 477 -18.23 -5.52 29.06
C ASP C 477 -17.31 -4.97 30.13
N ASN C 478 -16.12 -5.54 30.28
CA ASN C 478 -15.25 -5.03 31.30
C ASN C 478 -14.70 -3.75 30.73
N TRP C 479 -14.46 -3.85 29.44
CA TRP C 479 -13.89 -2.80 28.67
C TRP C 479 -14.91 -1.72 28.48
N ARG C 480 -16.18 -2.10 28.29
CA ARG C 480 -17.24 -1.15 28.10
C ARG C 480 -17.34 -0.28 29.30
N SER C 481 -17.21 -0.88 30.48
CA SER C 481 -17.31 -0.11 31.68
C SER C 481 -16.27 0.98 31.73
N GLU C 482 -15.01 0.62 31.51
CA GLU C 482 -13.96 1.62 31.65
C GLU C 482 -14.02 2.70 30.57
N LEU C 483 -14.50 2.34 29.40
CA LEU C 483 -14.60 3.25 28.26
C LEU C 483 -15.88 4.09 28.23
N TYR C 484 -16.76 3.97 29.23
CA TYR C 484 -18.05 4.66 29.17
C TYR C 484 -17.93 6.17 29.06
N LYS C 485 -16.81 6.71 29.51
CA LYS C 485 -16.60 8.14 29.52
C LYS C 485 -16.41 8.81 28.16
N TYR C 486 -16.14 8.06 27.10
CA TYR C 486 -15.83 8.76 25.85
C TYR C 486 -16.05 8.09 24.52
N LYS C 487 -16.10 8.96 23.50
CA LYS C 487 -16.34 8.60 22.10
C LYS C 487 -15.40 9.35 21.16
N VAL C 488 -15.22 8.85 19.95
CA VAL C 488 -14.36 9.55 18.99
C VAL C 488 -15.18 10.08 17.84
N VAL C 489 -14.87 11.31 17.44
CA VAL C 489 -15.60 11.93 16.35
C VAL C 489 -14.68 12.38 15.25
N LYS C 490 -15.24 12.52 14.06
CA LYS C 490 -14.54 13.02 12.91
C LYS C 490 -14.75 14.51 12.82
N ILE C 491 -13.67 15.21 12.62
CA ILE C 491 -13.73 16.65 12.51
C ILE C 491 -14.05 17.01 11.08
N GLU C 492 -15.03 17.89 10.92
CA GLU C 492 -15.48 18.30 9.60
C GLU C 492 -15.27 19.79 9.37
N PRO C 493 -14.07 20.22 8.91
CA PRO C 493 -13.61 21.59 8.80
C PRO C 493 -14.29 22.43 7.75
N LEU C 494 -15.01 21.83 6.83
CA LEU C 494 -15.61 22.64 5.79
C LEU C 494 -17.07 22.92 6.10
N GLY C 495 -17.50 24.18 5.95
CA GLY C 495 -18.90 24.49 6.18
C GLY C 495 -19.37 25.79 5.51
N VAL C 496 -20.69 26.04 5.58
CA VAL C 496 -21.34 27.17 4.92
C VAL C 496 -22.32 27.96 5.78
N ALA C 497 -22.38 29.29 5.54
CA ALA C 497 -23.33 30.22 6.17
C ALA C 497 -23.49 31.43 5.23
N PRO C 498 -24.58 32.21 5.26
CA PRO C 498 -24.77 33.43 4.48
C PRO C 498 -23.96 34.64 4.94
N THR C 499 -23.64 35.53 4.00
CA THR C 499 -23.03 36.81 4.35
C THR C 499 -23.57 37.98 3.55
N ARG C 500 -23.19 39.20 3.95
CA ARG C 500 -23.67 40.43 3.32
C ARG C 500 -22.78 40.93 2.19
N CYS C 501 -22.39 40.04 1.28
CA CYS C 501 -21.55 40.41 0.16
C CYS C 501 -21.45 39.32 -0.87
N LYS C 502 -20.87 39.65 -2.02
CA LYS C 502 -20.60 38.71 -3.12
C LYS C 502 -19.25 39.13 -3.71
N ARG C 503 -18.67 38.35 -4.67
CA ARG C 503 -17.35 38.61 -5.28
C ARG C 503 -17.25 40.06 -5.82
N GLY D 2 -8.03 26.42 22.57
CA GLY D 2 -7.56 25.12 22.18
C GLY D 2 -8.01 24.81 20.75
N PHE D 3 -7.65 23.62 20.23
CA PHE D 3 -7.95 23.16 18.85
C PHE D 3 -9.43 23.21 18.46
N LEU D 4 -10.29 22.66 19.31
CA LEU D 4 -11.73 22.76 19.11
C LEU D 4 -12.28 23.68 20.18
N GLY D 5 -11.42 24.55 20.70
CA GLY D 5 -11.83 25.43 21.75
C GLY D 5 -12.83 26.34 21.14
N ALA D 6 -13.77 26.80 21.94
CA ALA D 6 -14.83 27.69 21.51
C ALA D 6 -15.73 27.00 20.48
N ALA D 7 -15.72 25.67 20.41
CA ALA D 7 -16.63 25.00 19.51
C ALA D 7 -18.08 25.31 19.83
N GLY D 8 -18.38 25.52 21.11
CA GLY D 8 -19.74 25.80 21.55
C GLY D 8 -20.08 27.30 21.51
N SER D 9 -19.15 28.11 21.02
CA SER D 9 -19.41 29.53 21.01
C SER D 9 -20.16 29.92 19.74
N THR D 10 -20.66 31.14 19.76
CA THR D 10 -21.32 31.74 18.65
C THR D 10 -20.37 31.87 17.48
N MET D 11 -20.85 31.52 16.31
CA MET D 11 -20.02 31.52 15.12
C MET D 11 -19.37 32.84 14.75
N GLY D 12 -19.99 33.97 15.12
CA GLY D 12 -19.40 35.25 14.79
C GLY D 12 -18.00 35.36 15.39
N ALA D 13 -17.76 34.72 16.54
CA ALA D 13 -16.45 34.76 17.17
C ALA D 13 -15.65 33.52 16.85
N ALA D 14 -16.32 32.37 16.72
CA ALA D 14 -15.62 31.10 16.54
C ALA D 14 -14.75 31.12 15.30
N SER D 15 -15.19 31.84 14.27
CA SER D 15 -14.48 31.91 13.00
C SER D 15 -13.10 32.56 13.10
N MET D 16 -12.83 33.26 14.18
CA MET D 16 -11.55 33.94 14.29
C MET D 16 -10.36 33.01 14.42
N THR D 17 -10.59 31.75 14.80
CA THR D 17 -9.51 30.79 14.99
C THR D 17 -9.52 29.66 13.98
N LEU D 18 -10.15 29.88 12.83
CA LEU D 18 -10.21 28.81 11.83
C LEU D 18 -8.82 28.36 11.38
N THR D 19 -7.83 29.25 11.39
CA THR D 19 -6.50 28.87 10.94
C THR D 19 -5.86 27.88 11.88
N VAL D 20 -6.20 27.93 13.15
CA VAL D 20 -5.57 27.04 14.08
C VAL D 20 -6.06 25.67 13.82
N GLN D 21 -7.36 25.57 13.69
CA GLN D 21 -7.92 24.28 13.48
C GLN D 21 -7.43 23.70 12.19
N ALA D 22 -7.35 24.51 11.14
CA ALA D 22 -6.91 23.98 9.87
C ALA D 22 -5.50 23.43 9.93
N ARG D 23 -4.58 24.10 10.63
CA ARG D 23 -3.22 23.59 10.67
C ARG D 23 -3.09 22.24 11.29
N ASN D 24 -3.86 22.03 12.33
CA ASN D 24 -3.74 20.82 13.08
C ASN D 24 -4.34 19.61 12.38
N LEU D 25 -5.02 19.81 11.27
CA LEU D 25 -5.62 18.71 10.58
C LEU D 25 -4.56 17.80 10.00
N LEU D 26 -3.39 18.34 9.71
CA LEU D 26 -2.34 17.50 9.16
C LEU D 26 -1.29 17.03 10.20
N SER D 27 -1.49 17.34 11.52
CA SER D 27 -0.58 17.07 12.64
C SER D 27 0.85 17.55 12.33
N CYS D 42 10.72 1.19 18.89
CA CYS D 42 10.47 -0.18 18.45
C CYS D 42 9.65 -0.17 17.17
N GLN D 43 9.95 0.77 16.31
CA GLN D 43 9.24 0.85 15.04
C GLN D 43 9.48 -0.41 14.22
N GLN D 44 10.66 -1.00 14.38
CA GLN D 44 11.02 -2.22 13.68
C GLN D 44 10.18 -3.41 14.14
N HIS D 45 9.56 -3.30 15.32
CA HIS D 45 8.67 -4.32 15.86
C HIS D 45 7.40 -4.24 15.05
N LEU D 46 6.94 -3.01 14.90
CA LEU D 46 5.69 -2.73 14.24
C LEU D 46 5.73 -3.13 12.77
N LEU D 47 6.92 -3.12 12.16
CA LEU D 47 7.07 -3.55 10.77
C LEU D 47 6.69 -5.01 10.57
N LYS D 48 6.67 -5.81 11.63
CA LYS D 48 6.34 -7.23 11.52
C LYS D 48 4.84 -7.47 11.66
N LEU D 49 4.08 -6.43 12.00
CA LEU D 49 2.66 -6.62 12.20
C LEU D 49 1.99 -6.43 10.88
N THR D 50 1.86 -7.50 10.14
CA THR D 50 1.45 -7.40 8.75
C THR D 50 0.05 -6.85 8.51
N VAL D 51 -0.89 -7.10 9.41
CA VAL D 51 -2.22 -6.54 9.20
C VAL D 51 -2.32 -5.17 9.82
N TRP D 52 -1.76 -5.04 11.01
CA TRP D 52 -1.81 -3.80 11.77
C TRP D 52 -1.15 -2.67 11.00
N GLY D 53 -0.01 -2.95 10.38
CA GLY D 53 0.72 -1.95 9.62
C GLY D 53 -0.11 -1.43 8.46
N ILE D 54 -0.92 -2.29 7.86
CA ILE D 54 -1.78 -1.88 6.78
C ILE D 54 -2.88 -1.01 7.32
N LYS D 55 -3.46 -1.38 8.45
CA LYS D 55 -4.51 -0.52 8.99
C LYS D 55 -3.98 0.89 9.25
N GLN D 56 -2.75 0.99 9.76
CA GLN D 56 -2.19 2.30 10.03
C GLN D 56 -1.81 3.05 8.78
N LEU D 57 -1.30 2.34 7.77
CA LEU D 57 -0.92 3.02 6.56
C LEU D 57 -2.16 3.49 5.86
N GLN D 58 -3.24 2.70 5.91
CA GLN D 58 -4.46 3.13 5.28
C GLN D 58 -4.94 4.36 5.97
N ALA D 59 -4.84 4.43 7.30
CA ALA D 59 -5.32 5.62 7.96
C ALA D 59 -4.60 6.85 7.45
N ARG D 60 -3.30 6.73 7.22
CA ARG D 60 -2.56 7.88 6.72
C ARG D 60 -2.99 8.25 5.31
N VAL D 61 -3.15 7.25 4.46
CA VAL D 61 -3.51 7.49 3.07
C VAL D 61 -4.87 8.09 2.96
N LEU D 62 -5.80 7.58 3.73
CA LEU D 62 -7.16 8.03 3.69
C LEU D 62 -7.23 9.46 4.18
N ALA D 63 -6.47 9.81 5.21
CA ALA D 63 -6.50 11.17 5.67
C ALA D 63 -6.00 12.11 4.59
N VAL D 64 -4.98 11.69 3.85
CA VAL D 64 -4.45 12.52 2.80
C VAL D 64 -5.47 12.69 1.72
N GLU D 65 -6.12 11.62 1.30
CA GLU D 65 -7.06 11.78 0.23
C GLU D 65 -8.16 12.72 0.66
N ARG D 66 -8.66 12.60 1.89
CA ARG D 66 -9.74 13.48 2.27
C ARG D 66 -9.30 14.93 2.26
N TYR D 67 -8.09 15.19 2.72
CA TYR D 67 -7.61 16.55 2.73
C TYR D 67 -7.57 17.10 1.33
N LEU D 68 -6.98 16.34 0.42
CA LEU D 68 -6.85 16.82 -0.92
C LEU D 68 -8.18 16.98 -1.58
N ARG D 69 -9.12 16.09 -1.28
CA ARG D 69 -10.42 16.16 -1.90
C ARG D 69 -11.06 17.48 -1.53
N ASP D 70 -10.95 17.86 -0.26
CA ASP D 70 -11.57 19.10 0.13
C ASP D 70 -10.87 20.28 -0.51
N GLN D 71 -9.55 20.21 -0.64
CA GLN D 71 -8.86 21.32 -1.24
C GLN D 71 -9.19 21.44 -2.71
N GLN D 72 -9.41 20.31 -3.39
CA GLN D 72 -9.75 20.37 -4.78
C GLN D 72 -11.10 21.02 -4.93
N LEU D 73 -12.03 20.71 -4.03
CA LEU D 73 -13.34 21.29 -4.13
C LEU D 73 -13.26 22.77 -3.99
N LEU D 74 -12.39 23.26 -3.12
CA LEU D 74 -12.27 24.70 -3.03
C LEU D 74 -11.76 25.24 -4.35
N GLY D 75 -10.82 24.55 -5.00
CA GLY D 75 -10.35 25.04 -6.29
C GLY D 75 -11.48 25.11 -7.31
N ILE D 76 -12.36 24.12 -7.29
CA ILE D 76 -13.48 24.01 -8.20
C ILE D 76 -14.49 25.12 -7.98
N TRP D 77 -14.78 25.39 -6.74
CA TRP D 77 -15.73 26.40 -6.34
C TRP D 77 -15.12 27.79 -6.37
N GLY D 78 -13.82 27.83 -6.35
CA GLY D 78 -13.06 29.04 -6.30
C GLY D 78 -12.75 29.31 -4.85
N CYS D 79 -11.94 30.37 -4.58
CA CYS D 79 -11.47 30.80 -3.26
C CYS D 79 -10.42 29.85 -2.68
N SER D 80 -9.78 29.07 -3.53
CA SER D 80 -8.75 28.21 -3.00
C SER D 80 -7.65 29.08 -2.42
N GLY D 81 -7.14 28.68 -1.27
CA GLY D 81 -6.08 29.41 -0.61
C GLY D 81 -6.62 30.39 0.43
N LYS D 82 -7.92 30.61 0.43
CA LYS D 82 -8.53 31.53 1.38
C LYS D 82 -9.10 30.78 2.55
N LEU D 83 -9.24 31.45 3.68
CA LEU D 83 -9.81 30.82 4.86
C LEU D 83 -11.33 31.00 4.87
N ILE D 84 -11.76 32.23 4.58
CA ILE D 84 -13.16 32.60 4.52
C ILE D 84 -13.37 33.31 3.20
N CYS D 85 -14.37 32.89 2.38
CA CYS D 85 -14.64 33.52 1.08
C CYS D 85 -16.08 33.39 0.60
N CYS D 86 -16.58 34.48 0.05
CA CYS D 86 -17.94 34.49 -0.47
C CYS D 86 -17.99 34.36 -1.98
N THR D 87 -18.97 33.60 -2.43
CA THR D 87 -19.27 33.39 -3.84
C THR D 87 -20.44 34.19 -4.36
N ASN D 88 -20.76 34.00 -5.63
CA ASN D 88 -21.86 34.74 -6.25
C ASN D 88 -23.17 33.99 -6.24
N VAL D 89 -23.15 32.85 -5.59
CA VAL D 89 -24.34 32.04 -5.43
C VAL D 89 -25.11 32.70 -4.30
N PRO D 90 -26.36 33.11 -4.50
CA PRO D 90 -27.21 33.76 -3.54
C PRO D 90 -27.66 32.79 -2.50
N TRP D 91 -28.03 33.31 -1.36
CA TRP D 91 -28.62 32.49 -0.35
C TRP D 91 -30.09 32.37 -0.78
N ASN D 92 -30.65 31.15 -0.84
CA ASN D 92 -32.01 30.85 -1.29
C ASN D 92 -33.12 31.24 -0.28
N SER D 93 -32.81 31.26 1.05
CA SER D 93 -33.72 31.53 2.19
C SER D 93 -34.70 30.41 2.45
N THR D 94 -34.52 29.31 1.74
CA THR D 94 -35.32 28.13 1.87
C THR D 94 -34.55 27.10 2.63
N TRP D 95 -33.24 27.23 2.56
CA TRP D 95 -32.31 26.37 3.24
C TRP D 95 -32.51 26.65 4.71
N SER D 96 -32.65 27.94 4.97
CA SER D 96 -32.93 28.54 6.25
C SER D 96 -33.38 29.95 6.05
N ASN D 97 -34.47 30.32 6.70
CA ASN D 97 -34.99 31.67 6.62
C ASN D 97 -34.64 32.48 7.85
N ARG D 98 -33.71 31.97 8.62
CA ARG D 98 -33.25 32.64 9.82
C ARG D 98 -32.38 33.82 9.39
N ASN D 99 -32.49 34.93 10.13
CA ASN D 99 -31.75 36.20 9.85
C ASN D 99 -30.35 36.17 10.47
N LEU D 100 -29.46 37.04 9.95
CA LEU D 100 -28.09 37.14 10.44
C LEU D 100 -27.91 37.60 11.86
N SER D 101 -28.84 38.35 12.44
CA SER D 101 -28.55 38.74 13.81
C SER D 101 -28.55 37.49 14.67
N GLU D 102 -29.48 36.60 14.40
CA GLU D 102 -29.57 35.38 15.16
C GLU D 102 -28.45 34.44 14.78
N ILE D 103 -28.17 34.34 13.49
CA ILE D 103 -27.15 33.41 13.08
C ILE D 103 -25.79 33.81 13.59
N TRP D 104 -25.38 35.05 13.40
CA TRP D 104 -24.08 35.47 13.83
C TRP D 104 -23.88 35.69 15.33
N ASP D 105 -24.91 36.16 16.07
CA ASP D 105 -24.73 36.42 17.50
C ASP D 105 -25.22 35.33 18.47
N ASN D 106 -26.28 34.59 18.13
CA ASN D 106 -26.79 33.62 19.08
C ASN D 106 -26.50 32.17 18.73
N MET D 107 -26.42 31.84 17.45
CA MET D 107 -26.22 30.43 17.16
C MET D 107 -24.80 29.99 17.25
N THR D 108 -24.68 28.81 17.82
CA THR D 108 -23.45 28.10 17.94
C THR D 108 -23.13 27.63 16.55
N TRP D 109 -21.88 27.73 16.14
CA TRP D 109 -21.54 27.26 14.82
C TRP D 109 -22.00 25.81 14.56
N LEU D 110 -21.83 24.97 15.57
CA LEU D 110 -22.21 23.57 15.46
C LEU D 110 -23.73 23.43 15.26
N GLN D 111 -24.53 24.27 15.93
CA GLN D 111 -25.98 24.18 15.81
C GLN D 111 -26.40 24.51 14.41
N TRP D 112 -25.75 25.51 13.85
CA TRP D 112 -26.01 25.94 12.50
C TRP D 112 -25.71 24.84 11.51
N ASP D 113 -24.55 24.22 11.68
CA ASP D 113 -24.15 23.16 10.79
C ASP D 113 -25.20 22.07 10.77
N LYS D 114 -25.74 21.74 11.94
CA LYS D 114 -26.77 20.73 11.97
C LYS D 114 -28.06 21.20 11.30
N GLU D 115 -28.46 22.45 11.57
CA GLU D 115 -29.74 22.95 11.05
C GLU D 115 -29.87 22.91 9.55
N ILE D 116 -28.81 23.20 8.83
CA ILE D 116 -28.90 23.23 7.37
C ILE D 116 -28.22 22.06 6.68
N SER D 117 -27.99 20.96 7.37
CA SER D 117 -27.24 19.86 6.73
C SER D 117 -27.88 19.27 5.45
N ASN D 118 -29.21 19.30 5.34
CA ASN D 118 -29.86 18.81 4.11
C ASN D 118 -29.23 19.40 2.84
N TYR D 119 -29.03 20.71 2.78
CA TYR D 119 -28.78 21.49 1.57
C TYR D 119 -27.31 21.48 1.12
N THR D 120 -26.50 20.62 1.71
CA THR D 120 -25.07 20.60 1.39
C THR D 120 -24.78 20.34 -0.07
N GLN D 121 -25.45 19.38 -0.66
CA GLN D 121 -25.18 18.99 -2.02
C GLN D 121 -25.68 20.02 -3.00
N ILE D 122 -26.76 20.69 -2.65
CA ILE D 122 -27.32 21.69 -3.51
C ILE D 122 -26.34 22.82 -3.64
N ILE D 123 -25.83 23.25 -2.50
CA ILE D 123 -24.92 24.36 -2.51
C ILE D 123 -23.68 24.02 -3.26
N TYR D 124 -23.10 22.84 -3.06
CA TYR D 124 -21.88 22.55 -3.75
C TYR D 124 -22.06 22.54 -5.26
N GLY D 125 -23.17 22.00 -5.76
CA GLY D 125 -23.37 22.01 -7.21
C GLY D 125 -23.42 23.43 -7.74
N LEU D 126 -24.08 24.32 -6.99
CA LEU D 126 -24.18 25.71 -7.41
C LEU D 126 -22.82 26.39 -7.41
N LEU D 127 -21.98 26.06 -6.44
CA LEU D 127 -20.69 26.70 -6.35
C LEU D 127 -19.84 26.37 -7.57
N GLU D 128 -19.89 25.12 -8.02
CA GLU D 128 -19.12 24.71 -9.18
C GLU D 128 -19.56 25.42 -10.44
N GLU D 129 -20.86 25.54 -10.62
CA GLU D 129 -21.32 26.15 -11.84
C GLU D 129 -20.96 27.62 -11.91
N SER D 130 -21.06 28.33 -10.80
CA SER D 130 -20.73 29.75 -10.87
C SER D 130 -19.27 29.95 -11.23
N GLN D 131 -18.38 29.11 -10.68
CA GLN D 131 -16.98 29.28 -11.00
C GLN D 131 -16.68 28.95 -12.46
N ASN D 132 -17.35 27.94 -13.00
CA ASN D 132 -17.12 27.59 -14.40
C ASN D 132 -17.51 28.72 -15.32
N GLN D 133 -18.61 29.38 -14.99
CA GLN D 133 -19.09 30.45 -15.81
C GLN D 133 -18.16 31.64 -15.80
N GLN D 134 -17.59 31.94 -14.63
CA GLN D 134 -16.75 33.11 -14.59
C GLN D 134 -15.51 32.95 -15.43
N GLU D 135 -14.89 31.77 -15.42
CA GLU D 135 -13.68 31.64 -16.23
C GLU D 135 -14.00 31.77 -17.72
N LYS D 136 -15.13 31.18 -18.14
CA LYS D 136 -15.48 31.26 -19.54
C LYS D 136 -15.66 32.70 -19.95
N ASN D 137 -16.27 33.51 -19.09
CA ASN D 137 -16.52 34.89 -19.42
C ASN D 137 -15.24 35.71 -19.48
N GLU D 138 -14.24 35.38 -18.67
CA GLU D 138 -13.00 36.15 -18.66
C GLU D 138 -12.29 36.10 -20.00
N GLN D 139 -12.39 34.97 -20.67
CA GLN D 139 -11.67 34.80 -21.93
C GLN D 139 -12.04 35.80 -23.04
N ASP D 140 -13.28 36.31 -23.10
CA ASP D 140 -13.67 37.19 -24.22
C ASP D 140 -12.95 38.54 -24.25
N LEU D 141 -12.27 38.91 -23.19
CA LEU D 141 -11.56 40.17 -23.20
C LEU D 141 -10.43 40.20 -24.22
N LEU D 142 -9.72 39.09 -24.41
CA LEU D 142 -8.51 39.18 -25.23
C LEU D 142 -8.72 39.06 -26.74
N ALA E 33 16.62 50.41 11.58
CA ALA E 33 16.63 51.66 10.82
C ALA E 33 15.91 51.49 9.48
N GLU E 34 16.27 50.44 8.73
CA GLU E 34 15.71 50.20 7.37
C GLU E 34 14.31 49.59 7.48
N ASN E 35 13.96 49.06 8.66
CA ASN E 35 12.66 48.44 8.88
C ASN E 35 12.42 47.32 7.90
N LEU E 36 13.37 46.39 7.84
CA LEU E 36 13.29 45.29 6.91
C LEU E 36 12.16 44.38 7.28
N TRP E 37 11.56 43.84 6.25
CA TRP E 37 10.37 42.98 6.26
C TRP E 37 10.67 41.49 6.17
N VAL E 38 9.80 40.66 6.71
CA VAL E 38 9.97 39.22 6.62
C VAL E 38 9.60 38.65 5.23
N THR E 39 10.57 37.93 4.63
CA THR E 39 10.44 37.30 3.31
C THR E 39 10.53 35.80 3.41
N VAL E 40 9.61 35.14 2.76
CA VAL E 40 9.51 33.70 2.75
C VAL E 40 9.95 33.12 1.39
N TYR E 41 10.89 32.18 1.45
CA TYR E 41 11.44 31.57 0.25
C TYR E 41 11.22 30.08 0.24
N TYR E 42 10.78 29.53 -0.88
CA TYR E 42 10.61 28.09 -0.95
C TYR E 42 11.56 27.47 -1.94
N GLY E 43 12.29 26.45 -1.50
CA GLY E 43 13.27 25.80 -2.35
C GLY E 43 14.68 26.21 -1.94
N VAL E 44 14.84 26.66 -0.72
CA VAL E 44 16.14 27.10 -0.23
C VAL E 44 17.05 25.88 -0.05
N PRO E 45 18.27 25.87 -0.63
CA PRO E 45 19.21 24.75 -0.64
C PRO E 45 19.94 24.50 0.65
N VAL E 46 19.19 24.15 1.68
CA VAL E 46 19.74 23.82 2.97
C VAL E 46 19.23 22.47 3.45
N TRP E 47 19.93 21.92 4.44
CA TRP E 47 19.58 20.63 4.97
C TRP E 47 19.90 20.46 6.43
N LYS E 48 19.33 19.41 6.99
CA LYS E 48 19.59 18.98 8.36
C LYS E 48 19.84 17.49 8.38
N ASP E 49 20.61 17.02 9.33
CA ASP E 49 20.88 15.59 9.41
C ASP E 49 19.60 14.83 9.56
N ALA E 50 19.48 13.68 8.91
CA ALA E 50 18.22 12.96 9.03
C ALA E 50 18.34 11.47 8.83
N GLU E 51 17.36 10.75 9.35
CA GLU E 51 17.31 9.32 9.12
C GLU E 51 16.02 8.98 8.42
N THR E 52 16.14 8.15 7.42
CA THR E 52 15.01 7.68 6.64
C THR E 52 15.34 6.32 6.08
N THR E 53 14.58 5.86 5.11
CA THR E 53 14.82 4.55 4.52
C THR E 53 15.77 4.64 3.37
N LEU E 54 16.08 3.50 2.79
CA LEU E 54 16.98 3.48 1.67
C LEU E 54 16.41 2.59 0.59
N PHE E 55 16.48 3.04 -0.64
CA PHE E 55 16.05 2.20 -1.73
C PHE E 55 17.23 1.42 -2.18
N CYS E 56 17.04 0.15 -2.47
CA CYS E 56 18.14 -0.66 -2.91
C CYS E 56 18.06 -0.88 -4.39
N ALA E 57 19.16 -0.70 -5.09
CA ALA E 57 19.13 -0.94 -6.53
C ALA E 57 20.39 -1.62 -7.06
N SER E 58 20.18 -2.55 -7.99
CA SER E 58 21.25 -3.24 -8.69
C SER E 58 21.37 -2.69 -10.10
N ASP E 59 22.27 -3.26 -10.88
CA ASP E 59 22.48 -2.82 -12.25
C ASP E 59 21.44 -3.40 -13.21
N HIS E 68 19.75 -17.61 -10.48
CA HIS E 68 19.04 -16.83 -9.50
C HIS E 68 20.03 -16.36 -8.40
N ASN E 69 19.86 -15.10 -7.94
CA ASN E 69 20.66 -14.39 -6.93
C ASN E 69 19.73 -13.57 -6.07
N VAL E 70 19.90 -13.70 -4.76
CA VAL E 70 19.00 -13.05 -3.82
C VAL E 70 19.02 -11.55 -3.92
N TRP E 71 20.18 -10.99 -3.92
CA TRP E 71 20.26 -9.57 -3.94
C TRP E 71 19.81 -9.03 -5.25
N ALA E 72 20.13 -9.75 -6.32
CA ALA E 72 19.79 -9.28 -7.65
C ALA E 72 18.30 -9.25 -7.89
N THR E 73 17.58 -10.23 -7.36
CA THR E 73 16.14 -10.26 -7.58
C THR E 73 15.42 -9.24 -6.71
N HIS E 74 15.92 -9.00 -5.50
CA HIS E 74 15.20 -8.06 -4.66
C HIS E 74 15.48 -6.64 -5.06
N CYS E 75 16.68 -6.35 -5.57
CA CYS E 75 16.99 -4.98 -5.95
C CYS E 75 16.67 -4.76 -7.45
N CYS E 76 15.36 -4.96 -7.78
CA CYS E 76 14.70 -4.94 -9.07
C CYS E 76 14.87 -3.60 -9.79
N VAL E 77 14.68 -2.53 -9.08
CA VAL E 77 14.77 -1.24 -9.70
C VAL E 77 16.22 -0.97 -10.05
N PRO E 78 16.55 -0.63 -11.30
CA PRO E 78 17.90 -0.39 -11.78
C PRO E 78 18.46 0.89 -11.27
N THR E 79 19.78 0.93 -11.18
CA THR E 79 20.50 2.13 -10.86
C THR E 79 20.63 3.06 -12.03
N ASP E 80 21.00 4.29 -11.71
CA ASP E 80 21.32 5.35 -12.65
C ASP E 80 22.70 5.05 -13.24
N PRO E 81 22.86 4.80 -14.56
CA PRO E 81 24.11 4.50 -15.21
C PRO E 81 25.16 5.59 -15.03
N ASN E 82 24.73 6.82 -14.73
CA ASN E 82 25.66 7.91 -14.56
C ASN E 82 25.11 8.95 -13.59
N PRO E 83 25.20 8.74 -12.28
CA PRO E 83 24.68 9.63 -11.27
C PRO E 83 25.24 11.01 -11.50
N GLN E 84 24.39 12.01 -11.44
CA GLN E 84 24.85 13.36 -11.71
C GLN E 84 25.40 14.01 -10.47
N GLU E 85 26.57 13.57 -10.10
CA GLU E 85 27.21 14.05 -8.89
C GLU E 85 27.37 15.55 -8.93
N ILE E 86 26.96 16.21 -7.86
CA ILE E 86 27.08 17.63 -7.80
C ILE E 86 28.18 18.04 -6.87
N HIS E 87 29.23 18.66 -7.38
CA HIS E 87 30.25 19.08 -6.44
C HIS E 87 29.67 20.26 -5.69
N LEU E 88 29.87 20.35 -4.39
CA LEU E 88 29.33 21.51 -3.72
C LEU E 88 30.44 22.51 -3.49
N GLU E 89 30.38 23.56 -4.28
CA GLU E 89 31.41 24.58 -4.24
C GLU E 89 31.20 25.44 -2.98
N ASN E 90 32.31 25.72 -2.25
CA ASN E 90 32.39 26.51 -1.01
C ASN E 90 31.47 25.97 0.11
N VAL E 91 31.38 24.62 0.24
CA VAL E 91 30.59 23.91 1.24
C VAL E 91 31.45 22.94 1.97
N THR E 92 31.38 22.98 3.28
CA THR E 92 32.08 22.02 4.09
C THR E 92 31.03 21.41 4.98
N GLU E 93 31.28 20.24 5.54
CA GLU E 93 30.34 19.61 6.45
C GLU E 93 31.08 18.62 7.34
N GLU E 94 30.40 18.01 8.30
CA GLU E 94 31.07 17.01 9.12
C GLU E 94 30.48 15.64 8.92
N PHE E 95 31.35 14.65 8.98
CA PHE E 95 30.93 13.27 8.85
C PHE E 95 31.35 12.52 10.09
N ASN E 96 30.57 11.53 10.50
CA ASN E 96 30.96 10.70 11.62
C ASN E 96 30.49 9.31 11.37
N MET E 97 31.41 8.49 10.91
CA MET E 97 31.12 7.15 10.48
C MET E 97 30.68 6.22 11.57
N TRP E 98 30.95 6.57 12.81
CA TRP E 98 30.62 5.71 13.92
C TRP E 98 29.21 5.94 14.37
N LYS E 99 28.57 6.98 13.84
CA LYS E 99 27.23 7.36 14.23
C LYS E 99 26.34 7.27 13.03
N ASN E 100 26.83 6.61 12.01
CA ASN E 100 26.16 6.50 10.73
C ASN E 100 25.13 5.38 10.74
N ASN E 101 23.86 5.75 10.67
CA ASN E 101 22.77 4.81 10.79
C ASN E 101 22.63 3.88 9.62
N MET E 102 23.33 4.17 8.54
CA MET E 102 23.24 3.35 7.36
C MET E 102 23.93 2.04 7.63
N VAL E 103 24.77 2.00 8.64
CA VAL E 103 25.47 0.77 8.93
C VAL E 103 24.44 -0.20 9.45
N GLU E 104 23.60 0.27 10.35
CA GLU E 104 22.55 -0.54 10.92
C GLU E 104 21.53 -0.92 9.88
N GLN E 105 21.25 0.00 8.96
CA GLN E 105 20.28 -0.33 7.95
C GLN E 105 20.80 -1.37 7.00
N MET E 106 22.06 -1.27 6.60
CA MET E 106 22.59 -2.26 5.71
C MET E 106 22.52 -3.60 6.38
N HIS E 107 22.91 -3.62 7.65
CA HIS E 107 22.96 -4.84 8.37
C HIS E 107 21.59 -5.47 8.56
N THR E 108 20.61 -4.67 8.94
CA THR E 108 19.28 -5.18 9.19
C THR E 108 18.67 -5.70 7.91
N ASP E 109 18.83 -4.97 6.83
CA ASP E 109 18.20 -5.39 5.61
C ASP E 109 18.85 -6.64 5.05
N ILE E 110 20.16 -6.79 5.19
CA ILE E 110 20.77 -7.99 4.67
C ILE E 110 20.32 -9.19 5.45
N ILE E 111 20.28 -9.11 6.78
CA ILE E 111 19.85 -10.29 7.50
C ILE E 111 18.39 -10.59 7.21
N SER E 112 17.58 -9.57 6.99
CA SER E 112 16.20 -9.82 6.68
C SER E 112 16.10 -10.63 5.40
N LEU E 113 16.85 -10.24 4.36
CA LEU E 113 16.78 -10.97 3.12
C LEU E 113 17.34 -12.36 3.26
N TRP E 114 18.35 -12.51 4.12
CA TRP E 114 18.94 -13.80 4.35
C TRP E 114 17.83 -14.75 4.80
N ASP E 115 17.07 -14.33 5.79
CA ASP E 115 16.00 -15.16 6.29
C ASP E 115 14.93 -15.38 5.25
N GLN E 116 14.65 -14.36 4.46
CA GLN E 116 13.63 -14.51 3.45
C GLN E 116 14.00 -15.60 2.46
N SER E 117 15.30 -15.73 2.19
CA SER E 117 15.77 -16.71 1.26
C SER E 117 15.53 -18.11 1.80
N LEU E 118 15.62 -18.27 3.10
CA LEU E 118 15.43 -19.57 3.72
C LEU E 118 13.98 -19.90 4.04
N LYS E 119 13.12 -18.90 4.15
CA LYS E 119 11.73 -19.16 4.48
C LYS E 119 11.05 -20.28 3.68
N PRO E 120 11.16 -20.35 2.34
CA PRO E 120 10.51 -21.38 1.53
C PRO E 120 11.26 -22.71 1.35
N CYS E 121 12.40 -22.93 2.04
CA CYS E 121 13.26 -24.09 1.84
C CYS E 121 12.89 -25.21 2.82
N VAL E 122 13.20 -26.44 2.42
CA VAL E 122 12.92 -27.62 3.22
C VAL E 122 13.69 -27.65 4.53
N LYS E 123 13.03 -28.09 5.58
CA LYS E 123 13.65 -28.20 6.89
C LYS E 123 14.32 -29.55 6.98
N LEU E 124 15.37 -29.62 7.78
CA LEU E 124 16.10 -30.86 7.98
C LEU E 124 15.91 -31.45 9.36
N THR E 125 14.79 -31.16 9.99
CA THR E 125 14.54 -31.72 11.30
C THR E 125 14.52 -33.26 11.28
N PRO E 126 14.08 -33.95 10.19
CA PRO E 126 14.10 -35.39 10.07
C PRO E 126 15.51 -35.97 10.10
N LEU E 127 16.54 -35.15 9.96
CA LEU E 127 17.89 -35.70 10.00
C LEU E 127 18.50 -35.78 11.41
N CYS E 128 17.80 -35.32 12.47
CA CYS E 128 18.34 -35.39 13.83
C CYS E 128 18.05 -36.80 14.38
N VAL E 129 19.00 -37.67 14.07
CA VAL E 129 18.96 -39.09 14.32
C VAL E 129 20.24 -39.57 14.96
N THR E 130 20.24 -40.79 15.46
CA THR E 130 21.49 -41.34 15.92
C THR E 130 22.27 -41.74 14.69
N LEU E 131 23.52 -41.33 14.64
CA LEU E 131 24.38 -41.66 13.53
C LEU E 131 25.36 -42.72 13.94
N GLN E 132 25.52 -43.74 13.13
CA GLN E 132 26.51 -44.77 13.40
C GLN E 132 27.69 -44.35 12.55
N CYS E 133 28.88 -44.01 13.15
CA CYS E 133 29.98 -43.42 12.38
C CYS E 133 31.32 -44.10 12.59
N THR E 134 32.12 -43.97 11.55
CA THR E 134 33.53 -44.33 11.49
C THR E 134 34.22 -43.22 10.70
N ASN E 135 35.55 -43.12 10.79
CA ASN E 135 36.23 -42.04 10.03
C ASN E 135 36.86 -42.58 8.74
N VAL E 136 36.77 -41.79 7.67
CA VAL E 136 37.16 -42.23 6.32
C VAL E 136 38.67 -42.43 6.36
N THR E 137 39.14 -43.56 5.87
CA THR E 137 40.56 -43.88 5.83
C THR E 137 41.08 -44.06 4.40
N ASN E 138 40.19 -43.90 3.43
CA ASN E 138 40.49 -44.16 2.03
C ASN E 138 41.14 -43.02 1.28
N ASN E 139 42.40 -43.19 0.88
CA ASN E 139 43.18 -42.20 0.14
C ASN E 139 43.30 -40.83 0.81
N ILE E 140 43.59 -40.83 2.10
CA ILE E 140 43.69 -39.59 2.83
C ILE E 140 45.09 -39.18 3.19
N THR E 141 45.40 -37.92 2.92
CA THR E 141 46.70 -37.35 3.21
C THR E 141 46.94 -37.14 4.70
N ASP E 142 48.18 -36.81 5.04
CA ASP E 142 48.65 -36.67 6.41
C ASP E 142 47.94 -35.62 7.25
N ASP E 143 47.39 -34.59 6.63
CA ASP E 143 46.75 -33.54 7.37
C ASP E 143 45.31 -33.86 7.73
N MET E 144 44.64 -34.65 6.91
CA MET E 144 43.22 -34.87 7.10
C MET E 144 43.00 -36.04 8.04
N ARG E 145 43.38 -35.83 9.28
CA ARG E 145 43.41 -36.92 10.25
C ARG E 145 42.09 -37.20 10.92
N GLY E 146 41.17 -37.78 10.17
CA GLY E 146 39.84 -38.12 10.66
C GLY E 146 38.86 -36.97 10.49
N GLU E 147 39.28 -35.96 9.74
CA GLU E 147 38.47 -34.78 9.48
C GLU E 147 37.20 -35.13 8.72
N LEU E 148 37.27 -36.12 7.84
CA LEU E 148 36.12 -36.53 7.09
C LEU E 148 35.53 -37.77 7.77
N LYS E 149 34.27 -37.68 8.18
CA LYS E 149 33.60 -38.76 8.90
C LYS E 149 32.45 -39.40 8.07
N ASN E 150 32.39 -40.76 8.03
CA ASN E 150 31.42 -41.58 7.30
C ASN E 150 30.35 -42.12 8.25
N CYS E 151 29.09 -41.61 8.14
CA CYS E 151 27.98 -41.94 9.04
C CYS E 151 26.79 -42.55 8.31
N SER E 152 26.04 -43.40 9.02
CA SER E 152 24.82 -43.96 8.47
C SER E 152 23.67 -43.96 9.48
N PHE E 153 22.46 -43.90 8.91
CA PHE E 153 21.23 -43.81 9.70
C PHE E 153 19.95 -44.26 8.98
N ASN E 154 18.86 -44.49 9.76
CA ASN E 154 17.52 -44.85 9.26
C ASN E 154 16.64 -43.59 9.10
N MET E 155 16.43 -43.14 7.85
CA MET E 155 15.69 -41.93 7.45
C MET E 155 14.31 -42.23 6.90
N THR E 156 13.37 -41.30 7.07
CA THR E 156 12.03 -41.47 6.54
C THR E 156 12.03 -41.55 5.02
N THR E 157 11.26 -42.49 4.46
CA THR E 157 11.05 -42.68 3.02
C THR E 157 9.81 -41.95 2.52
N GLU E 158 9.57 -42.00 1.20
CA GLU E 158 8.46 -41.26 0.58
C GLU E 158 7.16 -41.54 1.29
N LEU E 159 6.92 -42.77 1.65
CA LEU E 159 5.75 -43.05 2.44
C LEU E 159 6.29 -43.11 3.83
N ARG E 160 5.55 -42.52 4.77
CA ARG E 160 6.02 -42.38 6.16
C ARG E 160 6.09 -43.67 6.94
N ASP E 161 5.56 -44.73 6.38
CA ASP E 161 5.57 -46.03 6.98
C ASP E 161 6.94 -46.70 6.94
N LYS E 162 7.79 -46.32 5.99
CA LYS E 162 9.04 -47.03 5.84
C LYS E 162 10.26 -46.17 6.09
N LYS E 163 11.38 -46.84 6.37
CA LYS E 163 12.64 -46.18 6.57
C LYS E 163 13.65 -46.65 5.53
N GLN E 164 14.60 -45.80 5.23
CA GLN E 164 15.69 -46.11 4.34
C GLN E 164 17.00 -45.96 5.06
N LYS E 165 17.88 -46.90 4.87
CA LYS E 165 19.18 -46.80 5.48
C LYS E 165 20.07 -46.11 4.49
N VAL E 166 20.62 -45.00 4.89
CA VAL E 166 21.47 -44.22 4.02
C VAL E 166 22.76 -43.89 4.71
N TYR E 167 23.74 -43.50 3.92
CA TYR E 167 24.99 -43.05 4.52
C TYR E 167 25.42 -41.79 3.80
N SER E 168 26.20 -40.98 4.49
CA SER E 168 26.72 -39.75 3.92
C SER E 168 27.97 -39.30 4.63
N LEU E 169 28.65 -38.34 4.02
CA LEU E 169 29.85 -37.84 4.65
C LEU E 169 29.63 -36.52 5.33
N PHE E 170 30.36 -36.33 6.41
CA PHE E 170 30.32 -35.16 7.23
C PHE E 170 31.68 -34.60 7.59
N TYR E 171 31.72 -33.33 7.90
CA TYR E 171 32.95 -32.81 8.44
C TYR E 171 32.90 -32.98 9.93
N ARG E 172 34.05 -33.25 10.51
CA ARG E 172 34.21 -33.46 11.94
C ARG E 172 33.67 -32.30 12.76
N LEU E 173 33.82 -31.09 12.27
CA LEU E 173 33.38 -29.93 13.00
C LEU E 173 31.88 -29.92 13.30
N ASP E 174 31.07 -30.58 12.49
CA ASP E 174 29.63 -30.57 12.67
C ASP E 174 29.04 -31.80 13.34
N VAL E 175 29.87 -32.76 13.73
CA VAL E 175 29.33 -33.98 14.30
C VAL E 175 29.93 -34.26 15.66
N VAL E 176 29.08 -34.53 16.63
CA VAL E 176 29.60 -34.75 17.96
C VAL E 176 29.18 -36.09 18.52
N GLN E 177 29.95 -36.59 19.48
CA GLN E 177 29.67 -37.89 20.05
C GLN E 177 28.58 -37.92 21.08
N ILE E 178 27.78 -38.95 21.00
CA ILE E 178 26.77 -39.22 21.98
C ILE E 178 27.46 -40.08 23.02
N ASN E 179 27.47 -39.66 24.30
CA ASN E 179 28.14 -40.36 25.41
C ASN E 179 29.65 -40.47 25.15
N LYS E 191 30.56 -45.41 19.29
CA LYS E 191 30.55 -45.08 17.86
C LYS E 191 29.24 -44.35 17.40
N GLU E 192 28.44 -43.82 18.36
CA GLU E 192 27.19 -43.09 18.11
C GLU E 192 27.43 -41.60 18.17
N TYR E 193 26.91 -40.92 17.16
CA TYR E 193 27.04 -39.49 16.96
C TYR E 193 25.74 -38.79 16.64
N ARG E 194 25.73 -37.49 16.85
CA ARG E 194 24.59 -36.66 16.51
C ARG E 194 25.04 -35.42 15.79
N LEU E 195 24.11 -34.76 15.13
CA LEU E 195 24.45 -33.51 14.51
C LEU E 195 24.69 -32.54 15.64
N ILE E 196 25.68 -31.69 15.47
CA ILE E 196 26.06 -30.76 16.49
C ILE E 196 24.96 -29.85 16.99
N ASN E 197 24.01 -29.49 16.14
CA ASN E 197 22.95 -28.59 16.57
C ASN E 197 21.59 -29.22 16.97
N CYS E 198 21.52 -30.55 17.19
CA CYS E 198 20.29 -31.26 17.60
C CYS E 198 19.71 -30.78 18.91
N ASN E 199 20.51 -30.26 19.80
CA ASN E 199 19.96 -29.80 21.06
C ASN E 199 19.43 -28.36 21.00
N THR E 200 20.16 -27.47 20.29
CA THR E 200 19.92 -26.03 20.18
C THR E 200 18.85 -25.56 19.19
N SER E 201 18.85 -26.03 17.95
CA SER E 201 17.86 -25.46 17.01
C SER E 201 17.58 -26.30 15.78
N ALA E 202 16.47 -26.00 15.10
CA ALA E 202 16.15 -26.66 13.83
C ALA E 202 17.10 -26.17 12.75
N ILE E 203 17.46 -27.05 11.84
CA ILE E 203 18.32 -26.67 10.73
C ILE E 203 17.53 -26.62 9.45
N THR E 204 17.64 -25.52 8.72
CA THR E 204 16.97 -25.34 7.44
C THR E 204 17.95 -25.56 6.30
N GLN E 205 17.58 -26.33 5.30
CA GLN E 205 18.50 -26.51 4.19
C GLN E 205 18.42 -25.31 3.30
N ALA E 206 19.55 -24.76 2.91
CA ALA E 206 19.47 -23.65 1.98
C ALA E 206 19.06 -24.21 0.63
N CYS E 207 18.27 -23.46 -0.16
CA CYS E 207 17.87 -23.86 -1.51
C CYS E 207 19.11 -23.83 -2.44
N PRO E 208 19.44 -24.94 -3.12
CA PRO E 208 20.63 -25.13 -3.93
C PRO E 208 20.69 -24.27 -5.17
N LYS E 209 19.54 -23.74 -5.55
CA LYS E 209 19.42 -22.94 -6.73
C LYS E 209 19.62 -21.46 -6.45
N VAL E 210 19.78 -21.08 -5.19
CA VAL E 210 19.87 -19.66 -4.88
C VAL E 210 21.26 -19.17 -4.53
N SER E 211 21.76 -18.22 -5.32
CA SER E 211 23.08 -17.65 -5.10
C SER E 211 23.13 -16.49 -4.13
N PHE E 212 24.20 -16.51 -3.35
CA PHE E 212 24.55 -15.50 -2.40
C PHE E 212 25.84 -14.82 -2.77
N GLU E 213 26.16 -14.82 -4.05
CA GLU E 213 27.36 -14.16 -4.52
C GLU E 213 27.16 -12.65 -4.38
N PRO E 214 28.03 -11.92 -3.68
CA PRO E 214 27.92 -10.49 -3.50
C PRO E 214 27.92 -9.75 -4.83
N ILE E 215 26.98 -8.82 -4.96
CA ILE E 215 26.87 -7.97 -6.12
C ILE E 215 26.78 -6.56 -5.55
N PRO E 216 27.18 -5.51 -6.26
CA PRO E 216 27.16 -4.15 -5.80
C PRO E 216 25.78 -3.55 -5.71
N ILE E 217 25.29 -3.34 -4.50
CA ILE E 217 23.99 -2.74 -4.34
C ILE E 217 24.14 -1.32 -3.87
N HIS E 218 23.48 -0.42 -4.57
CA HIS E 218 23.56 0.99 -4.32
C HIS E 218 22.41 1.41 -3.45
N TYR E 219 22.65 2.28 -2.47
CA TYR E 219 21.55 2.77 -1.68
C TYR E 219 21.16 4.14 -2.18
N CYS E 220 19.86 4.35 -2.44
CA CYS E 220 19.34 5.59 -3.03
C CYS E 220 18.38 6.31 -2.08
N ALA E 221 18.47 7.63 -2.09
CA ALA E 221 17.65 8.48 -1.25
C ALA E 221 16.18 8.53 -1.71
N PRO E 222 15.22 8.63 -0.79
CA PRO E 222 13.83 8.94 -1.05
C PRO E 222 13.75 10.37 -1.50
N ALA E 223 12.69 10.72 -2.21
CA ALA E 223 12.56 12.11 -2.59
C ALA E 223 12.51 12.97 -1.33
N GLY E 224 13.19 14.11 -1.39
CA GLY E 224 13.23 15.05 -0.28
C GLY E 224 14.52 14.88 0.53
N PHE E 225 15.26 13.83 0.22
CA PHE E 225 16.51 13.52 0.89
C PHE E 225 17.68 13.56 -0.05
N ALA E 226 18.86 13.73 0.52
CA ALA E 226 20.06 13.78 -0.27
C ALA E 226 21.20 13.06 0.43
N ILE E 227 22.12 12.50 -0.36
CA ILE E 227 23.25 11.86 0.24
C ILE E 227 24.48 12.71 0.02
N LEU E 228 25.13 13.05 1.09
CA LEU E 228 26.31 13.84 0.95
C LEU E 228 27.47 12.88 0.97
N LYS E 229 28.39 13.07 0.06
CA LYS E 229 29.57 12.23 -0.04
C LYS E 229 30.79 13.05 0.32
N CYS E 230 31.75 12.44 1.06
CA CYS E 230 33.03 13.08 1.38
C CYS E 230 34.05 12.65 0.33
N LYS E 231 34.57 13.64 -0.38
CA LYS E 231 35.54 13.42 -1.44
C LYS E 231 36.94 13.70 -0.96
N ASP E 232 37.04 14.50 0.10
CA ASP E 232 38.33 14.89 0.63
C ASP E 232 39.14 13.64 0.87
N LYS E 233 40.27 13.56 0.18
CA LYS E 233 41.10 12.39 0.19
C LYS E 233 41.77 12.20 1.55
N LYS E 234 41.87 10.95 1.98
CA LYS E 234 42.46 10.53 3.25
C LYS E 234 41.68 11.04 4.46
N PHE E 235 40.36 11.02 4.36
CA PHE E 235 39.49 11.46 5.44
C PHE E 235 39.58 10.56 6.69
N ASN E 236 39.64 11.21 7.89
CA ASN E 236 39.77 10.63 9.22
C ASN E 236 38.59 9.74 9.67
N GLY E 237 37.37 10.00 9.17
CA GLY E 237 36.13 9.27 9.50
C GLY E 237 35.26 10.00 10.52
N THR E 238 35.84 10.92 11.28
CA THR E 238 35.07 11.68 12.26
C THR E 238 35.16 13.19 12.17
N GLY E 239 36.12 13.69 11.42
CA GLY E 239 36.31 15.14 11.39
C GLY E 239 35.49 15.81 10.30
N PRO E 240 35.68 17.12 10.13
CA PRO E 240 35.11 17.93 9.09
C PRO E 240 35.72 17.45 7.79
N CYS E 241 34.95 17.53 6.71
CA CYS E 241 35.33 17.19 5.35
C CYS E 241 35.14 18.48 4.56
N THR E 242 36.19 18.94 3.91
CA THR E 242 36.12 20.20 3.16
C THR E 242 35.96 20.10 1.63
N ASN E 243 35.83 18.88 1.09
CA ASN E 243 35.63 18.55 -0.31
C ASN E 243 34.50 17.53 -0.37
N VAL E 244 33.28 18.02 -0.63
CA VAL E 244 32.04 17.24 -0.59
C VAL E 244 31.23 17.42 -1.87
N SER E 245 30.34 16.47 -2.09
CA SER E 245 29.43 16.48 -3.22
C SER E 245 28.11 15.81 -2.89
N THR E 246 27.11 16.02 -3.73
CA THR E 246 25.80 15.40 -3.52
C THR E 246 25.42 14.40 -4.58
N VAL E 247 24.96 13.24 -4.13
CA VAL E 247 24.51 12.21 -5.04
C VAL E 247 23.14 11.72 -4.65
N GLN E 248 22.41 11.14 -5.61
CA GLN E 248 21.16 10.52 -5.20
C GLN E 248 21.33 9.05 -4.72
N CYS E 249 22.45 8.36 -5.11
CA CYS E 249 22.76 6.97 -4.81
C CYS E 249 24.23 6.85 -4.41
N THR E 250 24.51 5.95 -3.48
CA THR E 250 25.86 5.67 -3.05
C THR E 250 26.50 4.73 -4.05
N HIS E 251 27.79 4.54 -3.91
CA HIS E 251 28.54 3.57 -4.68
C HIS E 251 27.96 2.25 -4.28
N GLY E 252 27.89 1.32 -5.20
CA GLY E 252 27.35 0.04 -4.79
C GLY E 252 28.35 -0.66 -3.91
N ILE E 253 27.85 -1.37 -2.92
CA ILE E 253 28.71 -2.12 -2.05
C ILE E 253 28.35 -3.56 -2.12
N LYS E 254 29.33 -4.40 -2.36
CA LYS E 254 29.05 -5.80 -2.36
C LYS E 254 28.90 -6.24 -0.90
N PRO E 255 27.86 -6.99 -0.53
CA PRO E 255 27.60 -7.48 0.82
C PRO E 255 28.49 -8.66 1.11
N VAL E 256 29.78 -8.38 1.17
CA VAL E 256 30.77 -9.39 1.42
C VAL E 256 30.81 -9.67 2.89
N VAL E 257 30.81 -10.96 3.23
CA VAL E 257 30.87 -11.38 4.61
C VAL E 257 32.16 -12.11 4.85
N SER E 258 32.88 -11.65 5.84
CA SER E 258 34.17 -12.19 6.21
C SER E 258 34.47 -11.90 7.67
N THR E 259 35.54 -12.52 8.16
CA THR E 259 36.05 -12.27 9.49
C THR E 259 37.51 -11.99 9.36
N GLN E 260 38.04 -11.21 10.30
CA GLN E 260 39.45 -10.85 10.47
C GLN E 260 39.98 -9.92 9.38
N LEU E 261 39.91 -10.35 8.13
CA LEU E 261 40.32 -9.51 7.03
C LEU E 261 39.11 -9.06 6.24
N LEU E 262 39.25 -7.89 5.66
CA LEU E 262 38.24 -7.30 4.83
C LEU E 262 38.58 -7.56 3.40
N LEU E 263 37.65 -8.17 2.69
CA LEU E 263 37.89 -8.53 1.30
C LEU E 263 37.04 -7.71 0.32
N ASN E 264 37.56 -7.50 -0.91
CA ASN E 264 36.95 -6.89 -2.09
C ASN E 264 36.37 -5.46 -1.84
N GLY E 265 37.09 -4.60 -1.08
CA GLY E 265 36.74 -3.19 -0.78
C GLY E 265 37.50 -2.19 -1.67
N SER E 266 37.56 -0.94 -1.21
CA SER E 266 38.21 0.15 -1.95
C SER E 266 39.71 0.22 -1.79
N LEU E 267 40.27 1.18 -2.54
CA LEU E 267 41.67 1.57 -2.69
C LEU E 267 42.26 2.30 -1.49
N ALA E 268 41.46 2.61 -0.50
CA ALA E 268 41.96 3.29 0.70
C ALA E 268 42.65 4.61 0.44
N GLU E 269 42.17 5.39 -0.51
CA GLU E 269 42.74 6.71 -0.76
C GLU E 269 44.23 6.67 -1.10
N GLU E 270 44.72 5.52 -1.60
CA GLU E 270 46.11 5.27 -1.97
C GLU E 270 47.13 5.41 -0.82
N GLU E 271 46.71 5.07 0.39
CA GLU E 271 47.58 5.11 1.55
C GLU E 271 47.08 4.13 2.60
N VAL E 272 47.95 3.58 3.41
CA VAL E 272 47.36 2.78 4.46
C VAL E 272 46.82 3.72 5.50
N ILE E 273 45.56 3.55 5.85
CA ILE E 273 44.89 4.42 6.80
C ILE E 273 44.27 3.68 7.95
N ILE E 274 44.57 4.14 9.16
CA ILE E 274 44.02 3.50 10.33
C ILE E 274 43.00 4.38 11.03
N ARG E 275 41.76 3.90 11.14
CA ARG E 275 40.70 4.66 11.78
C ARG E 275 40.16 3.94 13.01
N SER E 276 39.70 4.71 13.99
CA SER E 276 39.13 4.13 15.21
C SER E 276 38.14 5.08 15.82
N GLU E 277 37.14 4.54 16.51
CA GLU E 277 36.18 5.40 17.21
C GLU E 277 36.84 6.16 18.38
N ASN E 278 37.73 5.47 19.12
CA ASN E 278 38.49 5.93 20.26
C ASN E 278 39.88 5.27 20.21
N ILE E 279 40.90 6.02 19.76
CA ILE E 279 42.28 5.54 19.57
C ILE E 279 42.95 5.16 20.90
N THR E 280 42.43 5.67 22.01
CA THR E 280 43.06 5.40 23.28
C THR E 280 42.36 4.27 24.00
N ASN E 281 41.31 3.72 23.41
CA ASN E 281 40.57 2.66 24.06
C ASN E 281 40.90 1.32 23.41
N ASN E 282 41.63 0.47 24.11
CA ASN E 282 42.09 -0.79 23.55
C ASN E 282 40.98 -1.81 23.33
N ALA E 283 39.81 -1.52 23.85
CA ALA E 283 38.68 -2.43 23.70
C ALA E 283 37.94 -2.19 22.40
N LYS E 284 38.32 -1.17 21.64
CA LYS E 284 37.62 -0.85 20.42
C LYS E 284 38.28 -1.46 19.19
N ASN E 285 37.50 -1.74 18.15
CA ASN E 285 38.08 -2.23 16.92
C ASN E 285 38.78 -1.14 16.12
N ILE E 286 39.86 -1.52 15.47
CA ILE E 286 40.65 -0.70 14.60
C ILE E 286 40.38 -1.08 13.17
N LEU E 287 39.95 -0.13 12.37
CA LEU E 287 39.62 -0.42 11.00
C LEU E 287 40.76 0.02 10.11
N VAL E 288 41.36 -0.91 9.40
CA VAL E 288 42.50 -0.55 8.58
C VAL E 288 42.24 -0.77 7.11
N GLN E 289 42.43 0.28 6.32
CA GLN E 289 42.30 0.15 4.87
C GLN E 289 43.68 0.14 4.26
N LEU E 290 43.87 -0.65 3.21
CA LEU E 290 45.18 -0.75 2.59
C LEU E 290 45.33 0.01 1.27
N ASN E 291 46.57 0.50 1.00
CA ASN E 291 46.97 1.26 -0.19
C ASN E 291 46.78 0.45 -1.50
N GLU E 292 46.99 -0.88 -1.46
CA GLU E 292 46.84 -1.81 -2.58
C GLU E 292 46.43 -3.11 -1.95
N SER E 293 45.71 -3.93 -2.68
CA SER E 293 45.28 -5.21 -2.16
C SER E 293 46.35 -6.27 -2.18
N VAL E 294 46.10 -7.29 -1.39
CA VAL E 294 46.96 -8.45 -1.39
C VAL E 294 46.17 -9.56 -2.04
N GLN E 295 46.71 -10.16 -3.08
CA GLN E 295 45.92 -11.19 -3.72
C GLN E 295 46.03 -12.47 -2.95
N ILE E 296 44.90 -13.12 -2.75
CA ILE E 296 44.89 -14.43 -2.09
C ILE E 296 44.18 -15.49 -2.95
N ASN E 297 44.85 -16.65 -3.18
CA ASN E 297 44.38 -17.79 -3.98
C ASN E 297 43.88 -18.92 -3.08
N CYS E 298 42.55 -19.18 -3.03
CA CYS E 298 41.95 -20.17 -2.13
C CYS E 298 41.35 -21.35 -2.87
N THR E 299 41.48 -22.52 -2.28
CA THR E 299 40.94 -23.73 -2.85
C THR E 299 40.37 -24.74 -1.87
N ARG E 300 39.48 -25.55 -2.42
CA ARG E 300 38.87 -26.69 -1.78
C ARG E 300 39.24 -27.85 -2.71
N PRO E 301 40.42 -28.43 -2.54
CA PRO E 301 41.06 -29.38 -3.44
C PRO E 301 40.50 -30.77 -3.30
N ASN E 302 39.21 -30.91 -3.46
CA ASN E 302 38.54 -32.19 -3.35
C ASN E 302 37.37 -32.23 -4.32
N ASN E 303 37.34 -33.25 -5.21
CA ASN E 303 36.27 -33.44 -6.19
C ASN E 303 35.12 -34.21 -5.51
N ASN E 304 34.09 -33.46 -5.07
CA ASN E 304 32.98 -33.96 -4.28
C ASN E 304 31.79 -34.35 -5.12
N THR E 305 30.97 -35.20 -4.55
CA THR E 305 29.74 -35.66 -5.18
C THR E 305 28.51 -35.06 -4.50
N ARG E 306 27.56 -34.55 -5.28
CA ARG E 306 26.33 -34.09 -4.68
C ARG E 306 25.34 -35.23 -4.77
N LYS E 307 24.89 -35.75 -3.64
CA LYS E 307 23.99 -36.89 -3.68
C LYS E 307 22.58 -36.52 -3.27
N SER E 308 21.70 -36.45 -4.24
CA SER E 308 20.34 -36.01 -3.97
C SER E 308 19.52 -37.16 -3.43
N ILE E 309 18.94 -36.98 -2.25
CA ILE E 309 18.14 -38.02 -1.65
C ILE E 309 16.71 -37.57 -1.44
N ARG E 310 15.78 -38.36 -1.92
CA ARG E 310 14.40 -38.05 -1.70
C ARG E 310 13.98 -38.43 -0.29
N ILE E 311 13.27 -37.54 0.37
CA ILE E 311 12.77 -37.77 1.72
C ILE E 311 11.24 -37.87 1.71
N GLY E 312 10.62 -38.12 2.87
CA GLY E 312 9.16 -38.26 2.94
C GLY E 312 8.39 -37.17 2.14
N PRO E 313 8.59 -35.91 2.47
CA PRO E 313 8.04 -34.77 1.80
C PRO E 313 8.52 -34.82 0.37
N GLY E 314 7.85 -34.14 -0.56
CA GLY E 314 8.26 -34.15 -1.98
C GLY E 314 9.65 -33.54 -2.20
N GLN E 315 10.15 -32.90 -1.17
CA GLN E 315 11.42 -32.23 -1.07
C GLN E 315 12.62 -33.18 -1.02
N TRP E 316 13.77 -32.63 -1.41
CA TRP E 316 15.02 -33.35 -1.45
C TRP E 316 16.08 -32.81 -0.51
N PHE E 317 16.88 -33.73 0.00
CA PHE E 317 18.03 -33.44 0.82
C PHE E 317 19.31 -33.65 0.05
N TYR E 318 20.28 -32.75 0.21
CA TYR E 318 21.53 -32.96 -0.52
C TYR E 318 22.65 -33.41 0.38
N ALA E 319 22.99 -34.67 0.23
CA ALA E 319 24.00 -35.34 1.01
C ALA E 319 25.34 -35.15 0.38
N THR E 320 26.38 -35.23 1.18
CA THR E 320 27.70 -35.26 0.60
C THR E 320 27.95 -36.71 0.24
N GLY E 321 28.27 -36.96 -1.02
CA GLY E 321 28.51 -38.30 -1.48
C GLY E 321 29.97 -38.61 -1.37
N ASP E 322 30.41 -39.68 -1.98
CA ASP E 322 31.77 -40.09 -1.86
C ASP E 322 32.73 -39.16 -2.60
N ILE E 323 33.97 -39.14 -2.13
CA ILE E 323 34.99 -38.28 -2.70
C ILE E 323 35.62 -38.98 -3.88
N ILE E 324 35.81 -38.26 -4.96
CA ILE E 324 36.41 -38.79 -6.14
C ILE E 324 37.90 -38.47 -6.08
N GLY E 325 38.72 -39.50 -6.12
CA GLY E 325 40.16 -39.29 -6.02
C GLY E 325 40.55 -39.15 -4.56
N ASP E 326 41.74 -38.62 -4.32
CA ASP E 326 42.30 -38.50 -2.98
C ASP E 326 41.77 -37.30 -2.22
N ILE E 327 41.93 -37.35 -0.92
CA ILE E 327 41.48 -36.34 0.02
C ILE E 327 42.58 -35.43 0.54
N ARG E 328 42.36 -34.14 0.35
CA ARG E 328 43.33 -33.10 0.69
C ARG E 328 42.76 -31.99 1.56
N GLN E 329 43.65 -31.28 2.26
CA GLN E 329 43.22 -30.18 3.10
C GLN E 329 43.04 -28.89 2.32
N ALA E 330 41.97 -28.15 2.64
CA ALA E 330 41.68 -26.86 2.03
C ALA E 330 42.73 -25.87 2.46
N HIS E 331 43.02 -24.90 1.61
CA HIS E 331 44.04 -23.93 1.95
C HIS E 331 43.98 -22.65 1.09
N CYS E 332 44.70 -21.58 1.54
CA CYS E 332 44.89 -20.32 0.81
C CYS E 332 46.38 -19.92 0.69
N ASN E 333 46.75 -19.42 -0.48
CA ASN E 333 48.11 -18.99 -0.81
C ASN E 333 48.20 -17.46 -0.89
N VAL E 334 49.08 -16.87 -0.04
CA VAL E 334 49.36 -15.43 0.10
C VAL E 334 50.83 -15.13 -0.23
N SER E 335 51.10 -14.12 -1.07
CA SER E 335 52.49 -13.80 -1.35
C SER E 335 53.15 -13.27 -0.11
N LYS E 336 54.27 -13.86 0.27
CA LYS E 336 54.91 -13.46 1.49
C LYS E 336 55.58 -12.11 1.38
N ALA E 337 56.06 -11.77 0.20
CA ALA E 337 56.71 -10.49 0.08
C ALA E 337 55.66 -9.40 0.10
N THR E 338 54.53 -9.65 -0.56
CA THR E 338 53.51 -8.64 -0.61
C THR E 338 52.98 -8.42 0.78
N TRP E 339 52.74 -9.51 1.49
CA TRP E 339 52.23 -9.44 2.84
C TRP E 339 53.18 -8.68 3.78
N ASN E 340 54.53 -8.94 3.70
CA ASN E 340 55.55 -8.27 4.50
C ASN E 340 55.52 -6.74 4.26
N GLU E 341 55.40 -6.31 2.97
CA GLU E 341 55.32 -4.89 2.59
C GLU E 341 54.04 -4.27 3.10
N THR E 342 52.97 -5.04 3.04
CA THR E 342 51.68 -4.57 3.49
C THR E 342 51.75 -4.26 4.95
N LEU E 343 52.31 -5.19 5.72
CA LEU E 343 52.38 -4.94 7.12
C LEU E 343 53.36 -3.82 7.39
N GLY E 344 54.43 -3.71 6.63
CA GLY E 344 55.36 -2.64 6.93
C GLY E 344 54.64 -1.30 6.85
N LYS E 345 53.74 -1.15 5.88
CA LYS E 345 52.98 0.08 5.75
C LYS E 345 52.02 0.28 6.92
N VAL E 346 51.39 -0.80 7.39
CA VAL E 346 50.48 -0.73 8.53
C VAL E 346 51.24 -0.30 9.76
N VAL E 347 52.42 -0.86 9.92
CA VAL E 347 53.28 -0.58 11.04
C VAL E 347 53.67 0.89 11.03
N LYS E 348 54.01 1.45 9.87
CA LYS E 348 54.32 2.88 9.84
C LYS E 348 53.13 3.70 10.31
N GLN E 349 51.93 3.29 9.93
CA GLN E 349 50.75 4.02 10.38
C GLN E 349 50.52 3.81 11.86
N LEU E 350 50.85 2.65 12.37
CA LEU E 350 50.68 2.44 13.79
C LEU E 350 51.65 3.34 14.53
N ARG E 351 52.87 3.52 14.01
CA ARG E 351 53.82 4.43 14.64
C ARG E 351 53.27 5.84 14.57
N LYS E 352 52.61 6.18 13.47
CA LYS E 352 52.04 7.51 13.34
C LYS E 352 51.14 7.79 14.54
N HIS E 353 50.32 6.82 14.93
CA HIS E 353 49.45 6.98 16.09
C HIS E 353 50.11 6.79 17.45
N PHE E 354 51.06 5.85 17.57
CA PHE E 354 51.60 5.53 18.89
C PHE E 354 53.07 5.86 19.21
N GLY E 355 53.86 6.29 18.22
CA GLY E 355 55.28 6.61 18.40
C GLY E 355 56.22 5.60 17.73
N ASN E 356 57.46 6.00 17.45
CA ASN E 356 58.40 5.05 16.78
C ASN E 356 59.15 4.20 17.83
N ASN E 357 59.22 4.71 19.05
CA ASN E 357 60.01 4.22 20.17
C ASN E 357 59.38 2.99 20.79
N THR E 358 58.59 2.27 20.00
CA THR E 358 57.93 1.09 20.49
C THR E 358 58.13 -0.08 19.54
N ILE E 359 57.76 -1.24 20.02
CA ILE E 359 57.80 -2.45 19.21
C ILE E 359 56.40 -2.84 18.84
N ILE E 360 56.20 -3.07 17.56
CA ILE E 360 54.90 -3.43 17.05
C ILE E 360 54.80 -4.88 16.70
N ARG E 361 53.89 -5.53 17.36
CA ARG E 361 53.68 -6.95 17.21
C ARG E 361 52.23 -7.15 16.84
N PHE E 362 51.93 -8.25 16.19
CA PHE E 362 50.56 -8.58 15.88
C PHE E 362 50.30 -9.87 16.60
N ALA E 363 49.08 -10.10 17.04
CA ALA E 363 48.87 -11.38 17.70
C ALA E 363 48.75 -12.46 16.66
N ASN E 364 49.20 -13.64 16.99
CA ASN E 364 49.07 -14.78 16.11
C ASN E 364 48.17 -15.81 16.76
N SER E 365 47.39 -15.36 17.71
CA SER E 365 46.45 -16.20 18.41
C SER E 365 45.36 -15.33 18.98
N SER E 366 44.25 -15.95 19.28
CA SER E 366 43.12 -15.29 19.89
C SER E 366 42.25 -16.30 20.58
N GLY E 367 41.35 -15.84 21.43
CA GLY E 367 40.38 -16.72 22.06
C GLY E 367 39.10 -16.67 21.26
N GLY E 368 38.02 -17.23 21.81
CA GLY E 368 36.74 -17.25 21.10
C GLY E 368 36.58 -18.54 20.32
N ASP E 369 35.45 -18.66 19.63
CA ASP E 369 35.13 -19.85 18.86
C ASP E 369 35.64 -19.75 17.43
N LEU E 370 35.29 -20.72 16.61
CA LEU E 370 35.79 -20.77 15.24
C LEU E 370 35.48 -19.52 14.41
N GLU E 371 34.36 -18.85 14.69
CA GLU E 371 33.98 -17.70 13.90
C GLU E 371 34.78 -16.47 14.29
N VAL E 372 35.60 -16.62 15.33
CA VAL E 372 36.46 -15.57 15.83
C VAL E 372 37.91 -15.86 15.52
N THR E 373 38.34 -17.10 15.78
CA THR E 373 39.73 -17.44 15.66
C THR E 373 40.19 -17.64 14.24
N THR E 374 39.28 -17.94 13.30
CA THR E 374 39.71 -18.08 11.92
C THR E 374 39.08 -17.08 11.00
N HIS E 375 39.71 -16.96 9.85
CA HIS E 375 39.27 -16.11 8.77
C HIS E 375 38.14 -16.76 8.02
N SER E 376 37.14 -15.97 7.66
CA SER E 376 35.98 -16.52 6.96
C SER E 376 35.81 -16.18 5.49
N PHE E 377 35.61 -17.22 4.68
CA PHE E 377 35.34 -17.08 3.24
C PHE E 377 34.10 -17.86 2.93
N ASN E 378 33.36 -17.43 1.91
CA ASN E 378 32.21 -18.18 1.43
C ASN E 378 32.23 -18.39 -0.08
N CYS E 379 33.36 -18.87 -0.65
CA CYS E 379 33.52 -19.01 -2.10
C CYS E 379 32.66 -20.15 -2.62
N GLY E 380 31.74 -19.83 -3.50
CA GLY E 380 30.87 -20.83 -4.07
C GLY E 380 29.78 -21.25 -3.10
N GLY E 381 29.73 -20.60 -1.93
CA GLY E 381 28.79 -21.01 -0.91
C GLY E 381 29.43 -22.01 0.04
N GLU E 382 30.74 -22.27 -0.15
CA GLU E 382 31.50 -23.17 0.69
C GLU E 382 32.04 -22.38 1.86
N PHE E 383 31.83 -22.86 3.06
CA PHE E 383 32.30 -22.09 4.21
C PHE E 383 33.65 -22.50 4.74
N PHE E 384 34.59 -21.58 4.58
CA PHE E 384 35.98 -21.78 4.93
C PHE E 384 36.33 -21.08 6.20
N TYR E 385 37.11 -21.78 7.00
CA TYR E 385 37.65 -21.32 8.26
C TYR E 385 39.16 -21.48 8.24
N CYS E 386 39.87 -20.42 7.80
CA CYS E 386 41.29 -20.44 7.50
C CYS E 386 42.15 -19.94 8.67
N ASN E 387 43.23 -20.67 8.90
CA ASN E 387 44.16 -20.37 9.98
C ASN E 387 45.19 -19.34 9.54
N THR E 388 45.04 -18.11 10.04
CA THR E 388 45.82 -16.91 9.73
C THR E 388 46.88 -16.64 10.74
N SER E 389 47.09 -17.57 11.66
CA SER E 389 48.11 -17.33 12.67
C SER E 389 49.46 -17.18 12.02
N GLY E 390 49.68 -17.86 10.90
CA GLY E 390 50.95 -17.82 10.19
C GLY E 390 51.22 -16.46 9.55
N LEU E 391 50.22 -15.59 9.50
CA LEU E 391 50.41 -14.28 8.91
C LEU E 391 50.89 -13.26 9.95
N PHE E 392 50.88 -13.62 11.23
CA PHE E 392 51.19 -12.63 12.25
C PHE E 392 52.34 -12.85 13.26
N ASN E 393 53.49 -13.49 12.87
CA ASN E 393 54.65 -13.65 13.78
C ASN E 393 55.21 -12.26 14.20
N SER E 394 55.18 -11.29 13.25
CA SER E 394 55.49 -9.86 13.38
C SER E 394 56.79 -9.46 14.10
N THR E 395 56.62 -8.56 15.05
CA THR E 395 57.63 -7.94 15.91
C THR E 395 58.57 -7.02 15.13
N TRP E 396 58.03 -5.87 14.77
CA TRP E 396 58.69 -4.84 14.01
C TRP E 396 59.24 -3.79 14.99
N ILE E 397 60.42 -3.19 14.69
CA ILE E 397 61.05 -2.13 15.52
C ILE E 397 60.02 -1.05 15.94
N SER E 413 56.18 -17.94 -0.96
CA SER E 413 54.85 -17.58 -0.50
C SER E 413 54.50 -18.37 0.78
N ILE E 414 53.39 -18.00 1.46
CA ILE E 414 52.88 -18.64 2.69
C ILE E 414 51.53 -19.30 2.44
N THR E 415 51.39 -20.52 2.95
CA THR E 415 50.14 -21.25 2.78
C THR E 415 49.43 -21.39 4.12
N LEU E 416 48.18 -21.01 4.12
CA LEU E 416 47.32 -21.07 5.28
C LEU E 416 46.39 -22.28 5.13
N PRO E 417 46.39 -23.25 6.03
CA PRO E 417 45.50 -24.41 5.97
C PRO E 417 44.14 -23.88 6.32
N CYS E 418 43.07 -24.52 5.81
CA CYS E 418 41.68 -24.16 6.07
C CYS E 418 40.82 -25.39 6.36
N ARG E 419 39.80 -25.21 7.20
CA ARG E 419 38.81 -26.23 7.46
C ARG E 419 37.48 -25.84 6.85
N ILE E 420 36.63 -26.84 6.61
CA ILE E 420 35.33 -26.62 6.03
C ILE E 420 34.21 -27.05 6.97
N LYS E 421 33.18 -26.24 7.08
CA LYS E 421 32.05 -26.58 7.94
C LYS E 421 30.78 -26.47 7.09
N GLN E 422 29.74 -27.30 7.32
CA GLN E 422 28.51 -27.20 6.53
C GLN E 422 27.32 -26.68 7.29
N ILE E 423 27.27 -26.90 8.59
CA ILE E 423 26.14 -26.38 9.32
C ILE E 423 26.55 -25.03 9.83
N ILE E 424 25.85 -24.03 9.37
CA ILE E 424 26.20 -22.68 9.61
C ILE E 424 25.23 -21.99 10.51
N ASN E 425 25.81 -21.46 11.59
CA ASN E 425 25.07 -20.58 12.53
C ASN E 425 24.93 -19.23 11.84
N MET E 426 24.31 -18.27 12.50
CA MET E 426 24.05 -17.00 11.78
C MET E 426 24.58 -15.82 12.60
N TRP E 427 25.00 -14.75 11.92
CA TRP E 427 25.64 -13.64 12.66
C TRP E 427 24.69 -13.06 13.70
N GLN E 428 25.17 -12.85 14.93
CA GLN E 428 24.35 -12.22 16.01
C GLN E 428 23.05 -13.02 16.24
N ARG E 429 23.10 -14.35 16.12
CA ARG E 429 21.89 -15.16 16.44
C ARG E 429 22.30 -16.60 16.77
N ILE E 430 21.41 -17.35 17.42
CA ILE E 430 21.69 -18.79 17.74
C ILE E 430 20.38 -19.56 17.59
N GLY E 431 19.27 -18.84 17.43
CA GLY E 431 17.95 -19.46 17.39
C GLY E 431 17.66 -20.27 16.13
N GLN E 432 18.57 -20.25 15.17
CA GLN E 432 18.39 -20.97 13.93
C GLN E 432 19.67 -21.61 13.51
N ALA E 433 19.60 -22.33 12.40
CA ALA E 433 20.75 -22.97 11.80
C ALA E 433 20.45 -23.20 10.33
N MET E 434 21.49 -23.23 9.52
CA MET E 434 21.34 -23.51 8.11
C MET E 434 22.28 -24.59 7.62
N TYR E 435 21.81 -25.43 6.72
CA TYR E 435 22.68 -26.42 6.14
C TYR E 435 23.04 -26.08 4.74
N ALA E 436 24.34 -25.98 4.51
CA ALA E 436 24.87 -25.66 3.22
C ALA E 436 24.99 -26.93 2.39
N PRO E 437 24.24 -27.10 1.29
CA PRO E 437 24.29 -28.27 0.47
C PRO E 437 25.72 -28.36 0.01
N PRO E 438 26.22 -29.54 -0.26
CA PRO E 438 27.54 -29.77 -0.76
C PRO E 438 27.62 -29.29 -2.18
N ILE E 439 28.81 -28.90 -2.56
CA ILE E 439 29.12 -28.45 -3.90
C ILE E 439 29.92 -29.48 -4.65
N GLN E 440 29.35 -29.98 -5.74
CA GLN E 440 29.95 -31.00 -6.58
C GLN E 440 31.10 -30.43 -7.37
N GLY E 441 32.18 -31.19 -7.51
CA GLY E 441 33.34 -30.70 -8.22
C GLY E 441 34.32 -30.10 -7.24
N VAL E 442 35.11 -29.13 -7.68
CA VAL E 442 36.16 -28.56 -6.83
C VAL E 442 35.97 -27.07 -6.76
N ILE E 443 36.59 -26.44 -5.77
CA ILE E 443 36.43 -24.99 -5.67
C ILE E 443 37.71 -24.22 -5.74
N ARG E 444 37.69 -23.20 -6.57
CA ARG E 444 38.81 -22.27 -6.64
C ARG E 444 38.23 -20.87 -6.71
N CYS E 445 38.86 -19.90 -5.99
CA CYS E 445 38.51 -18.47 -6.03
C CYS E 445 39.73 -17.65 -5.73
N VAL E 446 39.68 -16.39 -6.13
CA VAL E 446 40.74 -15.45 -5.84
C VAL E 446 40.12 -14.19 -5.31
N SER E 447 40.61 -13.71 -4.18
CA SER E 447 40.06 -12.50 -3.59
C SER E 447 41.13 -11.42 -3.41
N ASN E 448 40.67 -10.16 -3.24
CA ASN E 448 41.50 -8.98 -2.95
C ASN E 448 41.41 -8.62 -1.47
N ILE E 449 42.52 -8.75 -0.70
CA ILE E 449 42.51 -8.38 0.73
C ILE E 449 42.69 -6.89 0.74
N THR E 450 41.69 -6.17 1.20
CA THR E 450 41.72 -4.72 1.14
C THR E 450 41.81 -4.07 2.50
N GLY E 451 41.62 -4.84 3.56
CA GLY E 451 41.71 -4.27 4.91
C GLY E 451 41.74 -5.28 6.03
N LEU E 452 41.85 -4.76 7.25
CA LEU E 452 41.94 -5.55 8.47
C LEU E 452 41.08 -5.04 9.63
N ILE E 453 40.65 -5.97 10.48
CA ILE E 453 40.07 -5.60 11.76
C ILE E 453 41.05 -5.99 12.84
N LEU E 454 41.57 -5.00 13.55
CA LEU E 454 42.56 -5.26 14.60
C LEU E 454 42.12 -4.74 15.97
N THR E 455 42.57 -5.39 17.04
CA THR E 455 42.35 -4.86 18.39
C THR E 455 43.66 -4.88 19.16
N ARG E 456 44.05 -3.80 19.81
CA ARG E 456 45.29 -3.93 20.54
C ARG E 456 45.07 -4.64 21.86
N ASP E 457 46.01 -5.48 22.24
CA ASP E 457 45.97 -6.19 23.50
C ASP E 457 46.59 -5.26 24.54
N GLY E 458 45.88 -4.17 24.77
CA GLY E 458 46.37 -3.08 25.60
C GLY E 458 45.94 -3.17 27.05
N GLY E 459 46.19 -2.09 27.79
CA GLY E 459 45.90 -2.02 29.23
C GLY E 459 47.18 -2.27 30.01
N SER E 460 48.20 -2.69 29.26
CA SER E 460 49.53 -2.97 29.74
C SER E 460 50.26 -1.69 30.07
N THR E 461 51.14 -1.76 31.06
CA THR E 461 51.96 -0.63 31.46
C THR E 461 53.28 -0.64 30.69
N ASN E 462 53.51 -1.70 29.94
CA ASN E 462 54.74 -1.84 29.19
C ASN E 462 54.60 -1.14 27.86
N SER E 463 54.69 0.19 27.92
CA SER E 463 54.44 1.10 26.80
C SER E 463 55.44 0.91 25.65
N THR E 464 56.52 0.23 25.96
CA THR E 464 57.57 -0.12 25.04
C THR E 464 57.03 -0.95 23.89
N THR E 465 56.10 -1.87 24.16
CA THR E 465 55.64 -2.72 23.08
C THR E 465 54.13 -2.76 23.04
N GLU E 466 53.57 -3.12 21.89
CA GLU E 466 52.13 -3.34 21.82
C GLU E 466 51.81 -4.40 20.78
N THR E 467 50.76 -5.17 21.05
CA THR E 467 50.36 -6.25 20.15
C THR E 467 48.96 -6.06 19.56
N PHE E 468 48.87 -6.11 18.24
CA PHE E 468 47.61 -5.90 17.55
C PHE E 468 47.03 -7.21 17.01
N ARG E 469 45.96 -7.65 17.63
CA ARG E 469 45.35 -8.91 17.31
C ARG E 469 44.29 -8.83 16.24
N PRO E 470 44.32 -9.69 15.21
CA PRO E 470 43.32 -9.74 14.18
C PRO E 470 42.06 -10.33 14.77
N GLY E 471 40.92 -9.91 14.27
CA GLY E 471 39.66 -10.49 14.72
C GLY E 471 38.86 -9.51 15.55
N GLY E 472 37.77 -9.99 16.15
CA GLY E 472 36.85 -9.12 16.88
C GLY E 472 35.80 -8.54 15.95
N GLY E 473 35.72 -9.11 14.75
CA GLY E 473 34.80 -8.66 13.73
C GLY E 473 33.34 -8.85 14.07
N ASP E 474 32.59 -7.91 13.52
CA ASP E 474 31.15 -7.70 13.58
C ASP E 474 30.80 -7.15 12.22
N MET E 475 29.83 -7.72 11.53
CA MET E 475 29.60 -7.23 10.19
C MET E 475 29.19 -5.79 10.12
N ARG E 476 28.74 -5.21 11.22
CA ARG E 476 28.41 -3.81 11.15
C ARG E 476 29.67 -2.99 11.00
N ASP E 477 30.77 -3.46 11.57
CA ASP E 477 31.98 -2.69 11.46
C ASP E 477 32.55 -2.91 10.09
N ASN E 478 32.34 -4.12 9.57
CA ASN E 478 32.87 -4.42 8.28
C ASN E 478 32.11 -3.65 7.22
N TRP E 479 30.83 -3.41 7.46
CA TRP E 479 30.04 -2.64 6.54
C TRP E 479 30.22 -1.15 6.76
N ARG E 480 30.66 -0.74 7.94
CA ARG E 480 30.99 0.66 8.10
C ARG E 480 32.05 1.00 7.08
N SER E 481 33.01 0.10 6.91
CA SER E 481 33.94 0.36 5.86
C SER E 481 33.11 0.42 4.59
N GLU E 482 33.40 1.40 3.75
CA GLU E 482 32.75 1.72 2.48
C GLU E 482 31.37 2.43 2.62
N LEU E 483 30.85 2.58 3.84
CA LEU E 483 29.66 3.40 4.10
C LEU E 483 30.05 4.74 4.66
N TYR E 484 31.22 4.79 5.29
CA TYR E 484 31.76 5.97 5.98
C TYR E 484 31.88 7.20 5.11
N LYS E 485 31.89 7.02 3.81
CA LYS E 485 32.03 8.13 2.91
C LYS E 485 30.71 8.85 2.69
N TYR E 486 29.61 8.28 3.16
CA TYR E 486 28.33 8.88 2.89
C TYR E 486 27.51 9.24 4.13
N LYS E 487 26.75 10.32 4.02
CA LYS E 487 25.85 10.74 5.08
C LYS E 487 24.49 11.14 4.53
N VAL E 488 23.43 10.85 5.28
CA VAL E 488 22.09 11.24 4.83
C VAL E 488 21.54 12.44 5.54
N VAL E 489 21.08 13.39 4.74
CA VAL E 489 20.48 14.61 5.25
C VAL E 489 19.14 14.79 4.58
N LYS E 490 18.30 15.61 5.17
CA LYS E 490 17.03 15.91 4.54
C LYS E 490 17.04 17.33 4.12
N ILE E 491 16.30 17.60 3.09
CA ILE E 491 16.17 18.93 2.58
C ILE E 491 15.04 19.63 3.28
N GLU E 492 15.30 20.86 3.68
CA GLU E 492 14.30 21.71 4.32
C GLU E 492 14.12 22.98 3.50
N PRO E 493 13.27 22.96 2.46
CA PRO E 493 13.07 23.99 1.46
C PRO E 493 12.56 25.32 1.98
N LEU E 494 12.01 25.36 3.18
CA LEU E 494 11.48 26.63 3.63
C LEU E 494 12.46 27.47 4.42
N GLY E 495 12.73 28.68 3.93
CA GLY E 495 13.63 29.59 4.61
C GLY E 495 13.00 30.98 4.70
N VAL E 496 13.46 31.76 5.66
CA VAL E 496 12.96 33.12 5.88
C VAL E 496 14.12 34.08 6.04
N ALA E 497 14.05 35.30 5.49
CA ALA E 497 15.12 36.30 5.63
C ALA E 497 14.50 37.70 5.56
N PRO E 498 15.16 38.77 6.06
CA PRO E 498 14.71 40.15 5.97
C PRO E 498 14.83 40.70 4.55
N THR E 499 13.92 41.60 4.17
CA THR E 499 14.00 42.27 2.87
C THR E 499 13.62 43.75 2.87
N ARG E 500 13.71 44.34 1.66
CA ARG E 500 13.42 45.77 1.47
C ARG E 500 11.92 46.01 1.30
N CYS E 501 11.12 44.99 1.05
CA CYS E 501 9.76 45.13 0.46
C CYS E 501 8.72 44.35 1.29
N LYS E 502 7.49 44.89 1.38
CA LYS E 502 6.40 44.18 2.11
C LYS E 502 5.10 44.32 1.31
N ARG E 503 4.16 43.38 1.52
CA ARG E 503 2.87 43.42 0.77
C ARG E 503 2.31 44.84 0.76
N GLY F 2 21.79 19.13 -10.91
CA GLY F 2 22.09 20.35 -10.18
C GLY F 2 21.11 20.66 -9.04
N PHE F 3 20.47 19.62 -8.46
CA PHE F 3 19.44 19.67 -7.40
C PHE F 3 19.80 20.50 -6.19
N LEU F 4 20.98 20.28 -5.66
CA LEU F 4 21.44 21.00 -4.48
C LEU F 4 22.65 21.83 -4.88
N GLY F 5 22.75 22.11 -6.17
CA GLY F 5 23.89 22.84 -6.65
C GLY F 5 23.81 24.21 -6.08
N ALA F 6 24.96 24.84 -5.95
CA ALA F 6 25.09 26.18 -5.42
C ALA F 6 24.61 26.29 -3.97
N ALA F 7 24.64 25.19 -3.21
CA ALA F 7 24.28 25.27 -1.80
C ALA F 7 25.20 26.24 -1.05
N GLY F 8 26.45 26.35 -1.50
CA GLY F 8 27.44 27.22 -0.88
C GLY F 8 27.45 28.63 -1.47
N SER F 9 26.49 28.94 -2.33
CA SER F 9 26.47 30.25 -2.96
C SER F 9 25.86 31.32 -2.08
N THR F 10 26.06 32.55 -2.50
CA THR F 10 25.53 33.71 -1.85
C THR F 10 24.03 33.59 -1.68
N MET F 11 23.55 33.91 -0.49
CA MET F 11 22.13 33.77 -0.20
C MET F 11 21.22 34.47 -1.19
N GLY F 12 21.62 35.66 -1.62
CA GLY F 12 20.83 36.40 -2.57
C GLY F 12 20.81 35.70 -3.91
N ALA F 13 22.00 35.32 -4.40
CA ALA F 13 22.18 34.66 -5.67
C ALA F 13 21.44 33.34 -5.73
N ALA F 14 21.41 32.66 -4.60
CA ALA F 14 20.83 31.36 -4.40
C ALA F 14 19.34 31.36 -4.67
N SER F 15 18.71 32.53 -4.67
CA SER F 15 17.29 32.57 -4.90
C SER F 15 16.97 32.13 -6.34
N MET F 16 17.97 32.14 -7.21
CA MET F 16 17.74 31.83 -8.59
C MET F 16 17.76 30.34 -8.86
N THR F 17 17.98 29.54 -7.82
CA THR F 17 18.00 28.11 -7.98
C THR F 17 16.82 27.50 -7.23
N LEU F 18 15.91 28.34 -6.73
CA LEU F 18 14.79 27.83 -5.94
C LEU F 18 13.88 26.95 -6.77
N THR F 19 13.74 27.23 -8.07
CA THR F 19 12.84 26.43 -8.89
C THR F 19 13.29 25.00 -8.99
N VAL F 20 14.58 24.81 -9.07
CA VAL F 20 15.12 23.47 -9.22
C VAL F 20 15.03 22.73 -7.93
N GLN F 21 15.43 23.38 -6.85
CA GLN F 21 15.44 22.71 -5.58
C GLN F 21 14.04 22.27 -5.19
N ALA F 22 13.05 23.13 -5.49
CA ALA F 22 11.66 22.86 -5.16
C ALA F 22 10.97 21.87 -6.09
N ARG F 23 11.22 21.93 -7.38
CA ARG F 23 10.44 21.05 -8.27
C ARG F 23 10.83 19.61 -8.07
N ASN F 24 12.07 19.40 -7.70
CA ASN F 24 12.59 18.07 -7.61
C ASN F 24 12.12 17.34 -6.37
N LEU F 25 11.40 18.03 -5.50
CA LEU F 25 10.94 17.45 -4.26
C LEU F 25 9.91 16.36 -4.50
N LEU F 26 9.21 16.40 -5.63
CA LEU F 26 8.24 15.33 -5.86
C LEU F 26 8.74 14.16 -6.71
N SER F 27 10.06 14.14 -7.11
CA SER F 27 10.72 13.15 -7.98
C SER F 27 10.30 13.40 -9.44
N CYS F 42 9.68 -6.43 -13.07
CA CYS F 42 9.97 -7.45 -12.09
C CYS F 42 9.48 -7.06 -10.70
N GLN F 43 8.97 -5.85 -10.58
CA GLN F 43 8.55 -5.30 -9.29
C GLN F 43 7.41 -6.07 -8.66
N GLN F 44 6.60 -6.73 -9.49
CA GLN F 44 5.47 -7.51 -9.02
C GLN F 44 5.93 -8.73 -8.24
N HIS F 45 7.18 -9.12 -8.39
CA HIS F 45 7.63 -10.33 -7.75
C HIS F 45 8.04 -10.03 -6.33
N LEU F 46 8.05 -8.76 -5.99
CA LEU F 46 8.44 -8.37 -4.66
C LEU F 46 7.23 -8.02 -3.82
N LEU F 47 6.01 -8.26 -4.34
CA LEU F 47 4.81 -7.90 -3.57
C LEU F 47 4.68 -8.65 -2.26
N LYS F 48 5.21 -9.86 -2.20
CA LYS F 48 5.15 -10.67 -0.99
C LYS F 48 6.30 -10.36 -0.05
N LEU F 49 7.24 -9.54 -0.49
CA LEU F 49 8.40 -9.20 0.32
C LEU F 49 7.90 -8.06 1.17
N THR F 50 7.12 -8.42 2.17
CA THR F 50 6.31 -7.52 2.94
C THR F 50 7.04 -6.39 3.62
N VAL F 51 8.14 -6.65 4.29
CA VAL F 51 8.77 -5.52 4.97
C VAL F 51 9.42 -4.56 3.98
N TRP F 52 10.11 -5.11 3.00
CA TRP F 52 10.78 -4.31 1.98
C TRP F 52 9.75 -3.39 1.33
N GLY F 53 8.67 -4.00 0.86
CA GLY F 53 7.63 -3.27 0.18
C GLY F 53 6.91 -2.26 1.06
N ILE F 54 6.67 -2.59 2.33
CA ILE F 54 5.94 -1.64 3.14
C ILE F 54 6.81 -0.45 3.43
N LYS F 55 8.11 -0.65 3.67
CA LYS F 55 8.96 0.49 3.94
C LYS F 55 8.98 1.45 2.76
N GLN F 56 9.03 0.89 1.55
CA GLN F 56 9.10 1.72 0.37
C GLN F 56 7.81 2.49 0.16
N LEU F 57 6.67 1.84 0.42
CA LEU F 57 5.42 2.52 0.24
C LEU F 57 5.27 3.59 1.28
N GLN F 58 5.70 3.32 2.51
CA GLN F 58 5.59 4.30 3.55
C GLN F 58 6.41 5.49 3.16
N ALA F 59 7.59 5.28 2.60
CA ALA F 59 8.41 6.41 2.23
C ALA F 59 7.69 7.31 1.23
N ARG F 60 6.96 6.71 0.29
CA ARG F 60 6.26 7.55 -0.66
C ARG F 60 5.20 8.36 0.05
N VAL F 61 4.49 7.72 0.97
CA VAL F 61 3.43 8.40 1.68
C VAL F 61 3.94 9.51 2.55
N LEU F 62 5.01 9.25 3.26
CA LEU F 62 5.59 10.21 4.16
C LEU F 62 6.11 11.40 3.40
N ALA F 63 6.69 11.17 2.22
CA ALA F 63 7.17 12.29 1.44
C ALA F 63 6.00 13.19 1.06
N VAL F 64 4.87 12.57 0.75
CA VAL F 64 3.69 13.34 0.43
C VAL F 64 3.25 14.13 1.62
N GLU F 65 3.23 13.52 2.79
CA GLU F 65 2.78 14.25 3.95
C GLU F 65 3.65 15.46 4.22
N ARG F 66 4.97 15.32 4.07
CA ARG F 66 5.81 16.47 4.35
C ARG F 66 5.52 17.58 3.39
N TYR F 67 5.35 17.22 2.12
CA TYR F 67 5.09 18.20 1.11
C TYR F 67 3.84 18.96 1.43
N LEU F 68 2.78 18.24 1.76
CA LEU F 68 1.52 18.89 2.02
C LEU F 68 1.57 19.74 3.25
N ARG F 69 2.30 19.34 4.30
CA ARG F 69 2.34 20.21 5.46
C ARG F 69 2.96 21.54 5.11
N ASP F 70 4.00 21.53 4.30
CA ASP F 70 4.60 22.82 3.97
C ASP F 70 3.68 23.64 3.09
N GLN F 71 2.97 22.99 2.18
CA GLN F 71 2.08 23.74 1.33
C GLN F 71 0.93 24.31 2.11
N GLN F 72 0.43 23.59 3.11
CA GLN F 72 -0.66 24.12 3.90
C GLN F 72 -0.20 25.34 4.63
N LEU F 73 1.01 25.29 5.17
CA LEU F 73 1.49 26.43 5.92
C LEU F 73 1.60 27.63 5.05
N LEU F 74 2.04 27.44 3.83
CA LEU F 74 2.12 28.58 2.95
C LEU F 74 0.73 29.11 2.69
N GLY F 75 -0.23 28.24 2.43
CA GLY F 75 -1.55 28.75 2.13
C GLY F 75 -2.12 29.57 3.28
N ILE F 76 -1.89 29.13 4.50
CA ILE F 76 -2.37 29.82 5.68
C ILE F 76 -1.65 31.13 5.92
N TRP F 77 -0.34 31.13 5.76
CA TRP F 77 0.47 32.33 5.94
C TRP F 77 0.22 33.35 4.86
N GLY F 78 -0.20 32.89 3.71
CA GLY F 78 -0.46 33.76 2.60
C GLY F 78 0.65 33.56 1.61
N CYS F 79 0.52 34.15 0.39
CA CYS F 79 1.45 34.01 -0.74
C CYS F 79 1.39 32.59 -1.31
N SER F 80 0.19 32.02 -1.31
CA SER F 80 0.02 30.69 -1.84
C SER F 80 0.43 30.65 -3.30
N GLY F 81 1.19 29.64 -3.66
CA GLY F 81 1.60 29.45 -5.04
C GLY F 81 2.89 30.16 -5.42
N LYS F 82 3.41 31.02 -4.56
CA LYS F 82 4.63 31.75 -4.89
C LYS F 82 5.87 31.00 -4.46
N LEU F 83 6.97 31.31 -5.12
CA LEU F 83 8.26 30.72 -4.80
C LEU F 83 8.96 31.70 -3.84
N ILE F 84 8.84 32.99 -4.15
CA ILE F 84 9.40 34.03 -3.29
C ILE F 84 8.30 35.05 -2.97
N CYS F 85 8.07 35.39 -1.68
CA CYS F 85 7.07 36.41 -1.30
C CYS F 85 7.39 37.01 0.04
N CYS F 86 6.62 37.99 0.45
CA CYS F 86 6.85 38.64 1.72
C CYS F 86 5.57 39.10 2.35
N THR F 87 5.65 39.40 3.63
CA THR F 87 4.46 39.85 4.30
C THR F 87 4.65 41.10 5.12
N ASN F 88 3.55 41.55 5.71
CA ASN F 88 3.55 42.77 6.49
C ASN F 88 3.91 42.49 7.94
N VAL F 89 5.07 41.91 8.12
CA VAL F 89 5.64 41.58 9.41
C VAL F 89 7.07 42.07 9.40
N PRO F 90 7.48 42.98 10.29
CA PRO F 90 8.81 43.53 10.37
C PRO F 90 9.73 42.51 10.95
N TRP F 91 11.01 42.66 10.65
CA TRP F 91 12.04 41.82 11.23
C TRP F 91 12.37 42.33 12.65
N ASN F 92 12.47 41.41 13.65
CA ASN F 92 12.79 41.68 15.05
C ASN F 92 14.32 41.75 15.29
N SER F 93 14.74 42.64 16.21
CA SER F 93 16.12 42.86 16.71
C SER F 93 16.63 41.69 17.55
N THR F 94 15.71 40.83 17.96
CA THR F 94 16.10 39.67 18.72
C THR F 94 16.47 38.54 17.77
N TRP F 95 16.07 38.68 16.50
CA TRP F 95 16.37 37.66 15.53
C TRP F 95 17.75 37.99 15.03
N SER F 96 17.92 39.25 14.64
CA SER F 96 19.23 39.68 14.22
C SER F 96 19.40 41.19 14.27
N ASN F 97 20.67 41.60 14.38
CA ASN F 97 21.08 42.99 14.33
C ASN F 97 22.24 43.09 13.37
N ARG F 98 21.91 42.97 12.11
CA ARG F 98 22.88 42.86 11.04
C ARG F 98 22.47 43.80 9.90
N ASN F 99 23.43 44.19 9.04
CA ASN F 99 23.18 45.06 7.87
C ASN F 99 22.61 44.21 6.73
N LEU F 100 21.72 44.79 5.88
CA LEU F 100 21.19 44.03 4.70
C LEU F 100 22.31 43.64 3.75
N SER F 101 23.37 44.44 3.68
CA SER F 101 24.49 44.15 2.80
C SER F 101 25.25 42.88 3.16
N GLU F 102 25.05 42.35 4.37
CA GLU F 102 25.72 41.12 4.79
C GLU F 102 24.74 39.98 5.05
N ILE F 103 23.44 40.23 4.85
CA ILE F 103 22.37 39.27 5.09
C ILE F 103 21.65 39.11 3.81
N TRP F 104 21.37 37.89 3.39
CA TRP F 104 20.73 37.69 2.09
C TRP F 104 21.70 38.10 0.96
N ASP F 105 22.95 38.33 1.35
CA ASP F 105 24.09 38.63 0.51
C ASP F 105 25.35 38.38 1.31
N ASN F 106 26.43 38.14 0.61
CA ASN F 106 27.76 37.97 1.16
C ASN F 106 27.89 36.92 2.29
N MET F 107 27.15 35.82 2.17
CA MET F 107 27.19 34.70 3.11
C MET F 107 26.32 33.63 2.49
N THR F 108 26.29 32.43 3.07
CA THR F 108 25.44 31.38 2.54
C THR F 108 24.26 31.07 3.46
N TRP F 109 23.25 30.38 2.91
CA TRP F 109 22.04 30.01 3.66
C TRP F 109 22.27 28.96 4.70
N LEU F 110 23.24 28.09 4.52
CA LEU F 110 23.42 27.06 5.51
C LEU F 110 23.80 27.65 6.85
N GLN F 111 24.71 28.62 6.82
CA GLN F 111 25.16 29.20 8.07
C GLN F 111 24.20 30.26 8.53
N TRP F 112 23.63 31.01 7.59
CA TRP F 112 22.72 32.02 8.03
C TRP F 112 21.52 31.39 8.71
N ASP F 113 20.99 30.31 8.17
CA ASP F 113 19.83 29.71 8.77
C ASP F 113 20.11 29.34 10.21
N LYS F 114 21.31 28.84 10.50
CA LYS F 114 21.63 28.48 11.86
C LYS F 114 21.49 29.68 12.79
N GLU F 115 21.84 30.86 12.30
CA GLU F 115 21.81 32.06 13.13
C GLU F 115 20.44 32.39 13.72
N ILE F 116 19.34 32.05 13.04
CA ILE F 116 18.04 32.42 13.61
C ILE F 116 17.20 31.20 13.92
N SER F 117 17.84 30.05 14.15
CA SER F 117 17.03 28.85 14.35
C SER F 117 16.04 28.89 15.54
N ASN F 118 16.39 29.65 16.58
CA ASN F 118 15.46 29.87 17.73
C ASN F 118 14.04 30.16 17.22
N TYR F 119 13.94 31.17 16.35
CA TYR F 119 12.73 31.90 16.00
C TYR F 119 11.85 31.25 14.97
N THR F 120 12.10 30.00 14.64
CA THR F 120 11.27 29.38 13.63
C THR F 120 9.79 29.46 13.96
N GLN F 121 9.44 29.15 15.19
CA GLN F 121 8.04 29.08 15.54
C GLN F 121 7.42 30.44 15.72
N ILE F 122 8.15 31.41 16.25
CA ILE F 122 7.51 32.68 16.44
C ILE F 122 7.23 33.30 15.10
N ILE F 123 8.12 33.11 14.15
CA ILE F 123 7.89 33.72 12.87
C ILE F 123 6.66 33.15 12.26
N TYR F 124 6.51 31.83 12.32
CA TYR F 124 5.36 31.24 11.70
C TYR F 124 4.08 31.71 12.36
N GLY F 125 4.08 31.83 13.68
CA GLY F 125 2.88 32.28 14.36
C GLY F 125 2.51 33.69 13.92
N LEU F 126 3.50 34.55 13.74
CA LEU F 126 3.25 35.90 13.30
C LEU F 126 2.71 35.92 11.88
N LEU F 127 3.23 35.04 11.02
CA LEU F 127 2.78 35.03 9.65
C LEU F 127 1.30 34.63 9.60
N GLU F 128 0.93 33.64 10.42
CA GLU F 128 -0.43 33.16 10.49
C GLU F 128 -1.39 34.20 10.99
N GLU F 129 -1.03 34.90 12.06
CA GLU F 129 -1.99 35.83 12.60
C GLU F 129 -2.20 36.99 11.65
N SER F 130 -1.13 37.44 11.01
CA SER F 130 -1.26 38.56 10.12
C SER F 130 -2.18 38.25 8.97
N GLN F 131 -2.02 37.07 8.37
CA GLN F 131 -2.86 36.74 7.25
C GLN F 131 -4.31 36.57 7.69
N ASN F 132 -4.52 36.04 8.89
CA ASN F 132 -5.87 35.85 9.39
C ASN F 132 -6.59 37.19 9.53
N GLN F 133 -5.88 38.18 10.08
CA GLN F 133 -6.50 39.47 10.24
C GLN F 133 -6.76 40.12 8.91
N GLN F 134 -5.87 39.92 7.95
CA GLN F 134 -6.07 40.54 6.68
C GLN F 134 -7.29 40.00 5.98
N GLU F 135 -7.53 38.69 6.06
CA GLU F 135 -8.68 38.16 5.36
C GLU F 135 -9.97 38.60 5.99
N LYS F 136 -9.98 38.72 7.32
CA LYS F 136 -11.18 39.17 7.97
C LYS F 136 -11.53 40.54 7.43
N ASN F 137 -10.52 41.41 7.33
CA ASN F 137 -10.74 42.75 6.87
C ASN F 137 -11.16 42.78 5.41
N GLU F 138 -10.66 41.86 4.60
CA GLU F 138 -11.05 41.82 3.20
C GLU F 138 -12.52 41.53 3.06
N GLN F 139 -13.06 40.66 3.89
CA GLN F 139 -14.49 40.37 3.79
C GLN F 139 -15.32 41.58 4.21
N ASP F 140 -14.86 42.34 5.21
CA ASP F 140 -15.60 43.52 5.60
C ASP F 140 -15.55 44.60 4.52
N LEU F 141 -14.42 44.67 3.81
CA LEU F 141 -14.27 45.63 2.72
C LEU F 141 -15.13 45.24 1.53
N LEU F 142 -15.28 43.94 1.31
CA LEU F 142 -16.09 43.45 0.22
C LEU F 142 -17.54 43.80 0.52
N ALA F 143 -17.93 43.65 1.79
CA ALA F 143 -19.30 43.93 2.23
C ALA F 143 -19.55 45.43 2.45
N LEU F 144 -19.52 46.20 1.34
CA LEU F 144 -19.71 47.65 1.27
C LEU F 144 -21.21 47.96 1.19
N UNK G 1 -10.19 31.04 -50.25
CA UNK G 1 -11.22 31.72 -51.09
C UNK G 1 -12.51 31.89 -50.30
N UNK G 2 -13.11 33.09 -50.32
CA UNK G 2 -14.32 33.33 -49.50
C UNK G 2 -15.43 34.00 -50.27
N UNK G 3 -16.66 33.51 -50.06
CA UNK G 3 -17.74 34.24 -50.74
C UNK G 3 -19.14 34.03 -50.15
N UNK G 4 -20.03 35.01 -50.32
CA UNK G 4 -21.45 34.87 -49.93
C UNK G 4 -22.30 35.68 -50.92
N UNK G 5 -23.34 35.08 -51.52
CA UNK G 5 -24.21 35.81 -52.48
C UNK G 5 -25.68 35.55 -52.16
N UNK G 6 -26.52 36.61 -52.14
CA UNK G 6 -27.98 36.44 -51.91
C UNK G 6 -28.76 37.29 -52.93
N UNK G 7 -29.86 36.76 -53.48
CA UNK G 7 -30.62 37.47 -54.55
C UNK G 7 -31.31 38.76 -54.11
N UNK G 8 -32.00 38.78 -52.96
CA UNK G 8 -32.77 39.97 -52.54
C UNK G 8 -32.58 40.20 -51.03
N UNK G 9 -32.78 41.44 -50.56
CA UNK G 9 -32.63 41.76 -49.13
C UNK G 9 -34.02 42.01 -48.53
N UNK G 10 -34.35 41.33 -47.42
CA UNK G 10 -35.70 41.46 -46.82
C UNK G 10 -35.61 41.81 -45.33
N UNK G 11 -36.24 42.92 -44.95
CA UNK G 11 -36.77 43.14 -43.61
C UNK G 11 -38.28 43.23 -43.50
N UNK G 12 -38.98 43.77 -44.49
CA UNK G 12 -40.44 43.90 -44.34
C UNK G 12 -40.74 44.54 -42.98
N UNK G 13 -41.62 43.94 -42.17
CA UNK G 13 -41.84 44.49 -40.83
C UNK G 13 -40.76 43.92 -39.90
N UNK G 14 -40.38 42.68 -40.20
CA UNK G 14 -39.37 41.89 -39.54
C UNK G 14 -39.04 40.74 -40.50
N UNK G 15 -37.83 40.21 -40.42
CA UNK G 15 -37.44 39.07 -41.23
C UNK G 15 -36.37 38.30 -40.52
N UNK G 16 -36.18 37.05 -40.91
CA UNK G 16 -35.12 36.30 -40.30
C UNK G 16 -34.40 35.44 -41.29
N UNK G 17 -33.09 35.33 -41.10
CA UNK G 17 -32.21 34.48 -41.87
C UNK G 17 -32.21 34.84 -43.35
N UNK G 18 -32.39 36.11 -43.68
CA UNK G 18 -32.29 36.54 -45.07
C UNK G 18 -30.82 36.81 -45.27
N UNK G 19 -30.06 35.72 -45.18
CA UNK G 19 -28.63 35.73 -45.11
C UNK G 19 -28.03 34.37 -45.33
N UNK G 20 -26.72 34.33 -45.52
CA UNK G 20 -26.02 33.08 -45.67
C UNK G 20 -24.60 33.16 -45.16
N UNK G 21 -24.10 31.99 -44.85
CA UNK G 21 -22.75 31.76 -44.43
C UNK G 21 -21.78 31.95 -45.57
N UNK G 22 -20.54 32.22 -45.22
CA UNK G 22 -19.51 32.37 -46.22
C UNK G 22 -19.06 31.01 -46.66
N UNK G 23 -19.91 30.38 -47.45
CA UNK G 23 -19.88 28.96 -47.76
C UNK G 23 -18.56 28.42 -48.25
N UNK G 24 -17.77 29.19 -48.96
CA UNK G 24 -16.51 28.64 -49.46
C UNK G 24 -15.47 28.35 -48.36
N UNK G 25 -15.55 28.98 -47.18
CA UNK G 25 -14.55 28.70 -46.13
C UNK G 25 -15.11 28.92 -44.74
N UNK G 26 -14.91 27.94 -43.85
CA UNK G 26 -15.47 28.07 -42.50
C UNK G 26 -14.74 28.93 -41.52
N UNK G 27 -15.53 29.65 -40.73
CA UNK G 27 -15.04 30.41 -39.60
C UNK G 27 -14.98 29.48 -38.40
N UNK G 28 -14.14 28.47 -38.53
CA UNK G 28 -14.09 27.44 -37.53
C UNK G 28 -13.75 28.00 -36.17
N UNK G 29 -14.57 27.65 -35.19
CA UNK G 29 -14.37 28.05 -33.81
C UNK G 29 -14.14 29.55 -33.67
N UNK G 30 -14.85 30.38 -34.43
CA UNK G 30 -14.64 31.80 -34.31
C UNK G 30 -15.95 32.56 -34.41
N UNK G 31 -15.99 33.76 -33.85
CA UNK G 31 -17.22 34.50 -34.03
C UNK G 31 -17.50 34.55 -35.49
N UNK G 32 -18.74 34.28 -35.87
CA UNK G 32 -19.06 34.25 -37.29
C UNK G 32 -20.36 34.94 -37.56
N UNK G 33 -20.41 36.20 -37.13
CA UNK G 33 -21.57 37.08 -37.44
C UNK G 33 -21.34 37.76 -38.79
N UNK G 34 -22.40 37.90 -39.60
CA UNK G 34 -22.29 38.58 -40.91
C UNK G 34 -21.94 40.06 -40.68
N UNK G 35 -21.09 40.64 -41.53
CA UNK G 35 -20.64 42.03 -41.32
C UNK G 35 -21.68 43.01 -41.90
N UNK G 36 -22.89 43.04 -41.31
CA UNK G 36 -23.94 43.99 -41.75
C UNK G 36 -23.48 45.43 -41.48
N UNK G 37 -22.82 45.66 -40.35
CA UNK G 37 -22.36 47.02 -39.96
C UNK G 37 -23.51 47.81 -39.34
N UNK G 38 -24.69 47.18 -39.18
CA UNK G 38 -25.84 47.83 -38.52
C UNK G 38 -26.15 49.18 -39.17
N UNK G 39 -26.38 50.22 -38.36
CA UNK G 39 -26.87 51.52 -38.85
C UNK G 39 -26.00 52.65 -38.31
N UNK G 40 -25.20 53.28 -39.19
CA UNK G 40 -24.33 54.40 -38.78
C UNK G 40 -23.38 53.94 -37.67
N UNK G 41 -23.31 54.70 -36.56
CA UNK G 41 -22.38 54.36 -35.46
C UNK G 41 -23.03 53.37 -34.51
N UNK G 42 -22.35 53.09 -33.38
CA UNK G 42 -22.79 52.06 -32.40
C UNK G 42 -23.35 50.80 -33.07
N UNK G 43 -22.69 50.29 -34.12
CA UNK G 43 -23.13 49.03 -34.75
C UNK G 43 -22.61 47.82 -33.96
N UNK G 44 -23.49 46.88 -33.61
CA UNK G 44 -23.10 45.60 -32.99
C UNK G 44 -23.83 44.42 -33.63
N UNK G 45 -23.14 43.62 -34.45
CA UNK G 45 -23.75 42.41 -35.02
C UNK G 45 -22.89 41.20 -34.64
N UNK G 46 -21.67 41.43 -34.13
CA UNK G 46 -20.74 40.33 -33.83
C UNK G 46 -21.26 39.45 -32.69
N UNK G 47 -21.17 38.13 -32.84
CA UNK G 47 -21.61 37.18 -31.79
C UNK G 47 -20.90 35.86 -32.02
N UNK G 48 -20.30 35.28 -30.96
CA UNK G 48 -19.31 34.19 -31.17
C UNK G 48 -19.96 32.94 -31.78
N UNK G 49 -19.19 32.14 -32.51
CA UNK G 49 -19.71 30.90 -33.13
C UNK G 49 -18.81 29.71 -32.81
N UNK G 50 -18.94 29.14 -31.61
CA UNK G 50 -18.12 27.96 -31.19
C UNK G 50 -19.01 26.71 -31.16
N UNK G 51 -20.13 26.72 -31.90
CA UNK G 51 -21.11 25.61 -31.88
C UNK G 51 -21.99 25.76 -30.63
N UNK G 52 -21.91 26.91 -29.96
CA UNK G 52 -22.74 27.19 -28.77
C UNK G 52 -23.40 28.55 -28.95
N UNK G 53 -24.52 28.81 -28.28
CA UNK G 53 -25.26 30.08 -28.49
C UNK G 53 -24.63 31.19 -27.64
N UNK G 54 -23.46 31.68 -28.05
CA UNK G 54 -22.80 32.80 -27.32
C UNK G 54 -23.69 34.04 -27.40
N UNK G 55 -24.30 34.29 -28.57
CA UNK G 55 -25.20 35.45 -28.75
C UNK G 55 -24.55 36.72 -28.15
N UNK G 56 -23.22 36.79 -28.17
CA UNK G 56 -22.51 37.99 -27.73
C UNK G 56 -22.90 39.23 -28.51
N UNK G 57 -23.81 39.10 -29.46
CA UNK G 57 -24.26 40.24 -30.23
C UNK G 57 -24.98 41.11 -29.25
N UNK G 58 -25.06 42.40 -29.49
CA UNK G 58 -25.75 43.21 -28.52
C UNK G 58 -27.15 42.67 -28.35
N UNK G 59 -27.62 42.63 -27.11
CA UNK G 59 -28.94 42.09 -26.85
C UNK G 59 -29.97 42.84 -27.65
N UNK G 60 -30.85 42.09 -28.26
CA UNK G 60 -31.91 42.59 -29.10
C UNK G 60 -32.95 41.51 -29.27
N UNK G 61 -34.14 41.89 -29.69
CA UNK G 61 -35.07 40.85 -30.04
C UNK G 61 -34.45 40.13 -31.22
N UNK G 62 -34.56 38.80 -31.22
CA UNK G 62 -34.00 37.97 -32.28
C UNK G 62 -32.49 38.17 -32.44
N UNK G 63 -31.74 38.29 -31.32
CA UNK G 63 -30.28 38.43 -31.41
C UNK G 63 -29.67 37.04 -31.56
N UNK G 64 -29.94 36.46 -32.70
CA UNK G 64 -29.59 35.11 -33.10
C UNK G 64 -28.17 34.98 -33.58
N UNK G 65 -27.70 33.75 -33.49
CA UNK G 65 -26.41 33.32 -33.98
C UNK G 65 -26.65 31.97 -34.63
N UNK G 66 -27.46 31.99 -35.67
CA UNK G 66 -27.95 30.82 -36.35
C UNK G 66 -26.93 30.26 -37.31
N UNK G 67 -25.82 29.75 -36.74
CA UNK G 67 -24.73 29.26 -37.55
C UNK G 67 -25.21 28.20 -38.50
N UNK G 68 -24.86 28.35 -39.76
CA UNK G 68 -25.18 27.40 -40.78
C UNK G 68 -24.06 26.41 -40.80
N UNK G 69 -24.36 25.16 -41.12
CA UNK G 69 -23.27 24.22 -41.22
C UNK G 69 -22.30 24.68 -42.29
N UNK G 70 -22.82 25.21 -43.39
CA UNK G 70 -21.90 25.64 -44.40
C UNK G 70 -21.08 26.76 -43.85
N UNK G 71 -19.79 26.59 -43.89
CA UNK G 71 -18.81 27.55 -43.43
C UNK G 71 -18.96 28.05 -41.98
N UNK G 72 -19.62 27.30 -41.11
CA UNK G 72 -19.69 27.72 -39.71
C UNK G 72 -20.08 29.20 -39.55
N UNK G 73 -21.14 29.68 -40.20
CA UNK G 73 -21.47 31.12 -40.04
C UNK G 73 -22.96 31.37 -40.05
N UNK G 74 -23.39 32.36 -39.25
CA UNK G 74 -24.83 32.55 -39.00
C UNK G 74 -25.69 33.38 -39.90
N UNK G 75 -26.74 32.71 -40.39
CA UNK G 75 -27.79 33.34 -41.18
C UNK G 75 -28.79 33.80 -40.13
N UNK G 76 -28.39 34.79 -39.37
CA UNK G 76 -29.12 35.24 -38.20
C UNK G 76 -30.48 35.83 -38.48
N UNK G 77 -31.34 35.68 -37.48
CA UNK G 77 -32.68 36.22 -37.40
C UNK G 77 -32.64 37.69 -37.05
N UNK G 78 -33.74 38.40 -37.31
CA UNK G 78 -33.83 39.79 -36.92
C UNK G 78 -35.27 40.12 -36.54
N UNK G 79 -35.44 41.25 -35.88
CA UNK G 79 -36.76 41.69 -35.47
C UNK G 79 -36.92 43.18 -35.70
N UNK G 80 -36.71 43.60 -36.94
CA UNK G 80 -36.81 45.01 -37.28
C UNK G 80 -37.17 45.17 -38.74
N UNK G 81 -37.81 46.28 -39.08
CA UNK G 81 -38.16 46.61 -40.46
C UNK G 81 -36.95 47.15 -41.22
N UNK G 82 -35.94 47.57 -40.50
CA UNK G 82 -34.75 48.08 -41.13
C UNK G 82 -33.59 48.02 -40.17
N UNK G 83 -32.40 47.85 -40.72
CA UNK G 83 -31.17 47.91 -39.96
C UNK G 83 -30.10 48.45 -40.86
N UNK G 84 -30.38 49.58 -41.49
CA UNK G 84 -29.46 50.19 -42.43
C UNK G 84 -28.96 49.16 -43.43
N UNK G 85 -27.63 49.05 -43.61
CA UNK G 85 -27.11 48.09 -44.57
C UNK G 85 -27.27 46.65 -44.13
N UNK G 86 -27.71 45.83 -45.06
CA UNK G 86 -27.76 44.39 -44.86
C UNK G 86 -26.52 43.73 -45.42
N UNK G 87 -25.32 44.04 -44.93
CA UNK G 87 -24.11 43.46 -45.51
C UNK G 87 -23.73 42.13 -44.90
N UNK G 88 -22.93 41.37 -45.62
CA UNK G 88 -22.40 40.17 -45.00
C UNK G 88 -21.03 39.80 -45.47
N UNK G 89 -20.30 39.20 -44.53
CA UNK G 89 -18.95 38.66 -44.63
C UNK G 89 -18.70 37.85 -43.40
N UNK G 90 -17.64 37.08 -43.40
CA UNK G 90 -17.21 36.34 -42.22
C UNK G 90 -15.69 36.34 -42.15
N UNK G 91 -15.17 36.10 -40.96
CA UNK G 91 -13.75 36.05 -40.67
C UNK G 91 -13.49 35.17 -39.49
N UNK G 92 -12.24 34.79 -39.28
CA UNK G 92 -11.94 33.97 -38.13
C UNK G 92 -10.54 34.18 -37.62
N UNK G 93 -10.39 33.81 -36.37
CA UNK G 93 -9.16 33.87 -35.62
C UNK G 93 -9.29 32.84 -34.56
N UNK G 94 -8.19 32.49 -33.92
CA UNK G 94 -8.28 31.54 -32.83
C UNK G 94 -9.31 32.03 -31.85
N UNK G 95 -10.07 31.07 -31.31
CA UNK G 95 -11.20 31.25 -30.38
C UNK G 95 -10.81 31.96 -29.11
N UNK G 96 -9.52 32.06 -28.85
CA UNK G 96 -9.02 32.75 -27.69
C UNK G 96 -9.50 34.20 -27.72
N UNK G 97 -9.66 34.73 -28.94
CA UNK G 97 -10.04 36.10 -29.13
C UNK G 97 -11.48 36.26 -29.58
N UNK G 98 -12.12 37.25 -29.01
CA UNK G 98 -13.48 37.60 -29.38
C UNK G 98 -13.55 38.23 -30.78
N UNK G 99 -12.40 38.68 -31.28
CA UNK G 99 -12.27 39.39 -32.55
C UNK G 99 -12.59 38.60 -33.82
N UNK G 100 -12.22 37.32 -33.89
CA UNK G 100 -12.40 36.56 -35.15
C UNK G 100 -11.78 37.34 -36.33
N UNK G 101 -10.57 37.84 -36.17
CA UNK G 101 -9.90 38.62 -37.20
C UNK G 101 -10.81 39.76 -37.65
N UNK G 102 -11.06 39.90 -38.96
CA UNK G 102 -11.95 40.96 -39.41
C UNK G 102 -12.70 40.57 -40.67
N UNK G 103 -14.02 40.68 -40.63
CA UNK G 103 -14.88 40.33 -41.76
C UNK G 103 -15.00 41.49 -42.73
N UNK G 104 -13.86 41.78 -43.34
CA UNK G 104 -13.64 42.86 -44.29
C UNK G 104 -14.33 42.68 -45.62
N UNK G 105 -14.45 41.45 -46.09
CA UNK G 105 -15.00 41.26 -47.43
C UNK G 105 -16.51 41.27 -47.42
N UNK G 106 -17.11 42.41 -47.10
CA UNK G 106 -18.56 42.47 -46.96
C UNK G 106 -19.23 43.37 -47.92
N UNK G 107 -20.44 42.97 -48.26
CA UNK G 107 -21.30 43.78 -49.11
C UNK G 107 -22.76 43.48 -48.82
N UNK G 108 -23.65 44.49 -49.05
CA UNK G 108 -25.11 44.41 -48.91
C UNK G 108 -25.75 44.30 -50.28
N UNK H 1 -12.69 65.66 -36.17
CA UNK H 1 -11.29 65.25 -36.46
C UNK H 1 -10.43 66.50 -36.70
N UNK H 2 -9.12 66.30 -36.86
CA UNK H 2 -8.23 67.45 -37.16
C UNK H 2 -8.65 68.05 -38.50
N UNK H 3 -8.94 67.22 -39.49
CA UNK H 3 -9.43 67.72 -40.79
C UNK H 3 -8.48 68.80 -41.30
N UNK H 4 -7.17 68.57 -41.20
CA UNK H 4 -6.21 69.63 -41.56
C UNK H 4 -5.61 69.39 -42.94
N UNK H 5 -5.78 70.35 -43.86
CA UNK H 5 -5.19 70.24 -45.22
C UNK H 5 -5.63 68.92 -45.87
N UNK H 6 -4.67 68.18 -46.44
CA UNK H 6 -4.99 66.85 -47.03
C UNK H 6 -4.34 65.78 -46.14
N UNK H 7 -4.96 65.49 -45.00
CA UNK H 7 -4.41 64.54 -44.04
C UNK H 7 -3.03 64.86 -43.49
N UNK H 8 -2.78 66.09 -43.12
CA UNK H 8 -1.47 66.40 -42.54
C UNK H 8 -1.25 65.55 -41.27
N UNK H 9 -2.32 65.26 -40.54
CA UNK H 9 -2.28 64.48 -39.31
C UNK H 9 -3.62 63.81 -39.12
N UNK H 10 -3.68 62.76 -38.29
CA UNK H 10 -4.97 62.15 -38.04
C UNK H 10 -5.30 62.18 -36.58
N UNK H 11 -6.59 62.10 -36.33
CA UNK H 11 -7.12 62.00 -35.00
C UNK H 11 -8.53 61.48 -35.09
N UNK H 12 -8.92 60.83 -34.03
CA UNK H 12 -10.28 60.45 -33.78
C UNK H 12 -10.66 61.27 -32.60
N UNK H 13 -11.91 61.65 -32.48
CA UNK H 13 -12.26 62.38 -31.28
C UNK H 13 -11.99 61.56 -30.03
N UNK H 14 -12.24 60.28 -30.15
CA UNK H 14 -12.12 59.32 -29.10
C UNK H 14 -12.23 57.96 -29.73
N UNK H 15 -12.03 56.95 -28.95
CA UNK H 15 -12.26 55.61 -29.39
C UNK H 15 -12.67 54.83 -28.17
N UNK H 16 -13.71 54.02 -28.28
CA UNK H 16 -14.28 53.17 -27.22
C UNK H 16 -14.98 53.94 -26.12
N UNK H 17 -14.25 54.85 -25.47
CA UNK H 17 -14.73 55.61 -24.33
C UNK H 17 -15.17 54.60 -23.30
N UNK H 18 -14.36 53.55 -23.18
CA UNK H 18 -14.57 52.41 -22.33
C UNK H 18 -13.23 51.75 -22.10
N UNK H 19 -13.10 50.96 -21.04
CA UNK H 19 -11.88 50.19 -20.98
C UNK H 19 -11.95 49.25 -22.18
N UNK H 20 -10.84 49.09 -22.89
CA UNK H 20 -10.86 48.21 -24.05
C UNK H 20 -9.54 47.50 -24.22
N UNK H 21 -9.13 46.77 -23.20
CA UNK H 21 -7.87 46.07 -23.28
C UNK H 21 -8.01 45.05 -24.37
N UNK H 22 -6.96 44.91 -25.17
CA UNK H 22 -6.89 43.95 -26.27
C UNK H 22 -8.00 44.10 -27.31
N UNK H 23 -8.73 45.22 -27.32
CA UNK H 23 -9.70 45.42 -28.38
C UNK H 23 -8.91 45.75 -29.60
N UNK H 24 -9.39 45.42 -30.78
CA UNK H 24 -8.66 45.84 -31.96
C UNK H 24 -9.10 47.23 -32.34
N UNK H 25 -8.16 48.07 -32.76
CA UNK H 25 -8.55 49.37 -33.27
C UNK H 25 -8.70 49.23 -34.76
N UNK H 26 -9.87 49.60 -35.25
CA UNK H 26 -10.19 49.55 -36.65
C UNK H 26 -9.62 50.75 -37.33
N UNK H 27 -9.31 50.60 -38.62
CA UNK H 27 -9.09 51.72 -39.57
C UNK H 27 -9.49 51.24 -40.97
N UNK H 28 -10.79 50.98 -41.17
CA UNK H 28 -11.25 50.40 -42.46
C UNK H 28 -10.99 51.34 -43.64
N UNK H 29 -11.20 52.66 -43.46
CA UNK H 29 -11.06 53.61 -44.58
C UNK H 29 -12.11 53.28 -45.66
N UNK H 30 -13.38 53.23 -45.22
CA UNK H 30 -14.57 52.98 -46.06
C UNK H 30 -14.56 51.52 -46.53
N UNK H 31 -13.78 50.67 -45.84
CA UNK H 31 -13.86 49.25 -46.09
C UNK H 31 -14.87 48.71 -45.12
N UNK H 32 -15.42 47.53 -45.39
CA UNK H 32 -16.18 46.83 -44.31
C UNK H 32 -15.27 46.78 -43.09
N UNK H 33 -14.12 46.12 -43.20
CA UNK H 33 -13.12 46.11 -42.10
C UNK H 33 -11.74 46.13 -42.73
N UNK H 34 -10.76 46.78 -42.09
CA UNK H 34 -9.37 46.72 -42.61
C UNK H 34 -8.37 47.26 -41.59
N UNK H 35 -7.08 46.99 -41.79
CA UNK H 35 -6.03 47.52 -40.89
C UNK H 35 -6.54 47.52 -39.45
N UNK H 36 -7.12 46.41 -38.99
CA UNK H 36 -7.40 46.29 -37.58
C UNK H 36 -6.11 45.93 -36.86
N UNK H 37 -5.90 46.51 -35.69
CA UNK H 37 -4.77 46.23 -34.83
C UNK H 37 -4.99 45.04 -33.90
N UNK H 38 -3.90 44.43 -33.46
CA UNK H 38 -3.95 43.34 -32.48
C UNK H 38 -4.38 43.82 -31.09
N UNK H 39 -4.31 45.13 -30.89
CA UNK H 39 -4.67 45.79 -29.66
C UNK H 39 -5.11 47.19 -30.05
N UNK H 40 -5.92 47.85 -29.24
CA UNK H 40 -6.49 49.11 -29.70
C UNK H 40 -5.53 50.27 -29.73
N UNK H 41 -4.79 50.33 -30.84
CA UNK H 41 -3.73 51.28 -31.15
C UNK H 41 -2.60 51.08 -30.15
N UNK H 42 -2.56 49.88 -29.62
CA UNK H 42 -1.55 49.47 -28.67
C UNK H 42 -0.72 48.40 -29.31
N UNK H 43 -0.95 48.27 -30.60
CA UNK H 43 -0.34 47.36 -31.50
C UNK H 43 -0.49 47.95 -32.88
N UNK H 44 0.33 47.54 -33.80
CA UNK H 44 0.15 48.02 -35.15
C UNK H 44 -1.07 47.40 -35.81
N UNK H 45 -1.71 48.20 -36.65
CA UNK H 45 -2.79 47.80 -37.52
C UNK H 45 -2.26 46.91 -38.58
N UNK H 46 -3.07 46.01 -39.09
CA UNK H 46 -2.59 45.25 -40.22
C UNK H 46 -2.17 46.27 -41.28
N UNK H 47 -0.97 46.10 -41.82
CA UNK H 47 -0.39 46.97 -42.83
C UNK H 47 -0.33 48.45 -42.40
N UNK H 48 -0.10 48.72 -41.10
CA UNK H 48 -0.01 50.09 -40.60
C UNK H 48 1.11 50.89 -41.24
N UNK H 49 2.23 50.21 -41.48
CA UNK H 49 3.40 50.89 -41.97
C UNK H 49 3.69 52.04 -41.02
N UNK H 50 3.70 53.26 -41.53
CA UNK H 50 3.99 54.41 -40.68
C UNK H 50 2.92 54.64 -39.60
N UNK H 51 1.66 54.37 -39.88
CA UNK H 51 0.57 54.71 -38.97
C UNK H 51 0.34 53.66 -37.92
N UNK H 52 1.31 53.44 -37.07
CA UNK H 52 1.17 52.37 -36.09
C UNK H 52 0.90 52.82 -34.67
N UNK H 53 0.06 52.02 -34.02
CA UNK H 53 -0.29 52.14 -32.62
C UNK H 53 -0.80 53.55 -32.25
N UNK H 54 -0.12 54.22 -31.30
CA UNK H 54 -0.46 55.54 -30.76
C UNK H 54 -1.80 55.64 -29.99
N UNK H 55 -2.10 54.62 -29.17
CA UNK H 55 -3.26 54.55 -28.28
C UNK H 55 -3.22 55.48 -27.12
N UNK H 56 -4.42 55.73 -26.63
CA UNK H 56 -4.73 56.47 -25.44
C UNK H 56 -6.10 56.01 -25.03
N UNK H 57 -6.48 56.23 -23.79
CA UNK H 57 -7.89 55.97 -23.52
C UNK H 57 -8.57 56.95 -24.43
N UNK H 58 -9.70 56.60 -25.03
CA UNK H 58 -10.31 57.55 -25.96
C UNK H 58 -9.25 57.93 -27.01
N UNK H 59 -8.63 56.89 -27.58
CA UNK H 59 -7.54 57.01 -28.56
C UNK H 59 -7.89 57.81 -29.77
N UNK H 60 -6.89 58.53 -30.23
CA UNK H 60 -6.92 59.38 -31.41
C UNK H 60 -5.62 59.22 -32.17
N UNK H 61 -5.34 58.00 -32.62
CA UNK H 61 -4.07 57.68 -33.25
C UNK H 61 -3.86 58.46 -34.54
N UNK H 62 -2.62 58.90 -34.77
CA UNK H 62 -2.22 59.63 -35.96
C UNK H 62 -1.96 58.72 -37.15
N UNK H 63 -2.10 59.27 -38.36
CA UNK H 63 -1.83 58.57 -39.60
C UNK H 63 -0.36 58.54 -39.93
N UNK H 64 0.43 59.27 -39.17
CA UNK H 64 1.84 59.39 -39.50
C UNK H 64 1.95 59.91 -40.92
N UNK H 65 2.58 59.17 -41.83
CA UNK H 65 2.68 59.67 -43.19
C UNK H 65 1.33 59.57 -43.89
N UNK H 66 0.94 60.64 -44.58
CA UNK H 66 -0.33 60.61 -45.31
C UNK H 66 -0.35 61.63 -46.43
N UNK H 67 -1.17 61.34 -47.45
CA UNK H 67 -1.45 62.23 -48.57
C UNK H 67 -2.94 62.16 -48.83
N UNK H 68 -3.70 62.94 -48.06
CA UNK H 68 -5.15 62.86 -47.96
C UNK H 68 -5.60 61.46 -47.51
N UNK H 69 -4.71 60.72 -46.86
CA UNK H 69 -4.97 59.36 -46.40
C UNK H 69 -5.55 59.27 -44.98
N UNK H 70 -5.63 60.38 -44.26
CA UNK H 70 -6.16 60.39 -42.89
C UNK H 70 -7.66 60.44 -42.94
N UNK H 71 -8.23 59.39 -43.50
CA UNK H 71 -9.64 59.23 -43.68
C UNK H 71 -10.04 57.88 -43.14
N UNK H 72 -9.21 57.39 -42.24
CA UNK H 72 -9.43 56.09 -41.67
C UNK H 72 -10.66 56.02 -40.83
N UNK H 73 -11.36 54.92 -40.98
CA UNK H 73 -12.53 54.64 -40.16
C UNK H 73 -12.05 54.04 -38.86
N UNK H 74 -11.45 54.92 -38.08
CA UNK H 74 -10.81 54.64 -36.83
C UNK H 74 -11.82 54.27 -35.79
N UNK H 75 -11.58 53.18 -35.04
CA UNK H 75 -12.56 52.86 -33.99
C UNK H 75 -12.12 51.89 -32.93
N UNK H 76 -12.78 51.99 -31.79
CA UNK H 76 -12.63 51.00 -30.72
C UNK H 76 -13.89 50.96 -29.89
N UNK H 77 -14.01 49.88 -29.13
CA UNK H 77 -15.04 49.58 -28.11
C UNK H 77 -14.47 48.55 -27.18
N UNK H 78 -15.10 48.36 -26.04
CA UNK H 78 -14.63 47.32 -25.14
C UNK H 78 -14.54 46.05 -25.97
N UNK H 79 -13.48 45.26 -25.76
CA UNK H 79 -13.20 44.10 -26.61
C UNK H 79 -14.30 43.07 -26.69
N UNK H 80 -14.98 42.80 -25.59
CA UNK H 80 -16.00 41.77 -25.56
C UNK H 80 -17.41 42.31 -25.87
N UNK H 81 -17.51 43.64 -26.00
CA UNK H 81 -18.82 44.31 -26.01
C UNK H 81 -19.39 44.25 -27.44
N UNK H 82 -19.29 43.09 -28.08
CA UNK H 82 -19.76 42.93 -29.48
C UNK H 82 -18.83 43.72 -30.40
N UNK H 83 -17.65 44.10 -29.92
CA UNK H 83 -16.66 44.83 -30.74
C UNK H 83 -17.32 46.06 -31.38
N UNK H 84 -18.11 46.80 -30.60
CA UNK H 84 -19.04 47.82 -31.13
C UNK H 84 -18.25 48.99 -31.73
N UNK H 85 -17.63 48.80 -32.89
CA UNK H 85 -16.87 49.89 -33.56
C UNK H 85 -17.83 50.96 -34.04
N UNK H 86 -17.38 52.23 -34.04
CA UNK H 86 -18.24 53.35 -34.49
C UNK H 86 -17.76 53.85 -35.86
N UNK H 87 -18.68 53.95 -36.83
CA UNK H 87 -18.32 54.39 -38.19
C UNK H 87 -17.78 55.82 -38.17
N UNK H 88 -18.38 56.70 -37.36
CA UNK H 88 -17.95 58.12 -37.29
C UNK H 88 -16.42 58.22 -37.25
N UNK H 89 -15.83 58.76 -38.33
CA UNK H 89 -14.40 58.97 -38.39
C UNK H 89 -13.95 60.00 -39.38
N UNK H 90 -12.63 60.12 -39.43
CA UNK H 90 -11.85 61.05 -40.20
C UNK H 90 -12.10 60.96 -41.67
N UNK H 91 -11.84 62.09 -42.32
CA UNK H 91 -11.94 62.29 -43.74
C UNK H 91 -10.85 63.28 -44.06
N UNK H 92 -10.36 63.31 -45.29
CA UNK H 92 -9.29 64.24 -45.61
C UNK H 92 -9.37 64.76 -47.04
N UNK H 93 -8.83 65.98 -47.27
CA UNK H 93 -8.77 66.67 -48.57
C UNK H 93 -7.72 66.00 -49.46
C1 NAG I . -12.11 -41.92 -26.65
C2 NAG I . -10.52 -41.70 -26.61
C3 NAG I . -9.90 -42.39 -27.88
C4 NAG I . -10.27 -43.92 -27.90
C5 NAG I . -11.84 -44.05 -27.90
C6 NAG I . -12.32 -45.50 -27.90
C7 NAG I . -9.96 -39.52 -25.56
C8 NAG I . -9.66 -38.05 -25.69
N2 NAG I . -10.21 -40.26 -26.64
O3 NAG I . -8.48 -42.20 -27.87
O4 NAG I . -9.78 -44.54 -29.13
O5 NAG I . -12.41 -43.36 -26.70
O6 NAG I . -13.73 -45.58 -28.08
O7 NAG I . -9.98 -40.02 -24.42
C1 NAG I . -8.35 -45.05 -29.14
C2 NAG I . -8.32 -46.47 -29.82
C3 NAG I . -6.83 -46.98 -29.84
C4 NAG I . -5.92 -45.94 -30.60
C5 NAG I . -6.03 -44.55 -29.88
C6 NAG I . -5.25 -43.44 -30.58
C7 NAG I . -10.10 -48.22 -29.54
C8 NAG I . -10.89 -49.13 -28.65
N2 NAG I . -9.16 -47.42 -29.01
O3 NAG I . -6.76 -48.25 -30.51
O4 NAG I . -4.57 -46.40 -30.59
O5 NAG I . -7.46 -44.13 -29.84
O6 NAG I . -5.25 -42.21 -29.85
O7 NAG I . -10.33 -48.22 -30.76
C1 NAG J . -22.85 -22.58 -16.72
C2 NAG J . -22.06 -23.30 -15.55
C3 NAG J . -23.00 -24.31 -14.83
C4 NAG J . -24.27 -23.58 -14.28
C5 NAG J . -24.99 -22.87 -15.48
C6 NAG J . -26.23 -22.07 -15.09
C7 NAG J . -19.64 -23.86 -15.82
C8 NAG J . -18.58 -24.63 -16.54
N2 NAG J . -20.92 -24.01 -16.19
O3 NAG J . -22.28 -24.91 -13.74
O4 NAG J . -25.18 -24.57 -13.74
O5 NAG J . -24.06 -21.94 -16.16
O6 NAG J . -25.95 -21.00 -14.20
O7 NAG J . -19.32 -23.09 -14.91
C1 NAG J . -25.64 -24.36 -12.32
C2 NAG J . -26.90 -25.28 -12.08
C3 NAG J . -27.44 -25.02 -10.63
C4 NAG J . -26.30 -25.36 -9.59
C5 NAG J . -25.05 -24.46 -9.91
C6 NAG J . -23.83 -24.78 -9.04
C7 NAG J . -28.31 -25.94 -14.03
C8 NAG J . -29.34 -25.61 -15.07
N2 NAG J . -27.93 -25.01 -13.13
O3 NAG J . -28.61 -25.83 -10.44
O4 NAG J . -26.74 -25.06 -8.22
O5 NAG J . -24.61 -24.67 -11.33
O6 NAG J . -23.27 -26.07 -9.31
O7 NAG J . -27.83 -27.08 -13.99
C1 BMA J . -27.12 -26.25 -7.36
C2 BMA J . -27.18 -25.81 -5.88
C3 BMA J . -27.50 -27.04 -5.02
C4 BMA J . -28.84 -27.60 -5.52
C5 BMA J . -28.71 -27.98 -6.99
C6 BMA J . -30.02 -28.51 -7.52
O2 BMA J . -28.20 -24.84 -5.69
O3 BMA J . -27.59 -26.65 -3.62
O4 BMA J . -29.21 -28.74 -4.77
O5 BMA J . -28.36 -26.82 -7.78
O6 BMA J . -30.41 -29.71 -6.85
C1 MAN J . -26.95 -27.63 -2.64
C2 MAN J . -27.25 -27.16 -1.16
C3 MAN J . -26.43 -25.85 -0.90
C4 MAN J . -24.90 -26.10 -1.13
C5 MAN J . -24.70 -26.58 -2.63
C6 MAN J . -23.26 -26.98 -2.95
O2 MAN J . -26.91 -28.20 -0.24
O3 MAN J . -26.66 -25.42 0.47
O4 MAN J . -24.19 -24.88 -0.90
O5 MAN J . -25.52 -27.81 -2.86
O6 MAN J . -22.39 -25.85 -3.05
C1 NAG K . -15.00 -52.18 1.29
C2 NAG K . -16.55 -52.41 0.98
C3 NAG K . -17.32 -52.36 2.36
C4 NAG K . -16.77 -53.50 3.32
C5 NAG K . -15.23 -53.28 3.50
C6 NAG K . -14.53 -54.36 4.33
C7 NAG K . -17.10 -51.55 -1.28
C8 NAG K . -17.66 -50.50 -2.18
N2 NAG K . -17.07 -51.39 0.05
O3 NAG K . -18.73 -52.51 2.11
O4 NAG K . -17.40 -53.34 4.63
O5 NAG K . -14.53 -53.25 2.19
O6 NAG K . -14.92 -55.70 3.99
O7 NAG K . -16.67 -52.59 -1.82
C1 NAG K . -18.04 -54.56 5.24
C2 NAG K . -18.04 -54.36 6.82
C3 NAG K . -18.72 -55.62 7.47
C4 NAG K . -20.17 -55.80 6.91
C5 NAG K . -20.08 -55.97 5.35
C6 NAG K . -21.46 -56.07 4.68
C7 NAG K . -16.12 -53.13 7.85
C8 NAG K . -14.69 -53.13 8.31
N2 NAG K . -16.64 -54.24 7.30
O3 NAG K . -18.79 -55.43 8.91
O4 NAG K . -20.76 -56.96 7.50
O5 NAG K . -19.40 -54.78 4.76
O6 NAG K . -22.21 -54.87 4.80
O7 NAG K . -16.80 -52.10 8.01
C1 NAG L . 14.61 28.05 -30.81
C2 NAG L . 15.58 28.93 -30.03
C3 NAG L . 16.97 28.84 -30.65
C4 NAG L . 17.42 27.40 -30.72
C5 NAG L . 16.37 26.58 -31.49
C6 NAG L . 16.69 25.10 -31.51
C7 NAG L . 14.49 30.82 -28.94
C8 NAG L . 13.08 31.27 -29.18
N2 NAG L . 15.13 30.31 -29.98
O3 NAG L . 17.86 29.63 -29.87
O4 NAG L . 18.65 27.31 -31.44
O5 NAG L . 15.08 26.72 -30.88
O6 NAG L . 17.74 24.80 -32.42
O7 NAG L . 15.01 30.93 -27.83
C1 NAG L . 19.78 27.33 -30.54
C2 NAG L . 20.31 25.91 -30.35
C3 NAG L . 21.55 25.94 -29.47
C4 NAG L . 22.59 26.88 -30.07
C5 NAG L . 21.98 28.26 -30.28
C6 NAG L . 22.91 29.21 -30.98
C7 NAG L . 19.44 23.71 -29.70
C8 NAG L . 18.29 22.96 -29.11
N2 NAG L . 19.32 25.04 -29.75
O3 NAG L . 22.07 24.63 -29.34
O4 NAG L . 23.70 26.99 -29.18
O5 NAG L . 20.79 28.17 -31.08
O6 NAG L . 23.49 28.62 -32.14
O7 NAG L . 20.45 23.14 -30.11
C1 NAG M . -19.26 -23.26 46.18
C2 NAG M . -20.12 -23.70 44.90
C3 NAG M . -21.51 -24.19 45.41
C4 NAG M . -21.34 -25.40 46.40
C5 NAG M . -20.40 -24.95 47.58
C6 NAG M . -20.01 -26.11 48.50
C7 NAG M . -19.44 -22.34 42.91
C8 NAG M . -19.64 -21.17 41.99
N2 NAG M . -20.28 -22.56 43.95
O3 NAG M . -22.32 -24.59 44.29
O4 NAG M . -22.66 -25.68 46.97
O5 NAG M . -19.12 -24.42 47.06
O6 NAG M . -19.42 -25.64 49.71
O7 NAG M . -18.49 -23.11 42.70
C1 NAG M . -23.20 -27.08 46.85
C2 NAG M . -24.16 -27.36 48.09
C3 NAG M . -24.67 -28.85 47.96
C4 NAG M . -25.42 -29.02 46.59
C5 NAG M . -24.44 -28.68 45.41
C6 NAG M . -25.11 -28.73 44.04
C7 NAG M . -23.48 -26.12 50.14
C8 NAG M . -22.69 -26.06 51.42
N2 NAG M . -23.41 -27.23 49.37
O3 NAG M . -25.58 -29.13 49.04
O4 NAG M . -25.87 -30.38 46.47
O5 NAG M . -23.91 -27.30 45.59
O6 NAG M . -26.18 -27.78 43.92
O7 NAG M . -24.19 -25.15 49.83
C1 NAG N . -4.39 -4.75 40.70
C2 NAG N . -4.02 -6.07 39.90
C3 NAG N . -3.11 -6.98 40.77
C4 NAG N . -1.80 -6.20 41.14
C5 NAG N . -2.21 -4.87 41.90
C6 NAG N . -1.04 -3.96 42.26
C7 NAG N . -5.85 -6.70 38.36
C8 NAG N . -7.12 -7.40 38.07
N2 NAG N . -5.29 -6.77 39.57
O3 NAG N . -2.77 -8.16 40.03
O4 NAG N . -0.99 -7.07 42.00
O5 NAG N . -3.14 -4.07 41.05
O6 NAG N . -0.20 -3.64 41.15
O7 NAG N . -5.30 -6.06 37.44
C1 NAG N . 0.48 -7.13 41.67
C2 NAG N . 1.30 -7.59 42.94
C3 NAG N . 2.83 -7.50 42.55
C4 NAG N . 3.12 -8.45 41.31
C5 NAG N . 2.18 -8.01 40.12
C6 NAG N . 2.26 -8.98 38.93
C7 NAG N . 0.73 -7.22 45.34
C8 NAG N . 0.33 -6.30 46.46
N2 NAG N . 0.94 -6.73 44.10
O3 NAG N . 3.65 -7.90 43.66
O4 NAG N . 4.49 -8.27 40.85
O5 NAG N . 0.76 -8.01 40.54
O6 NAG N . 1.80 -10.30 39.25
O7 NAG N . 0.85 -8.43 45.58
C1 BMA N . 5.57 -9.11 41.48
C2 BMA N . 6.45 -9.72 40.36
C3 BMA N . 7.49 -10.66 40.99
C4 BMA N . 8.32 -9.79 41.97
C5 BMA N . 7.38 -9.18 43.02
C6 BMA N . 8.16 -8.31 43.98
O2 BMA N . 7.11 -8.68 39.66
O3 BMA N . 8.10 -11.42 39.88
O4 BMA N . 9.26 -10.58 42.68
O5 BMA N . 6.37 -8.35 42.40
O6 BMA N . 8.81 -9.09 44.97
C1 MAN N . 9.60 -11.41 39.62
C2 MAN N . 10.00 -10.21 38.68
C3 MAN N . 9.39 -10.48 37.26
C4 MAN N . 9.91 -11.85 36.69
C5 MAN N . 9.50 -12.99 37.70
C6 MAN N . 10.05 -14.36 37.32
O2 MAN N . 11.42 -10.06 38.65
O3 MAN N . 9.75 -9.39 36.38
O4 MAN N . 9.33 -12.07 35.40
O5 MAN N . 10.06 -12.69 39.05
O6 MAN N . 9.46 -14.90 36.13
C1 NAG O . 5.13 -38.84 41.53
C2 NAG O . 5.80 -38.50 42.94
C3 NAG O . 7.35 -38.62 42.76
C4 NAG O . 7.73 -40.08 42.32
C5 NAG O . 6.97 -40.39 40.97
C6 NAG O . 7.12 -41.81 40.42
C7 NAG O . 4.36 -36.82 44.09
C8 NAG O . 4.04 -35.39 44.44
N2 NAG O . 5.42 -37.11 43.32
O3 NAG O . 8.01 -38.25 43.99
O4 NAG O . 9.16 -40.16 42.06
O5 NAG O . 5.51 -40.19 41.14
O6 NAG O . 6.97 -42.82 41.42
O7 NAG O . 3.62 -37.72 44.52
C1 NAG O . 9.91 -41.33 42.66
C2 NAG O . 11.16 -41.66 41.74
C3 NAG O . 11.92 -42.88 42.36
C4 NAG O . 12.36 -42.55 43.84
C5 NAG O . 11.08 -42.19 44.68
C6 NAG O . 11.41 -41.76 46.10
C7 NAG O . 10.94 -41.26 39.27
C8 NAG O . 10.40 -41.69 37.94
N2 NAG O . 10.68 -42.01 40.37
O3 NAG O . 13.09 -43.18 41.56
O4 NAG O . 13.01 -43.69 44.40
O5 NAG O . 10.35 -41.06 44.03
O6 NAG O . 12.28 -40.63 46.17
O7 NAG O . 11.60 -40.23 39.34
C1 NAG P . 47.07 -22.49 13.58
C2 NAG P . 46.22 -22.31 14.92
C3 NAG P . 47.23 -22.09 16.10
C4 NAG P . 48.21 -23.32 16.21
C5 NAG P . 48.95 -23.50 14.83
C6 NAG P . 49.89 -24.70 14.80
C7 NAG P . 44.02 -21.17 14.60
C8 NAG P . 43.23 -19.90 14.42
N2 NAG P . 45.35 -21.11 14.76
O3 NAG P . 46.48 -21.93 17.31
O4 NAG P . 49.25 -23.06 17.21
O5 NAG P . 47.96 -23.66 13.73
O6 NAG P . 50.61 -24.79 13.57
O7 NAG P . 43.42 -22.26 14.60
C1 NAG P . 48.91 -23.25 18.67
C2 NAG P . 50.12 -23.97 19.39
C3 NAG P . 49.75 -24.16 20.90
C4 NAG P . 49.43 -22.77 21.55
C5 NAG P . 48.25 -22.09 20.77
C6 NAG P . 47.93 -20.68 21.25
C7 NAG P . 51.50 -25.60 18.10
C8 NAG P . 51.67 -26.96 17.47
N2 NAG P . 50.37 -25.30 18.75
O3 NAG P . 50.85 -24.79 21.59
O4 NAG P . 49.06 -22.96 22.92
O5 NAG P . 48.60 -21.98 19.33
O6 NAG P . 49.04 -19.79 21.18
O7 NAG P . 52.43 -24.79 17.98
C1 NAG Q . 35.94 -11.27 -4.67
C2 NAG Q . 35.05 -12.44 -4.07
C3 NAG Q . 35.37 -13.76 -4.86
C4 NAG Q . 35.09 -13.60 -6.38
C5 NAG Q . 35.95 -12.37 -6.90
C6 NAG Q . 35.65 -11.96 -8.35
C7 NAG Q . 34.51 -12.53 -1.66
C8 NAG Q . 34.97 -12.74 -0.26
N2 NAG Q . 35.40 -12.62 -2.66
O3 NAG Q . 34.56 -14.82 -4.33
O4 NAG Q . 35.51 -14.85 -7.01
O5 NAG Q . 35.64 -11.15 -6.11
O6 NAG Q . 36.39 -12.74 -9.29
O7 NAG Q . 33.31 -12.29 -1.88
C1 NAG Q . 34.65 -15.38 -8.12
C2 NAG Q . 35.49 -16.36 -9.03
C3 NAG Q . 34.57 -16.79 -10.23
C4 NAG Q . 33.28 -17.53 -9.67
C5 NAG Q . 32.53 -16.54 -8.70
C6 NAG Q . 31.36 -17.21 -7.99
C7 NAG Q . 37.91 -16.38 -9.62
C8 NAG Q . 39.16 -15.66 -10.04
N2 NAG Q . 36.75 -15.71 -9.47
O3 NAG Q . 35.28 -17.67 -11.12
O4 NAG Q . 32.34 -17.83 -10.76
O5 NAG Q . 33.46 -16.07 -7.62
O6 NAG Q . 31.74 -18.33 -7.20
O7 NAG Q . 37.96 -17.60 -9.42
C1 BMA Q . 32.50 -19.16 -11.49
C2 BMA Q . 31.09 -19.78 -11.72
C3 BMA Q . 31.27 -21.15 -12.38
C4 BMA Q . 32.02 -20.93 -13.69
C5 BMA Q . 33.38 -20.28 -13.40
C6 BMA Q . 34.12 -20.03 -14.69
O2 BMA Q . 30.31 -18.95 -12.57
O3 BMA Q . 30.00 -21.77 -12.69
O4 BMA Q . 32.20 -22.18 -14.33
O5 BMA Q . 33.20 -19.01 -12.73
O6 BMA Q . 34.59 -21.24 -15.27
C1 MAN Q . 29.39 -22.63 -11.59
C2 MAN Q . 28.33 -23.64 -12.20
C3 MAN Q . 27.10 -22.82 -12.71
C4 MAN Q . 26.49 -21.99 -11.53
C5 MAN Q . 27.60 -21.02 -10.97
C6 MAN Q . 27.16 -20.19 -9.77
O2 MAN Q . 27.97 -24.64 -11.24
O3 MAN Q . 26.11 -23.73 -13.25
O4 MAN Q . 25.36 -21.24 -12.01
O5 MAN Q . 28.78 -21.83 -10.54
O6 MAN Q . 26.32 -19.10 -10.14
C1 NAG R . 31.29 -44.79 3.39
C2 NAG R . 32.32 -45.04 2.21
C3 NAG R . 31.56 -45.79 1.05
C4 NAG R . 30.96 -47.13 1.56
C5 NAG R . 29.98 -46.81 2.75
C6 NAG R . 29.35 -48.03 3.41
C7 NAG R . 34.02 -43.23 2.01
C8 NAG R . 34.46 -41.90 1.47
N2 NAG R . 32.81 -43.73 1.69
O3 NAG R . 32.51 -46.06 0.00
O4 NAG R . 30.15 -47.69 0.49
O5 NAG R . 30.72 -46.08 3.82
O6 NAG R . 30.28 -49.09 3.68
O7 NAG R . 34.78 -43.86 2.76
C1 NAG R . 30.48 -49.09 0.04
C2 NAG R . 29.20 -49.69 -0.66
C3 NAG R . 29.53 -51.16 -1.12
C4 NAG R . 30.77 -51.16 -2.08
C5 NAG R . 31.99 -50.51 -1.33
C6 NAG R . 33.24 -50.38 -2.21
C7 NAG R . 26.96 -48.95 0.16
C8 NAG R . 25.88 -48.99 1.20
N2 NAG R . 28.08 -49.69 0.32
O3 NAG R . 28.38 -51.70 -1.80
O4 NAG R . 31.08 -52.51 -2.46
O5 NAG R . 31.64 -49.14 -0.87
O6 NAG R . 33.02 -49.57 -3.37
O7 NAG R . 26.80 -48.24 -0.85
C1 NAG S . -15.76 -42.01 -36.61
C2 NAG S . -16.07 -42.81 -35.28
C3 NAG S . -15.95 -44.35 -35.56
C4 NAG S . -16.94 -44.76 -36.70
C5 NAG S . -16.61 -43.91 -37.99
C6 NAG S . -17.58 -44.17 -39.14
C7 NAG S . -15.45 -41.57 -33.19
C8 NAG S . -14.41 -41.15 -32.19
N2 NAG S . -15.10 -42.37 -34.23
O3 NAG S . -16.27 -45.08 -34.36
O4 NAG S . -16.78 -46.16 -36.97
O5 NAG S . -16.70 -42.46 -37.67
O6 NAG S . -17.40 -45.44 -39.76
O7 NAG S . -16.62 -41.17 -33.05
C1 NAG T . -23.12 -33.81 -40.94
C2 NAG T . -23.39 -32.52 -41.84
C3 NAG T . -23.03 -32.84 -43.32
C4 NAG T . -21.50 -33.23 -43.39
C5 NAG T . -21.24 -34.47 -42.45
C6 NAG T . -19.74 -34.78 -42.32
C7 NAG T . -25.13 -30.87 -41.18
C8 NAG T . -26.58 -30.50 -40.98
N2 NAG T . -24.81 -32.09 -41.63
O3 NAG T . -23.28 -31.67 -44.14
O4 NAG T . -21.18 -33.56 -44.74
O5 NAG T . -21.68 -34.16 -41.06
O6 NAG T . -19.15 -35.23 -43.53
O7 NAG T . -24.27 -30.01 -40.93
C1 NAG U . -27.99 -39.38 -22.32
C2 NAG U . -28.67 -39.19 -20.90
C3 NAG U . -28.96 -40.60 -20.29
C4 NAG U . -29.88 -41.43 -21.26
C5 NAG U . -29.16 -41.55 -22.65
C6 NAG U . -29.99 -42.29 -23.71
C7 NAG U . -27.79 -37.13 -19.78
C8 NAG U . -26.77 -36.46 -18.89
N2 NAG U . -27.72 -38.46 -20.02
O3 NAG U . -29.63 -40.45 -19.04
O4 NAG U . -30.11 -42.73 -20.70
O5 NAG U . -28.87 -40.19 -23.19
O6 NAG U . -30.08 -43.69 -23.46
O7 NAG U . -28.68 -36.44 -20.30
C1 NAG V . -27.80 -20.46 -22.64
C2 NAG V . -28.22 -20.43 -21.09
C3 NAG V . -29.74 -20.13 -20.99
C4 NAG V . -30.06 -18.75 -21.67
C5 NAG V . -29.59 -18.80 -23.17
C6 NAG V . -29.74 -17.44 -23.89
C7 NAG V . -26.87 -21.99 -19.67
C8 NAG V . -26.61 -23.36 -19.12
N2 NAG V . -27.92 -21.77 -20.49
O3 NAG V . -30.13 -20.07 -19.60
O4 NAG V . -31.47 -18.50 -21.59
O5 NAG V . -28.14 -19.14 -23.24
O6 NAG V . -31.09 -17.07 -24.10
O7 NAG V . -26.09 -21.06 -19.37
C1 NAG W . -8.72 -55.60 -10.57
C2 NAG W . -9.75 -56.00 -11.72
C3 NAG W . -8.98 -56.16 -13.06
C4 NAG W . -8.26 -54.81 -13.41
C5 NAG W . -7.30 -54.41 -12.24
C6 NAG W . -6.63 -53.06 -12.46
C7 NAG W . -11.78 -57.36 -11.19
C8 NAG W . -12.41 -58.64 -10.73
N2 NAG W . -10.44 -57.26 -11.29
O3 NAG W . -9.90 -56.51 -14.11
O4 NAG W . -7.53 -54.95 -14.63
O5 NAG W . -8.05 -54.33 -10.95
O6 NAG W . -7.55 -51.97 -12.54
O7 NAG W . -12.52 -56.40 -11.48
C1 NAG X . -27.52 -53.52 -7.03
C2 NAG X . -27.41 -54.70 -8.10
C3 NAG X . -28.82 -55.36 -8.25
C4 NAG X . -29.27 -55.91 -6.84
C5 NAG X . -29.31 -54.73 -5.80
C6 NAG X . -29.64 -55.21 -4.38
C7 NAG X . -25.77 -54.52 -9.97
C8 NAG X . -25.28 -53.85 -11.23
N2 NAG X . -26.90 -54.10 -9.37
O3 NAG X . -28.75 -56.45 -9.19
O4 NAG X . -30.57 -56.49 -6.95
O5 NAG X . -27.97 -54.07 -5.73
O6 NAG X . -29.82 -54.12 -3.48
O7 NAG X . -25.10 -55.45 -9.52
C1 NAG Y . -1.90 -51.81 10.19
C2 NAG Y . -1.42 -52.35 8.76
C3 NAG Y . -1.24 -53.91 8.84
C4 NAG Y . -0.23 -54.28 9.96
C5 NAG Y . -0.77 -53.73 11.32
C6 NAG Y . 0.17 -53.99 12.50
C7 NAG Y . -2.55 -51.06 6.93
C8 NAG Y . -3.70 -50.93 5.97
N2 NAG Y . -2.51 -52.10 7.76
O3 NAG Y . -0.74 -54.39 7.58
O4 NAG Y . -0.10 -55.71 10.03
O5 NAG Y . -0.94 -52.26 11.22
O6 NAG Y . -0.46 -53.70 13.75
O7 NAG Y . -1.64 -50.21 6.92
C1 NAG Z . 7.12 -39.92 -9.67
C2 NAG Z . 8.56 -40.05 -9.19
C3 NAG Z . 9.49 -40.07 -10.39
C4 NAG Z . 9.08 -41.19 -11.34
C5 NAG Z . 7.62 -41.01 -11.74
C6 NAG Z . 7.10 -42.14 -12.60
C7 NAG Z . 9.98 -39.12 -7.43
C8 NAG Z . 10.74 -37.86 -7.12
N2 NAG Z . 8.95 -38.99 -8.26
O3 NAG Z . 10.83 -40.26 -9.95
O4 NAG Z . 9.89 -41.13 -12.52
O5 NAG Z . 6.78 -40.96 -10.56
O6 NAG Z . 5.75 -41.92 -12.98
O7 NAG Z . 10.29 -40.20 -6.93
C1 NAG AA . -6.89 -7.74 -38.91
C2 NAG AA . -5.40 -8.10 -38.92
C3 NAG AA . -4.60 -6.89 -39.40
C4 NAG AA . -5.10 -6.44 -40.76
C5 NAG AA . -6.60 -6.15 -40.68
C6 NAG AA . -7.20 -5.78 -42.01
C7 NAG AA . -4.59 -9.83 -37.40
C8 NAG AA . -5.35 -10.53 -36.32
N2 NAG AA . -4.94 -8.55 -37.62
O3 NAG AA . -3.22 -7.25 -39.45
O4 NAG AA . -4.41 -5.24 -41.14
O5 NAG AA . -7.32 -7.30 -40.19
O6 NAG AA . -8.58 -5.44 -41.89
O7 NAG AA . -3.70 -10.37 -38.04
C1 NAG BA . -15.92 14.84 -35.78
C2 NAG BA . -16.54 13.96 -36.86
C3 NAG BA . -17.93 14.47 -37.23
C4 NAG BA . -18.80 14.64 -35.99
C5 NAG BA . -18.09 15.49 -34.95
C6 NAG BA . -18.84 15.56 -33.64
C7 NAG BA . -15.20 12.92 -38.66
C8 NAG BA . -14.13 12.16 -37.93
N2 NAG BA . -15.69 13.99 -38.04
O3 NAG BA . -18.52 13.55 -38.14
O4 NAG BA . -20.03 15.26 -36.35
O5 NAG BA . -16.78 14.98 -34.66
O6 NAG BA . -18.05 16.19 -32.64
O7 NAG BA . -15.58 12.58 -39.78
C1 NAG CA . -25.18 -17.78 -37.04
C2 NAG CA . -26.56 -17.01 -37.05
C3 NAG CA . -27.54 -17.73 -38.03
C4 NAG CA . -26.92 -17.74 -39.47
C5 NAG CA . -25.52 -18.47 -39.40
C6 NAG CA . -24.75 -18.44 -40.74
C7 NAG CA . -27.03 -15.93 -34.84
C8 NAG CA . -27.56 -16.00 -33.44
N2 NAG CA . -27.10 -17.01 -35.65
O3 NAG CA . -28.80 -17.03 -38.06
O4 NAG CA . -27.80 -18.43 -40.36
O5 NAG CA . -24.63 -17.79 -38.41
O6 NAG CA . -25.39 -19.19 -41.78
O7 NAG CA . -26.53 -14.86 -35.23
C1 NAG DA . -15.68 -18.75 -51.70
C2 NAG DA . -15.54 -17.76 -52.94
C3 NAG DA . -16.89 -16.96 -53.08
C4 NAG DA . -18.07 -17.98 -53.29
C5 NAG DA . -18.13 -18.97 -52.07
C6 NAG DA . -19.19 -20.06 -52.24
C7 NAG DA . -13.24 -16.90 -53.37
C8 NAG DA . -12.12 -15.98 -53.02
N2 NAG DA . -14.39 -16.86 -52.67
O3 NAG DA . -16.80 -16.07 -54.20
O4 NAG DA . -19.30 -17.25 -53.39
O5 NAG DA . -16.81 -19.67 -51.92
O6 NAG DA . -19.30 -20.88 -51.08
O7 NAG DA . -13.08 -17.70 -54.31
C1 NAG EA . -21.07 0.53 -34.08
C2 NAG EA . -21.24 1.34 -35.45
C3 NAG EA . -22.70 1.91 -35.49
C4 NAG EA . -23.74 0.74 -35.39
C5 NAG EA . -23.48 -0.06 -34.07
C6 NAG EA . -24.40 -1.28 -33.92
C7 NAG EA . -19.04 2.30 -36.15
C8 NAG EA . -18.06 3.44 -36.14
N2 NAG EA . -20.23 2.43 -35.51
O3 NAG EA . -22.90 2.62 -36.74
O4 NAG EA . -25.06 1.29 -35.37
O5 NAG EA . -22.08 -0.56 -34.03
O6 NAG EA . -24.20 -2.24 -34.95
O7 NAG EA . -18.74 1.26 -36.75
C1 NAG FA . 3.64 -15.41 -38.66
C2 NAG FA . 4.95 -14.54 -38.39
C3 NAG FA . 5.95 -14.74 -39.58
C4 NAG FA . 6.29 -16.25 -39.74
C5 NAG FA . 4.97 -17.06 -39.98
C6 NAG FA . 5.18 -18.57 -40.03
C7 NAG FA . 4.38 -12.49 -37.10
C8 NAG FA . 3.97 -11.06 -37.07
N2 NAG FA . 4.55 -13.12 -38.27
O3 NAG FA . 7.15 -13.99 -39.32
O4 NAG FA . 7.17 -16.43 -40.86
O5 NAG FA . 4.04 -16.81 -38.86
O6 NAG FA . 3.99 -19.24 -40.46
O7 NAG FA . 4.54 -13.09 -36.02
C1 NAG GA . -29.60 -41.24 -2.17
C2 NAG GA . -30.84 -40.37 -2.65
C3 NAG GA . -31.47 -39.65 -1.41
C4 NAG GA . -31.90 -40.71 -0.34
C5 NAG GA . -30.65 -41.57 0.07
C6 NAG GA . -30.99 -42.69 1.05
C7 NAG GA . -30.42 -39.58 -4.96
C8 NAG GA . -29.90 -38.54 -5.89
N2 NAG GA . -30.37 -39.38 -3.64
O3 NAG GA . -32.62 -38.88 -1.83
O4 NAG GA . -32.44 -40.03 0.80
O5 NAG GA . -30.05 -42.21 -1.15
O6 NAG GA . -31.27 -42.21 2.36
O7 NAG GA . -30.89 -40.63 -5.45
C1 NAG HA . -31.14 -31.25 -20.91
C2 NAG HA . -31.48 -31.45 -22.46
C3 NAG HA . -32.77 -30.63 -22.80
C4 NAG HA . -33.96 -31.11 -21.89
C5 NAG HA . -33.55 -30.91 -20.38
C6 NAG HA . -34.61 -31.44 -19.41
C7 NAG HA . -29.46 -31.71 -23.90
C8 NAG HA . -28.32 -31.08 -24.64
N2 NAG HA . -30.33 -30.93 -23.24
O3 NAG HA . -33.11 -30.84 -24.18
O4 NAG HA . -35.12 -30.33 -22.18
O5 NAG HA . -32.29 -31.67 -20.11
O6 NAG HA . -34.28 -31.14 -18.05
O7 NAG HA . -29.58 -32.95 -23.91
C1 NAG IA . 11.42 13.43 -32.54
C2 NAG IA . 12.31 12.17 -32.09
C3 NAG IA . 12.16 11.05 -33.18
C4 NAG IA . 10.64 10.66 -33.31
C5 NAG IA . 9.81 11.94 -33.70
C6 NAG IA . 8.30 11.70 -33.77
C7 NAG IA . 14.57 12.18 -31.03
C8 NAG IA . 15.98 12.70 -30.98
N2 NAG IA . 13.72 12.63 -31.98
O3 NAG IA . 12.91 9.89 -32.80
O4 NAG IA . 10.49 9.66 -34.32
O5 NAG IA . 10.02 13.00 -32.67
O6 NAG IA . 7.91 11.10 -35.01
O7 NAG IA . 14.20 11.35 -30.18
C1 NAG JA . 2.54 28.81 -43.90
C2 NAG JA . 1.92 28.13 -45.13
C3 NAG JA . 2.88 28.24 -46.30
C4 NAG JA . 3.21 29.70 -46.55
C5 NAG JA . 3.78 30.33 -45.28
C6 NAG JA . 4.05 31.80 -45.42
C7 NAG JA . 0.34 26.30 -44.77
C8 NAG JA . 0.17 24.82 -44.59
N2 NAG JA . 1.58 26.74 -44.86
O3 NAG JA . 2.30 27.64 -47.45
O4 NAG JA . 4.18 29.81 -47.59
O5 NAG JA . 2.84 30.16 -44.20
O6 NAG JA . 4.99 32.06 -46.45
O7 NAG JA . -0.63 27.05 -44.84
C1 NAG KA . -30.33 5.60 32.42
C2 NAG KA . -31.42 6.44 31.62
C3 NAG KA . -32.81 5.74 31.76
C4 NAG KA . -32.71 4.29 31.18
C5 NAG KA . -31.59 3.49 31.96
C6 NAG KA . -31.27 2.11 31.35
C7 NAG KA . -31.49 8.92 31.43
C8 NAG KA . -31.49 10.27 32.10
N2 NAG KA . -31.45 7.82 32.19
O3 NAG KA . -33.80 6.48 31.01
O4 NAG KA . -33.98 3.66 31.36
O5 NAG KA . -30.30 4.22 31.88
O6 NAG KA . -32.41 1.33 31.03
O7 NAG KA . -31.54 8.88 30.19
C1 NAG LA . -19.61 20.03 35.76
C2 NAG LA . -20.56 19.60 36.88
C3 NAG LA . -20.49 20.62 38.01
C4 NAG LA . -19.05 20.78 38.48
C5 NAG LA . -18.17 21.17 37.30
C6 NAG LA . -16.70 21.23 37.66
C7 NAG LA . -22.46 20.15 35.44
C8 NAG LA . -23.01 21.48 35.81
N2 NAG LA . -21.92 19.43 36.42
O3 NAG LA . -21.32 20.20 39.08
O4 NAG LA . -18.99 21.81 39.47
O5 NAG LA . -18.29 20.19 36.25
O6 NAG LA . -16.23 19.99 38.18
O7 NAG LA . -22.48 19.74 34.27
C1 NAG MA . -36.43 -3.04 26.99
C2 NAG MA . -37.15 -1.62 27.20
C3 NAG MA . -38.69 -1.84 27.12
C4 NAG MA . -39.07 -2.46 25.74
C5 NAG MA . -38.31 -3.83 25.56
C6 NAG MA . -38.55 -4.48 24.19
C7 NAG MA . -35.86 -0.18 28.77
C8 NAG MA . -35.57 0.24 30.18
N2 NAG MA . -36.79 -1.10 28.55
O3 NAG MA . -39.37 -0.58 27.29
O4 NAG MA . -40.48 -2.69 25.69
O5 NAG MA . -36.85 -3.59 25.69
O6 NAG MA . -38.02 -5.80 24.15
O7 NAG MA . -35.21 0.32 27.84
C1 NAG NA . -26.02 -18.79 53.61
C2 NAG NA . -24.84 -19.86 53.65
C3 NAG NA . -25.38 -21.17 54.31
C4 NAG NA . -25.90 -20.84 55.76
C5 NAG NA . -27.03 -19.75 55.67
C6 NAG NA . -27.55 -19.30 57.04
C7 NAG NA . -23.26 -19.59 51.72
C8 NAG NA . -22.89 -19.88 50.29
N2 NAG NA . -24.40 -20.11 52.25
O3 NAG NA . -24.31 -22.13 54.38
O4 NAG NA . -26.42 -22.04 56.34
O5 NAG NA . -26.49 -18.54 54.98
O6 NAG NA . -28.36 -20.28 57.66
O7 NAG NA . -22.52 -18.88 52.40
C1 NAG OA . -25.08 -7.80 57.29
C2 NAG OA . -25.73 -6.34 57.26
C3 NAG OA . -27.11 -6.39 58.01
C4 NAG OA . -28.04 -7.41 57.27
C5 NAG OA . -27.34 -8.83 57.24
C6 NAG OA . -28.15 -9.84 56.42
C7 NAG OA . -24.26 -4.32 57.23
C8 NAG OA . -23.27 -3.42 57.90
N2 NAG OA . -24.76 -5.39 57.88
O3 NAG OA . -27.71 -5.09 58.00
O4 NAG OA . -29.29 -7.50 57.96
O5 NAG OA . -25.99 -8.74 56.61
O6 NAG OA . -27.63 -11.17 56.54
O7 NAG OA . -24.62 -4.05 56.08
C1 NAG PA . -7.42 -15.87 55.08
C2 NAG PA . -5.85 -15.95 54.81
C3 NAG PA . -5.29 -17.26 55.48
C4 NAG PA . -5.61 -17.24 57.02
C5 NAG PA . -7.16 -17.13 57.22
C6 NAG PA . -7.58 -17.04 58.69
C7 NAG PA . -5.27 -14.89 52.63
C8 NAG PA . -5.04 -14.96 51.15
N2 NAG PA . -5.61 -15.99 53.34
O3 NAG PA . -3.87 -17.32 55.29
O4 NAG PA . -5.11 -18.45 57.61
O5 NAG PA . -7.66 -15.89 56.54
O6 NAG PA . -7.46 -18.28 59.37
O7 NAG PA . -5.13 -13.79 53.19
C1 NAG QA . -4.35 -7.98 52.81
C2 NAG QA . -5.46 -7.78 53.95
C3 NAG QA . -5.13 -6.45 54.73
C4 NAG QA . -3.68 -6.53 55.34
C5 NAG QA . -2.67 -6.75 54.16
C6 NAG QA . -1.21 -6.89 54.62
C7 NAG QA . -7.77 -8.53 53.31
C8 NAG QA . -9.04 -8.29 52.57
N2 NAG QA . -6.77 -7.62 53.27
O3 NAG QA . -6.09 -6.30 55.80
O4 NAG QA . -3.40 -5.30 56.02
O5 NAG QA . -3.02 -7.99 53.43
O6 NAG QA . -0.29 -6.79 53.53
O7 NAG QA . -7.64 -9.58 53.97
C1 NAG RA . -6.91 0.55 45.88
C2 NAG RA . -5.41 0.43 45.32
C3 NAG RA . -4.46 1.24 46.27
C4 NAG RA . -4.91 2.74 46.33
C5 NAG RA . -6.40 2.80 46.85
C6 NAG RA . -6.98 4.21 46.87
C7 NAG RA . -4.95 -1.77 44.22
C8 NAG RA . -4.58 -3.22 44.34
N2 NAG RA . -5.02 -1.01 45.34
O3 NAG RA . -3.11 1.18 45.76
O4 NAG RA . -4.05 3.45 47.22
O5 NAG RA . -7.27 1.98 45.95
O6 NAG RA . -6.43 5.02 47.91
O7 NAG RA . -5.18 -1.28 43.10
C1 NAG SA . 10.50 -23.68 48.45
C2 NAG SA . 10.81 -22.26 49.13
C3 NAG SA . 12.27 -21.83 48.77
C4 NAG SA . 13.28 -22.93 49.27
C5 NAG SA . 12.91 -24.30 48.61
C6 NAG SA . 13.78 -25.47 49.09
C7 NAG SA . 8.75 -20.87 49.27
C8 NAG SA . 7.86 -19.85 48.68
N2 NAG SA . 9.86 -21.24 48.62
O3 NAG SA . 12.57 -20.58 49.42
O4 NAG SA . 14.61 -22.54 48.91
O5 NAG SA . 11.49 -24.65 48.94
O6 NAG SA . 15.10 -25.44 48.55
O7 NAG SA . 8.45 -21.37 50.37
C1 NAG TA . 6.63 -47.05 27.20
C2 NAG TA . 5.32 -47.45 28.04
C3 NAG TA . 5.51 -48.90 28.60
C4 NAG TA . 5.76 -49.91 27.44
C5 NAG TA . 7.03 -49.46 26.63
C6 NAG TA . 7.31 -50.31 25.40
C7 NAG TA . 4.34 -45.48 29.20
C8 NAG TA . 4.29 -44.61 30.42
N2 NAG TA . 5.18 -46.52 29.18
O3 NAG TA . 4.33 -49.28 29.33
O4 NAG TA . 5.95 -51.22 27.99
O5 NAG TA . 6.83 -48.06 26.14
O6 NAG TA . 7.77 -51.62 25.74
O7 NAG TA . 3.61 -45.23 28.23
C1 NAG UA . -13.68 -34.81 23.41
C2 NAG UA . -15.00 -34.27 22.72
C3 NAG UA . -15.99 -33.76 23.84
C4 NAG UA . -16.32 -34.95 24.82
C5 NAG UA . -14.99 -35.50 25.44
C6 NAG UA . -15.19 -36.70 26.36
C7 NAG UA . -14.64 -33.34 20.45
C8 NAG UA . -14.24 -32.21 19.54
N2 NAG UA . -14.64 -33.18 21.79
O3 NAG UA . -17.21 -33.29 23.23
O4 NAG UA . -17.17 -34.46 25.86
O5 NAG UA . -14.06 -35.92 24.33
O6 NAG UA . -15.72 -37.85 25.67
O7 NAG UA . -14.97 -34.42 19.93
C1 NAG VA . -7.60 -42.04 43.19
C2 NAG VA . -8.31 -41.81 44.60
C3 NAG VA . -9.78 -42.34 44.51
C4 NAG VA . -10.54 -41.58 43.37
C5 NAG VA . -9.78 -41.81 42.02
C6 NAG VA . -10.42 -41.09 40.83
C7 NAG VA . -6.79 -41.97 46.58
C8 NAG VA . -6.00 -42.81 47.53
N2 NAG VA . -7.51 -42.57 45.60
O3 NAG VA . -10.44 -42.09 45.78
O4 NAG VA . -11.88 -42.09 43.27
O5 NAG VA . -8.36 -41.34 42.14
O6 NAG VA . -10.52 -39.67 40.98
O7 NAG VA . -6.75 -40.74 46.70
C1 NAG WA . -37.77 5.83 49.11
C2 NAG WA . -38.34 7.13 48.37
C3 NAG WA . -37.47 8.36 48.79
C4 NAG WA . -37.49 8.54 50.35
C5 NAG WA . -36.95 7.22 51.01
C6 NAG WA . -36.98 7.25 52.55
C7 NAG WA . -39.27 6.61 46.10
C8 NAG WA . -39.05 6.41 44.63
N2 NAG WA . -38.23 6.93 46.89
O3 NAG WA . -38.00 9.55 48.18
O4 NAG WA . -36.66 9.64 50.72
O5 NAG WA . -37.78 6.07 50.57
O6 NAG WA . -36.27 6.15 53.11
O7 NAG WA . -40.41 6.45 46.57
C1 NAG XA . -21.09 6.53 49.09
C2 NAG XA . -22.55 6.27 49.68
C3 NAG XA . -22.92 7.48 50.61
C4 NAG XA . -21.85 7.59 51.76
C5 NAG XA . -20.42 7.77 51.13
C6 NAG XA . -19.31 7.76 52.18
C7 NAG XA . -24.48 5.17 48.50
C8 NAG XA . -25.38 5.00 47.31
N2 NAG XA . -23.49 6.10 48.52
O3 NAG XA . -24.23 7.26 51.18
O4 NAG XA . -22.16 8.71 52.59
O5 NAG XA . -20.12 6.64 50.20
O6 NAG XA . -18.04 8.11 51.61
O7 NAG XA . -24.66 4.43 49.49
C1 NAG YA . -20.33 29.97 26.79
C2 NAG YA . -21.46 30.93 27.13
C3 NAG YA . -20.87 32.19 27.77
C4 NAG YA . -20.04 31.80 28.99
C5 NAG YA . -18.96 30.80 28.57
C6 NAG YA . -18.15 30.29 29.73
C7 NAG YA . -21.74 31.90 24.90
C8 NAG YA . -22.69 32.14 23.77
N2 NAG YA . -22.25 31.28 25.96
O3 NAG YA . -21.92 33.08 28.13
O4 NAG YA . -19.42 32.97 29.53
O5 NAG YA . -19.57 29.66 27.95
O6 NAG YA . -17.51 31.37 30.42
O7 NAG YA . -20.56 32.24 24.85
C1 NAG ZA . -34.63 27.56 -4.10
C2 NAG ZA . -35.66 26.43 -3.66
C3 NAG ZA . -36.25 25.76 -4.96
C4 NAG ZA . -36.96 26.86 -5.82
C5 NAG ZA . -35.93 28.00 -6.18
C6 NAG ZA . -36.56 29.17 -6.94
C7 NAG ZA . -35.44 24.87 -1.71
C8 NAG ZA . -34.61 23.92 -0.87
N2 NAG ZA . -34.91 25.46 -2.80
O3 NAG ZA . -37.21 24.75 -4.60
O4 NAG ZA . -37.46 26.27 -7.02
O5 NAG ZA . -35.35 28.56 -4.92
O6 NAG ZA . -35.57 30.03 -7.50
O7 NAG ZA . -36.62 25.08 -1.37
C1 NAG AB . -34.16 17.82 6.31
C2 NAG AB . -33.83 16.33 6.39
C3 NAG AB . -34.59 15.70 7.56
C4 NAG AB . -34.30 16.45 8.84
C5 NAG AB . -34.61 17.94 8.66
C6 NAG AB . -34.27 18.77 9.86
C7 NAG AB . -33.52 14.83 4.48
C8 NAG AB . -32.06 15.18 4.35
N2 NAG AB . -34.27 15.68 5.16
O3 NAG AB . -34.23 14.34 7.68
O4 NAG AB . -35.06 15.92 9.91
O5 NAG AB . -33.89 18.47 7.53
O6 NAG AB . -35.36 18.78 10.78
O7 NAG AB . -33.99 13.82 3.96
C1 NAG BB . 33.47 30.58 -3.91
C2 NAG BB . 32.24 31.02 -4.81
C3 NAG BB . 32.78 31.62 -6.15
C4 NAG BB . 33.68 32.85 -5.82
C5 NAG BB . 34.86 32.40 -4.88
C6 NAG BB . 35.74 33.58 -4.43
C7 NAG BB . 30.06 29.79 -4.87
C8 NAG BB . 29.29 28.52 -5.06
N2 NAG BB . 31.40 29.80 -5.01
O3 NAG BB . 31.67 32.02 -6.98
O4 NAG BB . 34.21 33.39 -7.04
O5 NAG BB . 34.30 31.77 -3.64
O6 NAG BB . 36.88 33.14 -3.69
O7 NAG BB . 29.45 30.84 -4.60
C1 NAG CB . 40.73 11.81 14.05
C2 NAG CB . 40.09 13.02 14.87
C3 NAG CB . 40.79 13.14 16.26
C4 NAG CB . 40.61 11.78 17.03
C5 NAG CB . 41.23 10.61 16.18
C6 NAG CB . 41.10 9.23 16.84
C7 NAG CB . 39.30 15.17 13.89
C8 NAG CB . 39.56 16.38 13.04
N2 NAG CB . 40.26 14.25 14.06
O3 NAG CB . 40.20 14.21 17.03
O4 NAG CB . 41.28 11.86 18.30
O5 NAG CB . 40.57 10.56 14.83
O6 NAG CB . 39.79 8.92 17.29
O7 NAG CB . 38.18 15.04 14.42
C1 NAG DB . 38.51 18.07 -4.50
C2 NAG DB . 40.00 18.60 -4.24
C3 NAG DB . 40.57 19.13 -5.60
C4 NAG DB . 40.56 17.98 -6.66
C5 NAG DB . 39.09 17.45 -6.84
C6 NAG DB . 38.98 16.26 -7.80
C7 NAG DB . 40.36 19.49 -1.93
C8 NAG DB . 40.23 20.60 -0.94
N2 NAG DB . 39.93 19.67 -3.20
O3 NAG DB . 41.93 19.58 -5.40
O4 NAG DB . 41.03 18.50 -7.91
O5 NAG DB . 38.55 17.00 -5.52
O6 NAG DB . 39.73 15.13 -7.38
O7 NAG DB . 40.86 18.40 -1.57
C1 NAG EB . 38.33 7.24 25.10
C2 NAG EB . 38.46 8.81 24.83
C3 NAG EB . 39.03 9.49 26.12
C4 NAG EB . 38.09 9.19 27.34
C5 NAG EB . 37.99 7.64 27.55
C6 NAG EB . 37.03 7.25 28.68
C7 NAG EB . 39.05 9.31 22.44
C8 NAG EB . 40.11 9.46 21.39
N2 NAG EB . 39.41 9.02 23.71
O3 NAG EB . 39.10 10.91 25.91
O4 NAG EB . 38.65 9.79 28.51
O5 NAG EB . 37.48 7.01 26.29
O6 NAG EB . 37.16 5.88 29.01
O7 NAG EB . 37.86 9.43 22.13
C1 NAG FB . 57.28 -18.00 14.08
C2 NAG FB . 57.48 -18.76 12.69
C3 NAG FB . 57.78 -20.27 12.97
C4 NAG FB . 59.07 -20.40 13.85
C5 NAG FB . 58.84 -19.61 15.20
C6 NAG FB . 60.08 -19.60 16.11
C7 NAG FB . 56.08 -17.80 10.86
C8 NAG FB . 54.77 -17.72 10.14
N2 NAG FB . 56.22 -18.63 11.91
O3 NAG FB . 57.99 -20.96 11.72
O4 NAG FB . 59.34 -21.78 14.12
O5 NAG FB . 58.51 -18.19 14.90
O6 NAG FB . 60.35 -20.87 16.70
O7 NAG FB . 57.03 -17.09 10.47
C1 NAG GB . 60.31 -8.86 6.20
C2 NAG GB . 61.27 -8.24 5.09
C3 NAG GB . 62.68 -7.97 5.71
C4 NAG GB . 62.52 -7.00 6.93
C5 NAG GB . 61.53 -7.62 7.99
C6 NAG GB . 61.25 -6.67 9.16
C7 NAG GB . 61.13 -8.83 2.66
C8 NAG GB . 61.18 -9.85 1.57
N2 NAG GB . 61.33 -9.20 3.94
O3 NAG GB . 63.55 -7.38 4.73
O4 NAG GB . 63.80 -6.77 7.53
O5 NAG GB . 60.22 -7.92 7.34
O6 NAG GB . 60.57 -7.32 10.22
O7 NAG GB . 60.89 -7.64 2.36
C1 NAG HB . 50.04 -23.18 -2.94
C2 NAG HB . 49.07 -23.81 -4.05
C3 NAG HB . 49.33 -25.35 -4.13
C4 NAG HB . 50.84 -25.62 -4.47
C5 NAG HB . 51.74 -24.96 -3.37
C6 NAG HB . 53.23 -25.09 -3.65
C7 NAG HB . 46.92 -22.52 -4.16
C8 NAG HB . 45.51 -22.31 -3.71
N2 NAG HB . 47.65 -23.55 -3.66
O3 NAG HB . 48.50 -25.92 -5.15
O4 NAG HB . 51.06 -27.03 -4.51
O5 NAG HB . 51.44 -23.49 -3.29
O6 NAG HB . 53.70 -26.42 -3.45
O7 NAG HB . 47.40 -21.73 -4.99
C1 NAG IB . 47.09 -17.11 -8.28
C2 NAG IB . 48.48 -16.40 -7.94
C3 NAG IB . 48.94 -15.57 -9.18
C4 NAG IB . 49.10 -16.53 -10.42
C5 NAG IB . 47.74 -17.24 -10.69
C6 NAG IB . 47.80 -18.28 -11.82
C7 NAG IB . 48.69 -15.78 -5.54
C8 NAG IB . 48.39 -14.84 -4.42
N2 NAG IB . 48.26 -15.51 -6.78
O3 NAG IB . 50.21 -14.95 -8.89
O4 NAG IB . 49.49 -15.76 -11.56
O5 NAG IB . 47.30 -17.98 -9.46
O6 NAG IB . 47.90 -17.67 -13.10
O7 NAG IB . 49.33 -16.83 -5.30
C1 NAG JB . 41.91 -6.60 -7.43
C2 NAG JB . 40.52 -6.65 -8.20
C3 NAG JB . 40.77 -6.59 -9.73
C4 NAG JB . 41.57 -5.30 -10.10
C5 NAG JB . 42.92 -5.28 -9.29
C6 NAG JB . 43.73 -4.00 -9.48
C7 NAG JB . 38.72 -7.93 -7.03
C8 NAG JB . 38.09 -9.23 -6.67
N2 NAG JB . 39.81 -7.90 -7.81
O3 NAG JB . 39.50 -6.60 -10.42
O4 NAG JB . 41.82 -5.28 -11.50
O5 NAG JB . 42.63 -5.37 -7.82
O6 NAG JB . 44.31 -3.91 -10.78
O7 NAG JB . 38.20 -6.88 -6.61
C1 NAG KB . 35.15 -35.29 -10.85
C2 NAG KB . 35.70 -34.41 -12.06
C3 NAG KB . 34.75 -34.61 -13.31
C4 NAG KB . 34.71 -36.13 -13.69
C5 NAG KB . 34.18 -36.94 -12.45
C6 NAG KB . 34.18 -38.46 -12.68
C7 NAG KB . 36.75 -32.29 -11.30
C8 NAG KB . 36.60 -30.84 -10.93
N2 NAG KB . 35.66 -32.97 -11.67
O3 NAG KB . 35.27 -33.85 -14.41
O4 NAG KB . 33.82 -36.29 -14.81
O5 NAG KB . 35.08 -36.70 -11.29
O6 NAG KB . 33.12 -38.88 -13.55
O7 NAG KB . 37.87 -32.81 -11.27
C1 NAG LB . 17.87 -49.32 11.69
C2 NAG LB . 19.23 -49.14 12.49
C3 NAG LB . 19.73 -50.55 12.95
C4 NAG LB . 18.65 -51.26 13.82
C5 NAG LB . 17.34 -51.40 12.97
C6 NAG LB . 16.17 -52.01 13.74
C7 NAG LB . 20.96 -47.46 11.82
C8 NAG LB . 21.99 -47.02 10.82
N2 NAG LB . 20.26 -48.57 11.59
O3 NAG LB . 20.93 -50.39 13.73
O4 NAG LB . 19.14 -52.56 14.21
O5 NAG LB . 16.90 -50.05 12.54
O6 NAG LB . 16.36 -53.40 13.98
O7 NAG LB . 20.78 -46.79 12.84
C1 NAG MB . 24.68 -28.83 22.83
C2 NAG MB . 24.53 -27.88 24.11
C3 NAG MB . 25.87 -27.09 24.31
C4 NAG MB . 27.06 -28.10 24.50
C5 NAG MB . 27.14 -29.03 23.23
C6 NAG MB . 28.21 -30.12 23.36
C7 NAG MB . 22.17 -27.14 24.39
C8 NAG MB . 21.04 -26.20 24.06
N2 NAG MB . 23.39 -26.96 23.84
O3 NAG MB . 25.76 -26.26 25.47
O4 NAG MB . 28.27 -27.36 24.66
O5 NAG MB . 25.84 -29.74 23.03
O6 NAG MB . 29.53 -29.61 23.30
O7 NAG MB . 21.96 -28.09 25.18
C1 NAG NB . 39.17 -42.38 13.90
C2 NAG NB . 39.62 -43.81 13.66
C3 NAG NB . 40.41 -44.31 14.86
C4 NAG NB . 41.56 -43.36 15.16
C5 NAG NB . 41.03 -41.94 15.34
C6 NAG NB . 42.11 -40.92 15.53
C7 NAG NB . 38.68 -45.89 12.78
C8 NAG NB . 38.45 -45.92 11.30
N2 NAG NB . 38.51 -44.71 13.38
O3 NAG NB . 40.88 -45.62 14.61
O4 NAG NB . 42.20 -43.76 16.37
O5 NAG NB . 40.27 -41.54 14.19
O6 NAG NB . 41.82 -40.05 16.62
O7 NAG NB . 39.02 -46.88 13.41
C1 NAG OB . 58.95 8.56 13.37
C2 NAG OB . 58.77 9.90 14.08
C3 NAG OB . 58.22 10.93 13.08
C4 NAG OB . 59.14 11.02 11.87
C5 NAG OB . 59.30 9.64 11.26
C6 NAG OB . 60.29 9.62 10.11
C7 NAG OB . 58.30 9.92 16.48
C8 NAG OB . 57.43 9.27 17.52
N2 NAG OB . 57.88 9.80 15.22
O3 NAG OB . 58.10 12.18 13.73
O4 NAG OB . 58.57 11.91 10.92
O5 NAG OB . 59.79 8.70 12.23
O6 NAG OB . 59.91 8.66 9.12
O7 NAG OB . 59.33 10.51 16.76
C1 NAG PB . 51.14 3.40 -2.25
C2 NAG PB . 52.35 4.19 -1.59
C3 NAG PB . 53.17 4.87 -2.72
C4 NAG PB . 53.69 3.79 -3.73
C5 NAG PB . 52.46 3.01 -4.33
C6 NAG PB . 52.84 1.86 -5.26
C7 NAG PB . 52.10 5.40 0.58
C8 NAG PB . 51.45 6.50 1.37
N2 NAG PB . 51.77 5.24 -0.71
O3 NAG PB . 54.31 5.56 -2.14
O4 NAG PB . 54.43 4.43 -4.79
O5 NAG PB . 51.68 2.42 -3.21
O6 NAG PB . 53.24 2.32 -6.55
O7 NAG PB . 52.95 4.68 1.13
C1 NAG QB . 27.15 46.20 10.22
C2 NAG QB . 28.29 46.91 9.37
C3 NAG QB . 29.45 47.35 10.34
C4 NAG QB . 28.86 48.31 11.43
C5 NAG QB . 27.69 47.58 12.22
C6 NAG QB . 27.01 48.49 13.24
C7 NAG QB . 28.65 46.08 7.03
C8 NAG QB . 29.12 45.00 6.11
N2 NAG QB . 28.77 45.91 8.36
O3 NAG QB . 30.48 48.02 9.60
O4 NAG QB . 29.90 48.68 12.34
O5 NAG QB . 26.64 47.14 11.25
O6 NAG QB . 26.11 47.76 14.06
O7 NAG QB . 28.16 47.11 6.55
C1 NAG RB . 10.83 40.98 19.64
C2 NAG RB . 10.06 42.38 19.76
C3 NAG RB . 9.90 42.72 21.28
C4 NAG RB . 9.10 41.59 22.01
C5 NAG RB . 9.89 40.23 21.83
C6 NAG RB . 9.17 39.04 22.46
C7 NAG RB . 10.66 43.88 17.85
C8 NAG RB . 11.57 44.92 17.25
N2 NAG RB . 10.90 43.43 19.09
O3 NAG RB . 9.17 43.96 21.41
O4 NAG RB . 8.99 41.90 23.40
O5 NAG RB . 10.06 39.95 20.38
O6 NAG RB . 10.04 37.92 22.61
O7 NAG RB . 9.70 43.47 17.18
#